data_1HJU
#
_entry.id   1HJU
#
_cell.length_a   107.990
_cell.length_b   136.589
_cell.length_c   110.879
_cell.angle_alpha   90.00
_cell.angle_beta   118.92
_cell.angle_gamma   90.00
#
_symmetry.space_group_name_H-M   'C 1 2 1'
#
loop_
_entity.id
_entity.type
_entity.pdbx_description
1 polymer BETA-1,4-GALACTANASE
2 non-polymer 2-acetamido-2-deoxy-beta-D-glucopyranose
3 non-polymer 'SULFATE ION'
4 non-polymer 2-AMINO-2-HYDROXYMETHYL-PROPANE-1,3-DIOL
5 non-polymer DI(HYDROXYETHYL)ETHER
6 water water
#
_entity_poly.entity_id   1
_entity_poly.type   'polypeptide(L)'
_entity_poly.pdbx_seq_one_letter_code
;ALTYRGVDWSSVVVEERAGVSYKNTNGNAQPLENILAANGVNTVRQRVWVNPADGNYNLDYNIAIAKRAKAAGLGVYIDF
HYSDTWADPAHQTMPAGWPSDIDNLSWKLYNYTLDAANKLQNAGIQPTIVSIGNEIRAGLLWPTGRTENWANIARLLHSA
AWGIKDSSLSPKPKIMIHLDNGWDWGTQNWWYTNVLKQGTLELSDFDMMGVSFYPFYSSSATLSALKSSLDNMAKTWNKE
IAVVETNWPISCPNPRYSFPSDVKNIPFSPEGQTTFITNVANIVSSVSRGVGLFYWEPAWIHNANLGSSCADNTMFSQSG
QALSSLSVFQRI
;
_entity_poly.pdbx_strand_id   A,B,C,D
#
loop_
_chem_comp.id
_chem_comp.type
_chem_comp.name
_chem_comp.formula
NAG D-saccharide, beta linking 2-acetamido-2-deoxy-beta-D-glucopyranose 'C8 H15 N O6'
PEG non-polymer DI(HYDROXYETHYL)ETHER 'C4 H10 O3'
SO4 non-polymer 'SULFATE ION' 'O4 S -2'
TRS non-polymer 2-AMINO-2-HYDROXYMETHYL-PROPANE-1,3-DIOL 'C4 H12 N O3 1'
#
# COMPACT_ATOMS: atom_id res chain seq x y z
N ALA A 1 -7.66 11.45 7.15
CA ALA A 1 -6.94 11.75 5.87
C ALA A 1 -7.93 11.98 4.73
N LEU A 2 -8.86 11.05 4.53
CA LEU A 2 -9.84 11.17 3.46
C LEU A 2 -10.76 12.36 3.66
N THR A 3 -11.04 13.09 2.59
CA THR A 3 -11.94 14.23 2.66
C THR A 3 -13.37 13.71 2.70
N TYR A 4 -13.65 12.70 1.88
CA TYR A 4 -14.99 12.12 1.83
C TYR A 4 -15.02 10.69 2.36
N ARG A 5 -15.79 10.48 3.40
CA ARG A 5 -15.96 9.17 4.02
C ARG A 5 -17.46 8.92 3.86
N GLY A 6 -17.84 8.16 2.85
CA GLY A 6 -19.26 7.95 2.64
C GLY A 6 -19.79 6.61 2.22
N VAL A 7 -21.08 6.60 1.95
CA VAL A 7 -21.78 5.40 1.50
C VAL A 7 -22.89 5.86 0.56
N ASP A 8 -23.31 4.95 -0.30
CA ASP A 8 -24.41 5.24 -1.21
C ASP A 8 -25.60 4.65 -0.45
N TRP A 9 -26.52 5.51 -0.02
CA TRP A 9 -27.68 5.06 0.75
C TRP A 9 -28.98 5.24 -0.03
N SER A 10 -28.86 5.30 -1.35
CA SER A 10 -30.01 5.51 -2.24
C SER A 10 -31.30 4.76 -1.88
N SER A 11 -31.17 3.48 -1.56
CA SER A 11 -32.32 2.63 -1.23
C SER A 11 -33.02 2.92 0.09
N VAL A 12 -32.51 3.87 0.87
CA VAL A 12 -33.10 4.16 2.19
C VAL A 12 -34.63 4.26 2.26
N VAL A 13 -35.24 5.10 1.43
CA VAL A 13 -36.70 5.24 1.49
C VAL A 13 -37.39 3.98 0.97
N VAL A 14 -36.80 3.31 -0.01
CA VAL A 14 -37.39 2.10 -0.53
C VAL A 14 -37.46 1.06 0.59
N GLU A 15 -36.39 0.96 1.37
CA GLU A 15 -36.35 0.00 2.47
C GLU A 15 -37.26 0.37 3.64
N GLU A 16 -37.31 1.65 3.98
CA GLU A 16 -38.17 2.08 5.07
C GLU A 16 -39.63 1.78 4.69
N ARG A 17 -39.95 2.00 3.41
CA ARG A 17 -41.30 1.74 2.91
C ARG A 17 -41.59 0.26 2.85
N ALA A 18 -40.53 -0.53 2.89
CA ALA A 18 -40.69 -1.97 2.86
C ALA A 18 -40.75 -2.50 4.29
N GLY A 19 -40.76 -1.59 5.26
CA GLY A 19 -40.86 -2.01 6.64
C GLY A 19 -39.56 -2.14 7.42
N VAL A 20 -38.45 -1.70 6.85
CA VAL A 20 -37.19 -1.79 7.57
C VAL A 20 -37.08 -0.70 8.64
N SER A 21 -36.70 -1.11 9.85
CA SER A 21 -36.53 -0.17 10.94
CA SER A 21 -36.52 -0.18 10.95
C SER A 21 -35.06 -0.24 11.33
N TYR A 22 -34.31 0.79 10.96
CA TYR A 22 -32.88 0.83 11.26
C TYR A 22 -32.56 1.09 12.71
N LYS A 23 -31.53 0.41 13.20
CA LYS A 23 -31.11 0.54 14.58
C LYS A 23 -29.59 0.71 14.66
N ASN A 24 -29.14 1.43 15.70
CA ASN A 24 -27.72 1.65 15.92
C ASN A 24 -27.07 0.38 16.45
N THR A 25 -25.76 0.43 16.65
CA THR A 25 -25.01 -0.72 17.15
C THR A 25 -25.46 -1.07 18.57
N ASN A 26 -26.12 -0.13 19.24
CA ASN A 26 -26.61 -0.37 20.60
C ASN A 26 -27.92 -1.12 20.53
N GLY A 27 -28.47 -1.20 19.33
CA GLY A 27 -29.73 -1.89 19.18
C GLY A 27 -30.95 -1.00 19.30
N ASN A 28 -30.75 0.31 19.36
CA ASN A 28 -31.90 1.19 19.46
C ASN A 28 -32.25 1.82 18.14
N ALA A 29 -33.56 1.95 17.91
CA ALA A 29 -34.07 2.52 16.68
C ALA A 29 -33.57 3.95 16.52
N GLN A 30 -33.14 4.29 15.30
CA GLN A 30 -32.64 5.62 15.03
C GLN A 30 -32.63 5.84 13.51
N PRO A 31 -32.90 7.07 13.06
CA PRO A 31 -32.90 7.33 11.61
C PRO A 31 -31.57 6.92 11.00
N LEU A 32 -31.62 6.27 9.83
CA LEU A 32 -30.41 5.82 9.17
C LEU A 32 -29.36 6.92 9.00
N GLU A 33 -29.77 8.10 8.56
CA GLU A 33 -28.81 9.18 8.37
C GLU A 33 -28.07 9.51 9.67
N ASN A 34 -28.75 9.41 10.81
CA ASN A 34 -28.13 9.70 12.09
C ASN A 34 -27.17 8.57 12.49
N ILE A 35 -27.53 7.33 12.16
CA ILE A 35 -26.68 6.20 12.46
C ILE A 35 -25.38 6.35 11.67
N LEU A 36 -25.51 6.66 10.38
CA LEU A 36 -24.35 6.83 9.51
C LEU A 36 -23.44 7.94 10.06
N ALA A 37 -24.02 9.09 10.36
CA ALA A 37 -23.25 10.21 10.88
C ALA A 37 -22.53 9.83 12.17
N ALA A 38 -23.25 9.16 13.07
CA ALA A 38 -22.67 8.75 14.35
C ALA A 38 -21.48 7.83 14.14
N ASN A 39 -21.44 7.14 13.00
CA ASN A 39 -20.34 6.22 12.72
C ASN A 39 -19.21 6.77 11.86
N GLY A 40 -19.15 8.10 11.70
CA GLY A 40 -18.07 8.69 10.92
C GLY A 40 -18.36 9.10 9.50
N VAL A 41 -19.47 8.65 8.94
CA VAL A 41 -19.82 9.00 7.57
C VAL A 41 -20.07 10.50 7.47
N ASN A 42 -19.51 11.16 6.46
CA ASN A 42 -19.74 12.60 6.30
C ASN A 42 -20.36 12.94 4.95
N THR A 43 -20.55 11.94 4.10
CA THR A 43 -21.14 12.17 2.78
C THR A 43 -21.95 10.97 2.30
N VAL A 44 -23.08 11.25 1.65
CA VAL A 44 -23.90 10.17 1.12
C VAL A 44 -24.05 10.35 -0.38
N ARG A 45 -23.92 9.24 -1.09
CA ARG A 45 -24.04 9.20 -2.54
C ARG A 45 -25.47 8.75 -2.85
N GLN A 46 -26.07 9.34 -3.89
CA GLN A 46 -27.43 9.02 -4.27
C GLN A 46 -27.56 8.93 -5.79
N ARG A 47 -28.17 7.86 -6.29
CA ARG A 47 -28.35 7.71 -7.72
C ARG A 47 -29.60 8.46 -8.16
N VAL A 48 -29.49 9.16 -9.29
CA VAL A 48 -30.62 9.91 -9.82
C VAL A 48 -30.99 9.40 -11.19
N TRP A 49 -32.26 9.02 -11.35
CA TRP A 49 -32.78 8.53 -12.62
C TRP A 49 -33.72 9.60 -13.17
N VAL A 50 -33.80 9.70 -14.50
CA VAL A 50 -34.62 10.70 -15.17
C VAL A 50 -36.13 10.61 -14.93
N ASN A 51 -36.79 9.56 -15.41
CA ASN A 51 -38.24 9.40 -15.20
C ASN A 51 -38.66 7.96 -14.91
N PRO A 52 -38.10 7.34 -13.85
CA PRO A 52 -38.49 5.96 -13.53
C PRO A 52 -40.00 5.87 -13.32
N ALA A 53 -40.62 4.85 -13.89
CA ALA A 53 -42.07 4.68 -13.76
C ALA A 53 -42.58 4.71 -12.32
N ASP A 54 -41.96 3.92 -11.44
CA ASP A 54 -42.42 3.90 -10.05
C ASP A 54 -41.90 5.07 -9.21
N GLY A 55 -41.17 5.98 -9.84
CA GLY A 55 -40.65 7.13 -9.11
C GLY A 55 -39.43 6.96 -8.23
N ASN A 56 -39.04 5.73 -7.95
CA ASN A 56 -37.87 5.52 -7.09
C ASN A 56 -36.61 6.08 -7.73
N TYR A 57 -35.87 6.85 -6.95
CA TYR A 57 -34.62 7.47 -7.39
C TYR A 57 -34.80 8.63 -8.37
N ASN A 58 -36.03 9.10 -8.56
CA ASN A 58 -36.20 10.25 -9.44
C ASN A 58 -35.76 11.48 -8.64
N LEU A 59 -35.81 12.66 -9.25
CA LEU A 59 -35.33 13.86 -8.56
C LEU A 59 -36.04 14.19 -7.24
N ASP A 60 -37.37 14.07 -7.21
CA ASP A 60 -38.11 14.35 -5.99
C ASP A 60 -37.70 13.38 -4.89
N TYR A 61 -37.53 12.12 -5.25
CA TYR A 61 -37.11 11.10 -4.28
C TYR A 61 -35.76 11.52 -3.67
N ASN A 62 -34.86 11.98 -4.53
CA ASN A 62 -33.52 12.40 -4.09
C ASN A 62 -33.51 13.70 -3.28
N ILE A 63 -34.38 14.63 -3.61
CA ILE A 63 -34.44 15.88 -2.87
C ILE A 63 -34.91 15.56 -1.45
N ALA A 64 -35.92 14.70 -1.32
CA ALA A 64 -36.43 14.34 -0.01
C ALA A 64 -35.35 13.72 0.89
N ILE A 65 -34.58 12.76 0.38
CA ILE A 65 -33.57 12.14 1.23
C ILE A 65 -32.35 13.05 1.38
N ALA A 66 -32.11 13.91 0.39
CA ALA A 66 -30.99 14.84 0.48
C ALA A 66 -31.24 15.82 1.63
N LYS A 67 -32.50 16.22 1.79
CA LYS A 67 -32.86 17.13 2.88
C LYS A 67 -32.57 16.47 4.23
N ARG A 68 -32.90 15.17 4.33
CA ARG A 68 -32.66 14.42 5.56
C ARG A 68 -31.16 14.31 5.84
N ALA A 69 -30.38 14.09 4.78
CA ALA A 69 -28.94 13.97 4.93
C ALA A 69 -28.40 15.31 5.42
N LYS A 70 -28.84 16.39 4.81
CA LYS A 70 -28.42 17.73 5.19
C LYS A 70 -28.72 17.96 6.68
N ALA A 71 -29.90 17.58 7.13
CA ALA A 71 -30.29 17.76 8.53
C ALA A 71 -29.42 16.94 9.48
N ALA A 72 -28.80 15.89 8.96
CA ALA A 72 -27.94 15.05 9.78
C ALA A 72 -26.48 15.49 9.65
N GLY A 73 -26.27 16.61 8.96
CA GLY A 73 -24.92 17.12 8.78
C GLY A 73 -24.09 16.39 7.73
N LEU A 74 -24.76 15.66 6.84
CA LEU A 74 -24.09 14.90 5.80
C LEU A 74 -24.10 15.62 4.46
N GLY A 75 -22.95 15.61 3.78
CA GLY A 75 -22.88 16.23 2.47
C GLY A 75 -23.52 15.29 1.45
N VAL A 76 -23.87 15.80 0.28
CA VAL A 76 -24.51 14.97 -0.73
C VAL A 76 -23.75 14.88 -2.04
N TYR A 77 -23.63 13.64 -2.52
CA TYR A 77 -22.94 13.32 -3.77
C TYR A 77 -24.04 12.83 -4.71
N ILE A 78 -24.37 13.64 -5.71
CA ILE A 78 -25.41 13.27 -6.69
C ILE A 78 -24.81 12.49 -7.87
N ASP A 79 -25.31 11.29 -8.09
CA ASP A 79 -24.84 10.43 -9.16
C ASP A 79 -25.87 10.32 -10.28
N PHE A 80 -25.73 11.17 -11.30
CA PHE A 80 -26.64 11.19 -12.43
C PHE A 80 -26.40 9.99 -13.34
N HIS A 81 -27.41 9.14 -13.50
CA HIS A 81 -27.25 7.97 -14.37
C HIS A 81 -27.63 8.32 -15.81
N TYR A 82 -28.35 9.44 -15.97
CA TYR A 82 -28.78 9.87 -17.30
C TYR A 82 -29.47 8.70 -18.02
N SER A 83 -30.44 8.12 -17.32
CA SER A 83 -31.23 7.00 -17.82
C SER A 83 -32.43 6.88 -16.87
N ASP A 84 -33.45 6.14 -17.28
CA ASP A 84 -34.62 5.97 -16.41
C ASP A 84 -34.38 4.78 -15.49
N THR A 85 -33.30 4.05 -15.73
CA THR A 85 -32.99 2.87 -14.92
C THR A 85 -31.47 2.70 -14.75
N TRP A 86 -31.05 1.62 -14.11
CA TRP A 86 -29.64 1.34 -13.86
C TRP A 86 -28.71 1.60 -15.03
N ALA A 87 -27.68 2.40 -14.81
CA ALA A 87 -26.70 2.68 -15.84
C ALA A 87 -25.39 2.01 -15.41
N ASP A 88 -24.84 1.17 -16.27
CA ASP A 88 -23.58 0.49 -16.00
C ASP A 88 -22.86 0.29 -17.33
N PRO A 89 -21.66 -0.32 -17.34
CA PRO A 89 -20.94 -0.52 -18.60
C PRO A 89 -21.71 -1.26 -19.69
N ALA A 90 -22.70 -2.07 -19.30
CA ALA A 90 -23.48 -2.82 -20.27
C ALA A 90 -24.86 -2.25 -20.51
N HIS A 91 -25.21 -1.19 -19.79
CA HIS A 91 -26.52 -0.55 -19.96
C HIS A 91 -26.48 0.96 -19.76
N GLN A 92 -26.73 1.69 -20.83
CA GLN A 92 -26.76 3.16 -20.78
C GLN A 92 -27.98 3.50 -21.62
N THR A 93 -29.13 3.03 -21.15
CA THR A 93 -30.39 3.23 -21.86
C THR A 93 -30.90 4.66 -21.86
N MET A 94 -31.16 5.13 -23.08
CA MET A 94 -31.66 6.47 -23.31
C MET A 94 -32.90 6.74 -22.48
N PRO A 95 -32.99 7.92 -21.84
CA PRO A 95 -34.19 8.21 -21.05
C PRO A 95 -35.34 8.28 -22.05
N ALA A 96 -36.51 7.77 -21.69
CA ALA A 96 -37.64 7.80 -22.59
C ALA A 96 -37.98 9.24 -22.96
N GLY A 97 -38.20 9.49 -24.25
CA GLY A 97 -38.54 10.84 -24.68
C GLY A 97 -37.37 11.67 -25.18
N TRP A 98 -36.15 11.26 -24.87
CA TRP A 98 -34.97 12.01 -25.31
C TRP A 98 -34.62 11.69 -26.76
N PRO A 99 -34.21 12.71 -27.52
CA PRO A 99 -33.84 12.54 -28.94
C PRO A 99 -32.52 11.78 -29.09
N SER A 100 -32.36 11.10 -30.23
CA SER A 100 -31.15 10.32 -30.49
C SER A 100 -30.04 11.05 -31.24
N ASP A 101 -30.39 12.07 -32.03
CA ASP A 101 -29.37 12.80 -32.78
C ASP A 101 -28.50 13.61 -31.83
N ILE A 102 -27.18 13.57 -32.05
CA ILE A 102 -26.23 14.27 -31.19
C ILE A 102 -26.52 15.75 -30.92
N ASP A 103 -26.87 16.53 -31.94
CA ASP A 103 -27.14 17.94 -31.70
C ASP A 103 -28.24 18.14 -30.66
N ASN A 104 -29.39 17.52 -30.86
CA ASN A 104 -30.49 17.69 -29.93
C ASN A 104 -30.30 16.97 -28.60
N LEU A 105 -29.63 15.82 -28.62
CA LEU A 105 -29.39 15.07 -27.39
C LEU A 105 -28.47 15.88 -26.48
N SER A 106 -27.43 16.47 -27.06
CA SER A 106 -26.50 17.28 -26.28
C SER A 106 -27.23 18.42 -25.61
N TRP A 107 -28.17 19.02 -26.35
CA TRP A 107 -28.94 20.14 -25.83
C TRP A 107 -29.89 19.66 -24.72
N LYS A 108 -30.47 18.48 -24.91
CA LYS A 108 -31.40 17.92 -23.93
C LYS A 108 -30.66 17.60 -22.64
N LEU A 109 -29.47 17.02 -22.78
CA LEU A 109 -28.65 16.65 -21.64
C LEU A 109 -28.29 17.90 -20.84
N TYR A 110 -27.99 18.98 -21.55
CA TYR A 110 -27.65 20.24 -20.92
C TYR A 110 -28.87 20.77 -20.15
N ASN A 111 -30.01 20.82 -20.82
CA ASN A 111 -31.24 21.31 -20.19
C ASN A 111 -31.61 20.52 -18.97
N TYR A 112 -31.55 19.19 -19.09
CA TYR A 112 -31.88 18.31 -17.98
C TYR A 112 -30.99 18.55 -16.77
N THR A 113 -29.68 18.60 -17.02
CA THR A 113 -28.71 18.81 -15.95
C THR A 113 -28.89 20.19 -15.31
N LEU A 114 -29.01 21.21 -16.14
CA LEU A 114 -29.18 22.56 -15.64
C LEU A 114 -30.45 22.62 -14.79
N ASP A 115 -31.54 22.08 -15.34
CA ASP A 115 -32.82 22.07 -14.65
C ASP A 115 -32.72 21.36 -13.29
N ALA A 116 -32.13 20.16 -13.29
CA ALA A 116 -31.98 19.40 -12.06
C ALA A 116 -31.14 20.15 -11.04
N ALA A 117 -30.05 20.77 -11.50
CA ALA A 117 -29.17 21.53 -10.62
C ALA A 117 -29.91 22.69 -9.97
N ASN A 118 -30.68 23.43 -10.77
CA ASN A 118 -31.45 24.55 -10.24
C ASN A 118 -32.52 24.11 -9.25
N LYS A 119 -33.13 22.95 -9.48
CA LYS A 119 -34.16 22.44 -8.57
C LYS A 119 -33.51 22.05 -7.24
N LEU A 120 -32.32 21.48 -7.32
CA LEU A 120 -31.60 21.09 -6.10
C LEU A 120 -31.30 22.38 -5.32
N GLN A 121 -30.76 23.38 -6.01
CA GLN A 121 -30.43 24.66 -5.40
C GLN A 121 -31.66 25.24 -4.72
N ASN A 122 -32.79 25.27 -5.43
CA ASN A 122 -34.02 25.81 -4.89
C ASN A 122 -34.54 25.04 -3.68
N ALA A 123 -34.11 23.79 -3.55
CA ALA A 123 -34.52 22.97 -2.42
C ALA A 123 -33.51 23.09 -1.28
N GLY A 124 -32.51 23.96 -1.47
CA GLY A 124 -31.50 24.16 -0.45
C GLY A 124 -30.46 23.06 -0.42
N ILE A 125 -30.33 22.33 -1.52
CA ILE A 125 -29.37 21.24 -1.59
C ILE A 125 -28.22 21.57 -2.55
N GLN A 126 -27.02 21.75 -2.00
CA GLN A 126 -25.83 22.02 -2.81
C GLN A 126 -24.92 20.82 -2.67
N PRO A 127 -25.02 19.86 -3.60
CA PRO A 127 -24.15 18.68 -3.49
C PRO A 127 -22.68 19.06 -3.55
N THR A 128 -21.86 18.34 -2.79
CA THR A 128 -20.43 18.61 -2.80
C THR A 128 -19.82 17.93 -4.02
N ILE A 129 -20.49 16.88 -4.51
CA ILE A 129 -20.01 16.16 -5.69
C ILE A 129 -21.15 15.77 -6.63
N VAL A 130 -20.90 15.89 -7.92
CA VAL A 130 -21.87 15.51 -8.94
C VAL A 130 -21.16 14.75 -10.03
N SER A 131 -21.55 13.49 -10.27
CA SER A 131 -20.93 12.72 -11.33
C SER A 131 -21.83 12.83 -12.56
N ILE A 132 -21.24 13.13 -13.70
CA ILE A 132 -22.02 13.23 -14.92
C ILE A 132 -22.01 11.86 -15.58
N GLY A 133 -22.87 10.98 -15.09
CA GLY A 133 -22.95 9.63 -15.59
C GLY A 133 -22.46 8.63 -14.56
N ASN A 134 -22.87 7.37 -14.70
CA ASN A 134 -22.45 6.32 -13.77
C ASN A 134 -21.71 5.23 -14.55
N GLU A 135 -20.47 4.96 -14.17
CA GLU A 135 -19.65 3.94 -14.84
C GLU A 135 -19.80 4.01 -16.35
N ILE A 136 -19.44 5.16 -16.94
CA ILE A 136 -19.58 5.35 -18.38
C ILE A 136 -18.37 4.87 -19.18
N ARG A 137 -17.78 3.77 -18.74
CA ARG A 137 -16.61 3.20 -19.41
C ARG A 137 -16.91 2.82 -20.85
N ALA A 138 -18.16 2.47 -21.14
CA ALA A 138 -18.55 2.13 -22.50
C ALA A 138 -19.44 3.24 -23.04
N GLY A 139 -19.25 4.45 -22.51
CA GLY A 139 -20.03 5.59 -22.95
C GLY A 139 -21.31 5.80 -22.17
N LEU A 140 -22.20 6.62 -22.73
CA LEU A 140 -23.50 6.92 -22.11
C LEU A 140 -24.52 7.24 -23.19
N LEU A 141 -25.80 7.29 -22.78
CA LEU A 141 -26.88 7.61 -23.70
C LEU A 141 -26.72 6.88 -25.02
N TRP A 142 -26.76 5.54 -24.95
CA TRP A 142 -26.60 4.71 -26.14
C TRP A 142 -27.76 4.87 -27.12
N PRO A 143 -27.51 4.71 -28.42
CA PRO A 143 -26.20 4.39 -29.02
C PRO A 143 -25.39 5.63 -29.34
N THR A 144 -26.03 6.79 -29.21
CA THR A 144 -25.38 8.07 -29.52
C THR A 144 -24.04 8.26 -28.85
N GLY A 145 -23.97 8.00 -27.53
CA GLY A 145 -22.72 8.17 -26.81
C GLY A 145 -22.03 6.85 -26.48
N ARG A 146 -22.28 5.83 -27.29
CA ARG A 146 -21.65 4.52 -27.08
C ARG A 146 -20.21 4.56 -27.61
N THR A 147 -19.27 3.94 -26.88
CA THR A 147 -17.89 3.90 -27.34
C THR A 147 -17.94 2.99 -28.58
N GLU A 148 -17.09 3.21 -29.59
CA GLU A 148 -16.07 4.24 -29.60
C GLU A 148 -16.39 5.61 -30.23
N ASN A 149 -17.62 6.17 -30.14
N ASN A 149 -17.63 6.08 -30.11
CA ASN A 149 -17.89 7.54 -30.70
CA ASN A 149 -17.82 7.42 -30.60
C ASN A 149 -17.34 8.56 -29.69
C ASN A 149 -17.29 8.33 -29.48
N TRP A 150 -16.02 8.64 -29.57
CA TRP A 150 -15.39 9.56 -28.63
C TRP A 150 -15.88 11.00 -28.85
N ALA A 151 -16.04 11.38 -30.12
CA ALA A 151 -16.50 12.74 -30.42
C ALA A 151 -17.84 13.03 -29.76
N ASN A 152 -18.78 12.09 -29.84
CA ASN A 152 -20.10 12.29 -29.24
C ASN A 152 -20.00 12.28 -27.71
N ILE A 153 -19.23 11.35 -27.18
CA ILE A 153 -19.07 11.23 -25.73
C ILE A 153 -18.50 12.52 -25.14
N ALA A 154 -17.43 13.03 -25.73
CA ALA A 154 -16.79 14.25 -25.24
C ALA A 154 -17.76 15.41 -25.30
N ARG A 155 -18.52 15.48 -26.39
CA ARG A 155 -19.48 16.55 -26.55
C ARG A 155 -20.60 16.47 -25.52
N LEU A 156 -21.12 15.27 -25.29
CA LEU A 156 -22.18 15.07 -24.32
C LEU A 156 -21.70 15.44 -22.92
N LEU A 157 -20.50 14.99 -22.56
CA LEU A 157 -19.95 15.27 -21.24
C LEU A 157 -19.69 16.76 -21.05
N HIS A 158 -19.33 17.44 -22.14
CA HIS A 158 -19.08 18.88 -22.11
C HIS A 158 -20.40 19.58 -21.79
N SER A 159 -21.47 19.15 -22.45
CA SER A 159 -22.80 19.73 -22.23
C SER A 159 -23.27 19.51 -20.80
N ALA A 160 -23.05 18.30 -20.28
CA ALA A 160 -23.47 17.98 -18.92
C ALA A 160 -22.72 18.84 -17.92
N ALA A 161 -21.39 18.92 -18.07
CA ALA A 161 -20.57 19.71 -17.18
C ALA A 161 -21.03 21.16 -17.14
N TRP A 162 -21.23 21.76 -18.32
CA TRP A 162 -21.67 23.14 -18.36
C TRP A 162 -23.10 23.34 -17.89
N GLY A 163 -23.88 22.27 -17.84
CA GLY A 163 -25.24 22.39 -17.34
C GLY A 163 -25.13 22.69 -15.85
N ILE A 164 -24.09 22.14 -15.23
CA ILE A 164 -23.85 22.34 -13.82
C ILE A 164 -23.22 23.72 -13.59
N LYS A 165 -22.23 24.06 -14.43
CA LYS A 165 -21.54 25.34 -14.32
C LYS A 165 -22.45 26.54 -14.56
N ASP A 166 -23.46 26.38 -15.42
CA ASP A 166 -24.38 27.48 -15.71
C ASP A 166 -25.56 27.52 -14.74
N SER A 167 -25.60 26.58 -13.79
CA SER A 167 -26.71 26.53 -12.84
C SER A 167 -26.58 27.52 -11.69
N SER A 168 -27.61 27.57 -10.85
CA SER A 168 -27.62 28.47 -9.70
C SER A 168 -27.05 27.83 -8.42
N LEU A 169 -26.55 26.61 -8.54
CA LEU A 169 -25.97 25.94 -7.38
C LEU A 169 -24.87 26.79 -6.77
N SER A 170 -24.99 27.08 -5.49
CA SER A 170 -23.99 27.89 -4.79
C SER A 170 -23.87 27.45 -3.34
N PRO A 171 -22.69 26.92 -2.96
CA PRO A 171 -21.51 26.74 -3.81
C PRO A 171 -21.70 25.68 -4.90
N LYS A 172 -20.86 25.77 -5.93
CA LYS A 172 -20.91 24.83 -7.04
C LYS A 172 -20.31 23.51 -6.58
N PRO A 173 -20.77 22.38 -7.14
CA PRO A 173 -20.24 21.08 -6.74
C PRO A 173 -18.97 20.71 -7.54
N LYS A 174 -18.24 19.72 -7.06
CA LYS A 174 -17.08 19.24 -7.80
C LYS A 174 -17.69 18.33 -8.86
N ILE A 175 -17.23 18.46 -10.10
CA ILE A 175 -17.74 17.64 -11.20
C ILE A 175 -16.90 16.39 -11.38
N MET A 176 -17.55 15.24 -11.31
CA MET A 176 -16.85 13.96 -11.43
C MET A 176 -17.23 13.10 -12.64
N ILE A 177 -16.23 12.39 -13.17
CA ILE A 177 -16.43 11.45 -14.26
C ILE A 177 -16.15 10.12 -13.60
N HIS A 178 -17.10 9.19 -13.71
CA HIS A 178 -17.00 7.89 -13.06
C HIS A 178 -16.88 6.69 -13.99
N LEU A 179 -15.79 5.94 -13.84
CA LEU A 179 -15.53 4.74 -14.63
C LEU A 179 -15.46 3.54 -13.67
N ASP A 180 -15.77 2.35 -14.17
CA ASP A 180 -15.70 1.16 -13.35
C ASP A 180 -14.28 0.59 -13.40
N ASN A 181 -14.07 -0.56 -12.76
CA ASN A 181 -12.78 -1.22 -12.72
C ASN A 181 -11.58 -0.29 -12.49
N GLY A 182 -11.55 0.35 -11.33
CA GLY A 182 -10.47 1.27 -11.02
C GLY A 182 -9.08 0.68 -11.10
N TRP A 183 -8.98 -0.63 -10.90
CA TRP A 183 -7.71 -1.35 -10.93
C TRP A 183 -7.15 -1.49 -12.35
N ASP A 184 -8.01 -1.33 -13.35
CA ASP A 184 -7.63 -1.50 -14.74
C ASP A 184 -7.07 -0.22 -15.36
N TRP A 185 -5.77 0.01 -15.18
CA TRP A 185 -5.12 1.20 -15.72
C TRP A 185 -5.28 1.30 -17.23
N GLY A 186 -5.07 0.19 -17.93
CA GLY A 186 -5.18 0.21 -19.38
C GLY A 186 -6.49 0.82 -19.88
N THR A 187 -7.60 0.41 -19.26
CA THR A 187 -8.89 0.93 -19.67
C THR A 187 -9.08 2.38 -19.25
N GLN A 188 -8.66 2.72 -18.03
CA GLN A 188 -8.79 4.11 -17.56
C GLN A 188 -8.06 5.03 -18.53
N ASN A 189 -6.82 4.66 -18.85
CA ASN A 189 -5.97 5.46 -19.74
C ASN A 189 -6.56 5.55 -21.16
N TRP A 190 -7.01 4.41 -21.67
CA TRP A 190 -7.61 4.34 -23.00
C TRP A 190 -8.82 5.27 -23.09
N TRP A 191 -9.67 5.23 -22.07
CA TRP A 191 -10.88 6.03 -22.05
C TRP A 191 -10.62 7.54 -22.00
N TYR A 192 -9.93 8.00 -20.96
CA TYR A 192 -9.64 9.42 -20.79
C TYR A 192 -8.80 10.01 -21.94
N THR A 193 -7.83 9.25 -22.43
CA THR A 193 -6.99 9.72 -23.52
C THR A 193 -7.84 10.02 -24.77
N ASN A 194 -8.65 9.06 -25.18
CA ASN A 194 -9.49 9.25 -26.36
C ASN A 194 -10.57 10.31 -26.20
N VAL A 195 -11.15 10.41 -25.00
CA VAL A 195 -12.18 11.42 -24.76
C VAL A 195 -11.58 12.82 -24.78
N LEU A 196 -10.48 13.01 -24.07
CA LEU A 196 -9.84 14.32 -23.98
C LEU A 196 -9.20 14.83 -25.27
N LYS A 197 -8.81 13.93 -26.16
CA LYS A 197 -8.17 14.36 -27.40
C LYS A 197 -9.15 14.92 -28.43
N GLN A 198 -10.45 14.85 -28.13
CA GLN A 198 -11.45 15.37 -29.04
C GLN A 198 -11.43 16.89 -29.12
N GLY A 199 -11.03 17.54 -28.03
CA GLY A 199 -10.97 18.99 -28.04
C GLY A 199 -12.22 19.72 -27.56
N THR A 200 -13.27 18.99 -27.21
CA THR A 200 -14.49 19.64 -26.72
C THR A 200 -14.44 19.62 -25.19
N LEU A 201 -14.54 18.43 -24.60
CA LEU A 201 -14.44 18.33 -23.15
C LEU A 201 -12.98 18.59 -22.82
N GLU A 202 -12.70 19.52 -21.92
CA GLU A 202 -11.31 19.81 -21.54
C GLU A 202 -11.10 19.38 -20.10
N LEU A 203 -9.83 19.23 -19.72
CA LEU A 203 -9.50 18.86 -18.36
C LEU A 203 -10.09 19.83 -17.34
N SER A 204 -10.17 21.10 -17.72
CA SER A 204 -10.72 22.12 -16.81
C SER A 204 -12.23 22.00 -16.66
N ASP A 205 -12.88 21.18 -17.48
CA ASP A 205 -14.33 21.03 -17.39
C ASP A 205 -14.80 20.17 -16.22
N PHE A 206 -13.92 19.35 -15.67
CA PHE A 206 -14.29 18.53 -14.52
C PHE A 206 -13.22 18.56 -13.45
N ASP A 207 -13.56 18.06 -12.26
CA ASP A 207 -12.62 18.12 -11.12
C ASP A 207 -12.20 16.79 -10.51
N MET A 208 -13.03 15.77 -10.65
CA MET A 208 -12.70 14.49 -10.05
C MET A 208 -12.83 13.30 -10.97
N MET A 209 -12.06 12.25 -10.66
CA MET A 209 -12.11 11.01 -11.39
C MET A 209 -12.50 9.98 -10.35
N GLY A 210 -13.65 9.34 -10.54
CA GLY A 210 -14.10 8.35 -9.61
C GLY A 210 -14.03 6.97 -10.23
N VAL A 211 -13.76 5.96 -9.43
CA VAL A 211 -13.69 4.61 -9.92
C VAL A 211 -14.43 3.65 -9.00
N SER A 212 -14.94 2.56 -9.58
CA SER A 212 -15.61 1.54 -8.80
C SER A 212 -14.49 0.53 -8.51
N PHE A 213 -14.55 -0.12 -7.35
CA PHE A 213 -13.54 -1.12 -7.02
C PHE A 213 -14.21 -2.24 -6.22
N TYR A 214 -14.39 -3.38 -6.87
CA TYR A 214 -15.02 -4.54 -6.25
C TYR A 214 -14.05 -5.72 -6.32
N PRO A 215 -14.08 -6.60 -5.31
CA PRO A 215 -13.19 -7.76 -5.28
C PRO A 215 -13.78 -9.04 -5.88
N PHE A 216 -15.07 -9.03 -6.18
CA PHE A 216 -15.72 -10.25 -6.68
C PHE A 216 -16.16 -10.32 -8.14
N TYR A 217 -15.53 -9.56 -9.02
CA TYR A 217 -15.87 -9.62 -10.44
C TYR A 217 -14.64 -9.96 -11.26
N SER A 218 -13.53 -10.22 -10.58
CA SER A 218 -12.27 -10.55 -11.24
C SER A 218 -11.11 -10.57 -10.25
N SER A 219 -10.29 -11.61 -10.33
CA SER A 219 -9.15 -11.73 -9.44
C SER A 219 -8.08 -10.69 -9.75
N SER A 220 -8.26 -9.95 -10.85
CA SER A 220 -7.29 -8.93 -11.22
C SER A 220 -7.45 -7.67 -10.37
N ALA A 221 -8.54 -7.60 -9.60
CA ALA A 221 -8.80 -6.44 -8.77
C ALA A 221 -8.01 -6.44 -7.46
N THR A 222 -6.69 -6.58 -7.57
CA THR A 222 -5.83 -6.59 -6.38
C THR A 222 -5.66 -5.16 -5.87
N LEU A 223 -5.24 -5.04 -4.62
CA LEU A 223 -5.01 -3.73 -4.02
C LEU A 223 -3.80 -3.09 -4.70
N SER A 224 -2.81 -3.90 -5.08
CA SER A 224 -1.63 -3.39 -5.74
C SER A 224 -1.98 -2.82 -7.12
N ALA A 225 -2.87 -3.50 -7.84
CA ALA A 225 -3.27 -3.00 -9.15
C ALA A 225 -4.03 -1.69 -9.00
N LEU A 226 -4.85 -1.58 -7.95
CA LEU A 226 -5.60 -0.35 -7.70
C LEU A 226 -4.61 0.77 -7.45
N LYS A 227 -3.64 0.51 -6.56
CA LYS A 227 -2.63 1.49 -6.22
C LYS A 227 -1.90 2.00 -7.46
N SER A 228 -1.40 1.08 -8.26
CA SER A 228 -0.68 1.44 -9.48
C SER A 228 -1.55 2.22 -10.45
N SER A 229 -2.79 1.78 -10.63
CA SER A 229 -3.71 2.46 -11.54
C SER A 229 -4.02 3.89 -11.08
N LEU A 230 -4.37 4.05 -9.81
CA LEU A 230 -4.68 5.38 -9.29
C LEU A 230 -3.45 6.29 -9.35
N ASP A 231 -2.28 5.74 -9.05
CA ASP A 231 -1.05 6.54 -9.10
C ASP A 231 -0.87 7.05 -10.53
N ASN A 232 -1.09 6.17 -11.51
CA ASN A 232 -0.95 6.56 -12.92
C ASN A 232 -1.94 7.64 -13.30
N MET A 233 -3.18 7.49 -12.84
CA MET A 233 -4.23 8.47 -13.14
C MET A 233 -3.86 9.83 -12.55
N ALA A 234 -3.35 9.79 -11.33
CA ALA A 234 -2.95 11.02 -10.63
C ALA A 234 -1.81 11.76 -11.34
N LYS A 235 -0.77 11.03 -11.71
CA LYS A 235 0.38 11.65 -12.37
C LYS A 235 0.06 12.15 -13.78
N THR A 236 -0.89 11.49 -14.44
CA THR A 236 -1.24 11.87 -15.79
C THR A 236 -2.18 13.08 -15.89
N TRP A 237 -3.24 13.11 -15.08
CA TRP A 237 -4.20 14.21 -15.13
C TRP A 237 -4.32 15.09 -13.89
N ASN A 238 -3.65 14.67 -12.81
CA ASN A 238 -3.65 15.40 -11.55
CA ASN A 238 -3.64 15.44 -11.56
C ASN A 238 -5.00 15.91 -11.06
N LYS A 239 -6.01 15.04 -11.10
CA LYS A 239 -7.36 15.40 -10.63
C LYS A 239 -7.58 14.73 -9.29
N GLU A 240 -8.57 15.19 -8.53
CA GLU A 240 -8.86 14.54 -7.24
C GLU A 240 -9.40 13.17 -7.59
N ILE A 241 -9.02 12.17 -6.81
CA ILE A 241 -9.45 10.81 -7.07
C ILE A 241 -10.22 10.18 -5.92
N ALA A 242 -11.18 9.32 -6.27
CA ALA A 242 -11.97 8.65 -5.25
C ALA A 242 -12.54 7.31 -5.71
N VAL A 243 -12.62 6.38 -4.77
CA VAL A 243 -13.23 5.08 -5.04
C VAL A 243 -14.68 5.39 -4.64
N VAL A 244 -15.58 5.47 -5.60
CA VAL A 244 -16.98 5.80 -5.32
C VAL A 244 -17.94 4.63 -5.10
N GLU A 245 -17.43 3.42 -5.23
CA GLU A 245 -18.22 2.22 -5.04
C GLU A 245 -17.31 1.07 -4.63
N THR A 246 -17.67 0.37 -3.56
CA THR A 246 -16.92 -0.79 -3.13
C THR A 246 -17.77 -1.61 -2.16
N ASN A 247 -17.43 -2.89 -2.03
CA ASN A 247 -18.15 -3.82 -1.16
C ASN A 247 -17.17 -4.89 -0.65
N TRP A 248 -17.51 -5.47 0.50
CA TRP A 248 -16.75 -6.59 1.05
C TRP A 248 -17.81 -7.44 1.72
N PRO A 249 -17.87 -8.72 1.38
CA PRO A 249 -18.86 -9.62 1.97
C PRO A 249 -18.67 -10.14 3.38
N ILE A 250 -19.79 -10.28 4.07
CA ILE A 250 -19.76 -10.87 5.40
C ILE A 250 -20.16 -12.33 5.14
N SER A 251 -20.49 -12.62 3.89
CA SER A 251 -20.87 -13.97 3.49
C SER A 251 -20.76 -14.16 1.98
N CYS A 252 -19.97 -15.15 1.55
CA CYS A 252 -19.81 -15.43 0.13
C CYS A 252 -19.58 -16.91 -0.14
N PRO A 253 -20.63 -17.75 0.03
CA PRO A 253 -20.60 -19.21 -0.17
C PRO A 253 -20.06 -19.71 -1.50
N ASN A 254 -20.54 -19.15 -2.61
CA ASN A 254 -20.06 -19.58 -3.91
C ASN A 254 -19.86 -18.45 -4.91
N PRO A 255 -18.68 -17.84 -4.88
CA PRO A 255 -18.36 -16.74 -5.78
C PRO A 255 -18.25 -17.17 -7.24
N ARG A 256 -18.64 -16.25 -8.13
CA ARG A 256 -18.56 -16.50 -9.56
C ARG A 256 -17.12 -16.36 -10.05
N TYR A 257 -16.32 -15.54 -9.37
CA TYR A 257 -14.92 -15.35 -9.73
C TYR A 257 -14.02 -15.51 -8.52
N SER A 258 -12.79 -15.93 -8.77
CA SER A 258 -11.82 -16.10 -7.70
C SER A 258 -11.47 -14.70 -7.19
N PHE A 259 -11.23 -14.58 -5.88
CA PHE A 259 -10.88 -13.29 -5.29
C PHE A 259 -9.43 -12.91 -5.55
N PRO A 260 -9.12 -11.60 -5.51
CA PRO A 260 -7.75 -11.12 -5.74
C PRO A 260 -6.81 -11.72 -4.70
N SER A 261 -5.61 -12.07 -5.14
CA SER A 261 -4.62 -12.67 -4.26
C SER A 261 -4.29 -11.92 -2.98
N ASP A 262 -4.20 -10.58 -3.03
CA ASP A 262 -3.86 -9.85 -1.82
C ASP A 262 -5.01 -9.57 -0.85
N VAL A 263 -6.14 -10.24 -1.04
CA VAL A 263 -7.27 -10.07 -0.14
C VAL A 263 -7.85 -11.42 0.27
N LYS A 264 -7.23 -12.51 -0.18
CA LYS A 264 -7.70 -13.86 0.15
C LYS A 264 -7.61 -14.23 1.62
N ASN A 265 -6.79 -13.51 2.37
CA ASN A 265 -6.65 -13.78 3.79
C ASN A 265 -7.71 -13.05 4.61
N ILE A 266 -8.41 -12.09 3.98
CA ILE A 266 -9.44 -11.34 4.68
C ILE A 266 -10.69 -12.20 4.79
N PRO A 267 -11.18 -12.42 6.02
CA PRO A 267 -12.37 -13.23 6.24
C PRO A 267 -13.68 -12.53 5.84
N PHE A 268 -14.68 -13.34 5.52
CA PHE A 268 -15.99 -12.81 5.16
C PHE A 268 -16.72 -12.65 6.49
N SER A 269 -16.63 -11.46 7.05
CA SER A 269 -17.24 -11.13 8.34
C SER A 269 -17.15 -9.63 8.54
N PRO A 270 -17.82 -9.11 9.58
CA PRO A 270 -17.76 -7.67 9.81
C PRO A 270 -16.32 -7.22 10.03
N GLU A 271 -15.55 -8.02 10.77
CA GLU A 271 -14.14 -7.70 11.02
C GLU A 271 -13.40 -7.61 9.69
N GLY A 272 -13.73 -8.53 8.79
CA GLY A 272 -13.11 -8.54 7.48
C GLY A 272 -13.46 -7.31 6.68
N GLN A 273 -14.70 -6.84 6.79
CA GLN A 273 -15.14 -5.64 6.07
C GLN A 273 -14.32 -4.46 6.55
N THR A 274 -14.14 -4.39 7.86
CA THR A 274 -13.39 -3.31 8.48
C THR A 274 -11.98 -3.27 7.91
N THR A 275 -11.34 -4.43 7.84
CA THR A 275 -9.98 -4.54 7.31
C THR A 275 -9.92 -4.12 5.84
N PHE A 276 -10.81 -4.66 5.02
CA PHE A 276 -10.84 -4.35 3.59
C PHE A 276 -11.11 -2.87 3.33
N ILE A 277 -12.16 -2.34 3.95
CA ILE A 277 -12.51 -0.94 3.75
C ILE A 277 -11.38 -0.02 4.20
N THR A 278 -10.78 -0.31 5.35
CA THR A 278 -9.67 0.51 5.85
C THR A 278 -8.49 0.45 4.89
N ASN A 279 -8.20 -0.73 4.35
CA ASN A 279 -7.08 -0.88 3.43
C ASN A 279 -7.32 -0.14 2.11
N VAL A 280 -8.54 -0.22 1.58
CA VAL A 280 -8.83 0.48 0.34
C VAL A 280 -8.74 1.98 0.58
N ALA A 281 -9.24 2.41 1.74
CA ALA A 281 -9.21 3.81 2.11
C ALA A 281 -7.77 4.32 2.13
N ASN A 282 -6.89 3.54 2.75
CA ASN A 282 -5.50 3.94 2.85
C ASN A 282 -4.74 3.85 1.54
N ILE A 283 -5.24 3.06 0.61
CA ILE A 283 -4.59 2.97 -0.70
C ILE A 283 -4.90 4.30 -1.39
N VAL A 284 -6.15 4.74 -1.27
CA VAL A 284 -6.59 6.01 -1.87
C VAL A 284 -5.80 7.17 -1.27
N SER A 285 -5.67 7.17 0.06
CA SER A 285 -4.93 8.24 0.75
C SER A 285 -3.45 8.26 0.39
N SER A 286 -2.90 7.15 -0.09
CA SER A 286 -1.49 7.10 -0.45
C SER A 286 -1.28 7.65 -1.87
N VAL A 287 -2.37 8.00 -2.53
CA VAL A 287 -2.32 8.52 -3.89
C VAL A 287 -2.42 10.03 -3.91
N SER A 288 -1.66 10.66 -4.80
CA SER A 288 -1.69 12.10 -4.93
C SER A 288 -3.13 12.56 -5.20
N ARG A 289 -3.65 13.37 -4.29
CA ARG A 289 -5.02 13.89 -4.38
C ARG A 289 -6.11 12.82 -4.26
N GLY A 290 -5.79 11.72 -3.57
CA GLY A 290 -6.78 10.68 -3.35
C GLY A 290 -7.60 11.21 -2.18
N VAL A 291 -8.86 11.52 -2.41
CA VAL A 291 -9.67 12.12 -1.35
C VAL A 291 -10.94 11.43 -0.85
N GLY A 292 -11.39 10.35 -1.49
CA GLY A 292 -12.62 9.74 -1.01
C GLY A 292 -12.82 8.25 -1.20
N LEU A 293 -13.74 7.71 -0.40
CA LEU A 293 -14.10 6.29 -0.43
C LEU A 293 -15.58 6.21 -0.09
N PHE A 294 -16.35 5.48 -0.90
CA PHE A 294 -17.79 5.32 -0.68
C PHE A 294 -18.18 3.85 -0.78
N TYR A 295 -18.80 3.34 0.28
CA TYR A 295 -19.24 1.94 0.29
C TYR A 295 -20.60 1.93 -0.40
N TRP A 296 -20.87 0.94 -1.24
CA TRP A 296 -22.15 0.92 -1.95
C TRP A 296 -23.28 0.18 -1.25
N GLU A 297 -24.35 0.93 -0.93
CA GLU A 297 -25.56 0.37 -0.32
C GLU A 297 -25.40 -0.55 0.88
N PRO A 298 -24.75 -0.07 1.95
CA PRO A 298 -24.54 -0.89 3.14
C PRO A 298 -25.82 -1.31 3.88
N ALA A 299 -26.90 -0.56 3.70
CA ALA A 299 -28.15 -0.85 4.41
C ALA A 299 -29.27 -1.50 3.61
N TRP A 300 -28.99 -1.91 2.37
CA TRP A 300 -30.01 -2.55 1.53
C TRP A 300 -30.16 -4.02 1.91
N ILE A 301 -30.67 -4.27 3.10
CA ILE A 301 -30.82 -5.65 3.59
C ILE A 301 -31.74 -6.57 2.80
N HIS A 302 -32.67 -6.03 2.02
CA HIS A 302 -33.55 -6.87 1.21
C HIS A 302 -32.93 -7.23 -0.13
N ASN A 303 -31.70 -6.78 -0.34
CA ASN A 303 -30.96 -7.03 -1.58
C ASN A 303 -29.51 -7.24 -1.14
N ALA A 304 -29.35 -8.07 -0.13
CA ALA A 304 -28.06 -8.37 0.51
C ALA A 304 -26.86 -8.65 -0.38
N ASN A 305 -27.03 -9.41 -1.44
CA ASN A 305 -25.89 -9.72 -2.31
C ASN A 305 -25.53 -8.51 -3.18
N LEU A 306 -26.39 -7.50 -3.15
CA LEU A 306 -26.16 -6.27 -3.91
C LEU A 306 -25.76 -6.53 -5.35
N GLY A 307 -26.50 -7.42 -6.03
CA GLY A 307 -26.22 -7.72 -7.42
C GLY A 307 -24.98 -8.53 -7.73
N SER A 308 -24.25 -8.97 -6.70
CA SER A 308 -23.04 -9.75 -6.92
C SER A 308 -23.30 -11.23 -6.67
N SER A 309 -22.29 -12.07 -6.90
CA SER A 309 -22.41 -13.51 -6.70
C SER A 309 -22.23 -13.89 -5.24
N CYS A 310 -21.79 -12.93 -4.42
CA CYS A 310 -21.61 -13.18 -2.99
C CYS A 310 -22.96 -13.00 -2.32
N ALA A 311 -23.23 -13.79 -1.28
CA ALA A 311 -24.50 -13.75 -0.57
C ALA A 311 -24.86 -12.48 0.20
N ASP A 312 -23.90 -11.90 0.93
CA ASP A 312 -24.22 -10.71 1.71
C ASP A 312 -23.07 -9.71 1.79
N ASN A 313 -23.32 -8.51 1.27
CA ASN A 313 -22.32 -7.44 1.28
C ASN A 313 -22.76 -6.24 2.12
N THR A 314 -23.89 -6.37 2.81
CA THR A 314 -24.38 -5.27 3.62
C THR A 314 -23.58 -5.11 4.91
N MET A 315 -23.81 -3.98 5.59
CA MET A 315 -23.14 -3.69 6.85
C MET A 315 -24.17 -3.55 7.96
N PHE A 316 -25.34 -4.15 7.73
CA PHE A 316 -26.44 -4.13 8.69
C PHE A 316 -27.00 -5.54 8.78
N SER A 317 -27.56 -5.91 9.92
CA SER A 317 -28.13 -7.23 10.11
C SER A 317 -29.46 -7.29 9.37
N GLN A 318 -29.99 -8.51 9.22
CA GLN A 318 -31.24 -8.69 8.53
C GLN A 318 -32.40 -8.04 9.31
N SER A 319 -32.15 -7.65 10.55
CA SER A 319 -33.18 -7.00 11.34
C SER A 319 -33.03 -5.48 11.27
N GLY A 320 -32.06 -5.01 10.50
CA GLY A 320 -31.84 -3.58 10.33
C GLY A 320 -30.88 -2.92 11.31
N GLN A 321 -30.10 -3.72 12.03
CA GLN A 321 -29.16 -3.17 12.98
C GLN A 321 -27.75 -3.03 12.40
N ALA A 322 -27.16 -1.86 12.58
CA ALA A 322 -25.83 -1.60 12.07
C ALA A 322 -24.83 -2.57 12.68
N LEU A 323 -23.98 -3.16 11.83
CA LEU A 323 -22.97 -4.10 12.29
CA LEU A 323 -22.96 -4.09 12.28
C LEU A 323 -21.77 -3.32 12.82
N SER A 324 -20.90 -4.00 13.55
CA SER A 324 -19.71 -3.38 14.13
C SER A 324 -18.80 -2.76 13.08
N SER A 325 -18.87 -3.25 11.85
CA SER A 325 -18.03 -2.74 10.78
C SER A 325 -18.35 -1.30 10.35
N LEU A 326 -19.55 -0.82 10.67
CA LEU A 326 -19.95 0.52 10.28
C LEU A 326 -19.07 1.63 10.88
N SER A 327 -18.52 1.40 12.07
CA SER A 327 -17.68 2.40 12.72
C SER A 327 -16.32 2.59 12.05
N VAL A 328 -16.05 1.82 11.01
CA VAL A 328 -14.79 1.94 10.29
C VAL A 328 -14.62 3.35 9.74
N PHE A 329 -15.74 4.01 9.43
CA PHE A 329 -15.70 5.36 8.89
C PHE A 329 -15.20 6.40 9.90
N GLN A 330 -15.02 5.96 11.14
CA GLN A 330 -14.51 6.84 12.19
C GLN A 330 -13.00 6.78 12.22
N ARG A 331 -12.42 5.85 11.47
CA ARG A 331 -10.96 5.68 11.50
C ARG A 331 -10.22 5.81 10.17
N ILE A 332 -10.83 6.45 9.18
CA ILE A 332 -10.18 6.62 7.88
C ILE A 332 -10.19 8.06 7.40
N ALA B 1 -12.94 -10.96 45.07
CA ALA B 1 -11.97 -12.07 45.36
C ALA B 1 -11.87 -13.03 44.18
N LEU B 2 -13.02 -13.51 43.70
CA LEU B 2 -13.03 -14.45 42.58
C LEU B 2 -12.51 -13.82 41.29
N THR B 3 -11.69 -14.57 40.57
CA THR B 3 -11.17 -14.09 39.30
C THR B 3 -12.26 -14.20 38.24
N TYR B 4 -13.00 -15.30 38.26
CA TYR B 4 -14.06 -15.53 37.29
C TYR B 4 -15.44 -15.54 37.95
N ARG B 5 -16.27 -14.59 37.54
CA ARG B 5 -17.64 -14.48 38.03
C ARG B 5 -18.48 -14.68 36.77
N GLY B 6 -18.98 -15.89 36.57
CA GLY B 6 -19.74 -16.11 35.36
C GLY B 6 -20.98 -16.97 35.37
N VAL B 7 -21.49 -17.20 34.17
CA VAL B 7 -22.67 -18.03 33.96
C VAL B 7 -22.48 -18.73 32.62
N ASP B 8 -23.18 -19.84 32.45
CA ASP B 8 -23.16 -20.57 31.19
C ASP B 8 -24.41 -20.03 30.51
N TRP B 9 -24.24 -19.31 29.41
CA TRP B 9 -25.36 -18.73 28.69
C TRP B 9 -25.57 -19.36 27.32
N SER B 10 -25.04 -20.57 27.16
CA SER B 10 -25.13 -21.32 25.90
C SER B 10 -26.43 -21.22 25.12
N SER B 11 -27.56 -21.37 25.82
CA SER B 11 -28.88 -21.33 25.20
C SER B 11 -29.36 -19.97 24.69
N VAL B 12 -28.57 -18.92 24.89
CA VAL B 12 -28.99 -17.58 24.48
C VAL B 12 -29.61 -17.44 23.09
N VAL B 13 -28.93 -17.90 22.04
CA VAL B 13 -29.49 -17.77 20.69
C VAL B 13 -30.69 -18.68 20.49
N VAL B 14 -30.69 -19.85 21.11
CA VAL B 14 -31.82 -20.76 21.01
C VAL B 14 -33.06 -20.07 21.56
N GLU B 15 -32.92 -19.41 22.71
CA GLU B 15 -34.03 -18.71 23.34
C GLU B 15 -34.48 -17.47 22.57
N GLU B 16 -33.52 -16.70 22.03
CA GLU B 16 -33.89 -15.51 21.28
C GLU B 16 -34.68 -15.93 20.04
N ARG B 17 -34.25 -17.02 19.40
CA ARG B 17 -34.94 -17.53 18.20
C ARG B 17 -36.32 -18.04 18.58
N ALA B 18 -36.49 -18.43 19.84
CA ALA B 18 -37.76 -18.93 20.32
C ALA B 18 -38.66 -17.77 20.73
N GLY B 19 -38.19 -16.54 20.52
CA GLY B 19 -39.00 -15.38 20.87
C GLY B 19 -38.75 -14.72 22.21
N VAL B 20 -37.73 -15.14 22.93
CA VAL B 20 -37.46 -14.51 24.23
C VAL B 20 -36.80 -13.15 24.05
N SER B 21 -37.31 -12.17 24.77
CA SER B 21 -36.78 -10.82 24.72
C SER B 21 -36.31 -10.53 26.14
N TYR B 22 -35.00 -10.50 26.33
CA TYR B 22 -34.43 -10.27 27.65
C TYR B 22 -34.49 -8.81 28.11
N LYS B 23 -34.75 -8.62 29.40
CA LYS B 23 -34.86 -7.29 29.98
C LYS B 23 -34.03 -7.24 31.27
N ASN B 24 -33.40 -6.10 31.56
CA ASN B 24 -32.59 -6.01 32.78
C ASN B 24 -33.50 -6.02 34.01
N THR B 25 -32.87 -6.04 35.19
CA THR B 25 -33.58 -6.08 36.46
C THR B 25 -34.52 -4.88 36.65
N ASN B 26 -34.34 -3.86 35.81
CA ASN B 26 -35.18 -2.67 35.89
C ASN B 26 -36.43 -2.68 34.97
N GLY B 27 -36.50 -3.60 33.98
CA GLY B 27 -37.65 -3.75 33.09
C GLY B 27 -37.44 -3.35 31.63
N ASN B 28 -36.22 -2.88 31.39
CA ASN B 28 -35.74 -2.38 30.09
C ASN B 28 -35.17 -3.45 29.13
N ALA B 29 -35.71 -3.58 27.90
CA ALA B 29 -35.18 -4.55 26.93
C ALA B 29 -33.71 -4.23 26.72
N GLN B 30 -32.87 -5.25 26.72
CA GLN B 30 -31.45 -5.07 26.56
C GLN B 30 -30.80 -6.41 26.20
N PRO B 31 -29.74 -6.40 25.38
CA PRO B 31 -29.08 -7.65 25.01
C PRO B 31 -28.64 -8.40 26.27
N LEU B 32 -28.85 -9.72 26.28
CA LEU B 32 -28.49 -10.53 27.44
C LEU B 32 -27.05 -10.32 27.90
N GLU B 33 -26.10 -10.31 26.96
CA GLU B 33 -24.70 -10.12 27.33
C GLU B 33 -24.50 -8.80 28.09
N ASN B 34 -25.25 -7.77 27.72
CA ASN B 34 -25.12 -6.48 28.38
C ASN B 34 -25.74 -6.53 29.77
N ILE B 35 -26.84 -7.26 29.90
CA ILE B 35 -27.51 -7.40 31.19
C ILE B 35 -26.55 -8.11 32.14
N LEU B 36 -25.96 -9.21 31.67
CA LEU B 36 -25.02 -9.98 32.48
C LEU B 36 -23.85 -9.10 32.92
N ALA B 37 -23.25 -8.38 31.99
CA ALA B 37 -22.12 -7.52 32.30
C ALA B 37 -22.51 -6.47 33.33
N ALA B 38 -23.67 -5.84 33.13
CA ALA B 38 -24.15 -4.82 34.04
C ALA B 38 -24.32 -5.37 35.46
N ASN B 39 -24.53 -6.68 35.58
CA ASN B 39 -24.71 -7.29 36.88
C ASN B 39 -23.48 -7.93 37.51
N GLY B 40 -22.30 -7.59 36.98
CA GLY B 40 -21.07 -8.13 37.57
C GLY B 40 -20.42 -9.33 36.89
N VAL B 41 -21.14 -9.98 35.99
CA VAL B 41 -20.59 -11.14 35.29
C VAL B 41 -19.41 -10.69 34.42
N ASN B 42 -18.30 -11.43 34.48
CA ASN B 42 -17.14 -11.07 33.65
C ASN B 42 -16.72 -12.19 32.71
N THR B 43 -17.39 -13.33 32.80
CA THR B 43 -17.06 -14.47 31.97
C THR B 43 -18.30 -15.31 31.65
N VAL B 44 -18.38 -15.81 30.42
CA VAL B 44 -19.49 -16.66 30.03
C VAL B 44 -18.95 -18.00 29.55
N ARG B 45 -19.61 -19.07 29.99
CA ARG B 45 -19.25 -20.43 29.66
C ARG B 45 -20.16 -20.85 28.52
N GLN B 46 -19.62 -21.59 27.56
CA GLN B 46 -20.39 -22.05 26.40
C GLN B 46 -20.04 -23.50 26.06
N ARG B 47 -21.07 -24.33 25.89
CA ARG B 47 -20.85 -25.71 25.53
C ARG B 47 -20.64 -25.82 24.02
N VAL B 48 -19.68 -26.64 23.62
CA VAL B 48 -19.40 -26.84 22.21
C VAL B 48 -19.57 -28.31 21.84
N TRP B 49 -20.41 -28.56 20.84
CA TRP B 49 -20.66 -29.91 20.36
C TRP B 49 -20.01 -30.04 18.98
N VAL B 50 -19.56 -31.23 18.64
CA VAL B 50 -18.88 -31.49 17.38
C VAL B 50 -19.72 -31.26 16.13
N ASN B 51 -20.75 -32.06 15.94
CA ASN B 51 -21.61 -31.85 14.77
C ASN B 51 -23.07 -32.15 15.01
N PRO B 52 -23.71 -31.35 15.89
CA PRO B 52 -25.13 -31.55 16.18
C PRO B 52 -25.92 -31.32 14.90
N ALA B 53 -26.89 -32.20 14.64
CA ALA B 53 -27.71 -32.12 13.43
C ALA B 53 -28.35 -30.75 13.22
N ASP B 54 -29.00 -30.19 14.25
CA ASP B 54 -29.65 -28.90 14.11
C ASP B 54 -28.70 -27.72 14.27
N GLY B 55 -27.41 -28.01 14.42
CA GLY B 55 -26.43 -26.96 14.54
C GLY B 55 -26.30 -26.21 15.86
N ASN B 56 -27.26 -26.39 16.77
CA ASN B 56 -27.17 -25.69 18.04
C ASN B 56 -25.94 -26.10 18.84
N TYR B 57 -25.19 -25.11 19.31
CA TYR B 57 -23.98 -25.33 20.09
C TYR B 57 -22.78 -25.83 19.28
N ASN B 58 -22.88 -25.83 17.95
CA ASN B 58 -21.71 -26.26 17.18
C ASN B 58 -20.72 -25.09 17.20
N LEU B 59 -19.57 -25.25 16.56
CA LEU B 59 -18.57 -24.18 16.60
C LEU B 59 -19.01 -22.82 16.05
N ASP B 60 -19.73 -22.81 14.92
CA ASP B 60 -20.19 -21.53 14.36
C ASP B 60 -21.15 -20.85 15.32
N TYR B 61 -22.02 -21.64 15.95
CA TYR B 61 -22.97 -21.10 16.90
C TYR B 61 -22.22 -20.41 18.03
N ASN B 62 -21.16 -21.07 18.50
CA ASN B 62 -20.34 -20.56 19.58
C ASN B 62 -19.50 -19.34 19.22
N ILE B 63 -18.99 -19.30 17.99
CA ILE B 63 -18.20 -18.16 17.55
C ILE B 63 -19.11 -16.93 17.50
N ALA B 64 -20.33 -17.10 16.99
CA ALA B 64 -21.27 -15.98 16.90
C ALA B 64 -21.58 -15.38 18.28
N ILE B 65 -21.89 -16.21 19.27
CA ILE B 65 -22.19 -15.65 20.58
C ILE B 65 -20.93 -15.21 21.32
N ALA B 66 -19.80 -15.85 21.02
CA ALA B 66 -18.55 -15.46 21.66
C ALA B 66 -18.19 -14.04 21.22
N LYS B 67 -18.47 -13.71 19.96
CA LYS B 67 -18.19 -12.37 19.46
C LYS B 67 -19.03 -11.35 20.22
N ARG B 68 -20.28 -11.70 20.48
CA ARG B 68 -21.19 -10.82 21.23
C ARG B 68 -20.69 -10.64 22.66
N ALA B 69 -20.20 -11.72 23.26
CA ALA B 69 -19.69 -11.67 24.61
C ALA B 69 -18.49 -10.74 24.64
N LYS B 70 -17.59 -10.93 23.68
CA LYS B 70 -16.39 -10.11 23.56
C LYS B 70 -16.77 -8.62 23.47
N ALA B 71 -17.77 -8.31 22.66
CA ALA B 71 -18.21 -6.93 22.48
C ALA B 71 -18.78 -6.35 23.78
N ALA B 72 -19.26 -7.22 24.66
CA ALA B 72 -19.82 -6.76 25.93
C ALA B 72 -18.75 -6.76 27.01
N GLY B 73 -17.51 -7.02 26.63
CA GLY B 73 -16.41 -7.04 27.59
C GLY B 73 -16.35 -8.30 28.44
N LEU B 74 -16.99 -9.37 27.99
CA LEU B 74 -17.01 -10.63 28.73
C LEU B 74 -16.01 -11.64 28.18
N GLY B 75 -15.29 -12.30 29.09
CA GLY B 75 -14.33 -13.32 28.67
C GLY B 75 -15.11 -14.58 28.31
N VAL B 76 -14.48 -15.49 27.56
CA VAL B 76 -15.16 -16.71 27.17
C VAL B 76 -14.51 -17.99 27.66
N TYR B 77 -15.34 -18.89 28.18
CA TYR B 77 -14.91 -20.18 28.71
C TYR B 77 -15.54 -21.21 27.77
N ILE B 78 -14.71 -21.87 26.97
CA ILE B 78 -15.18 -22.87 26.02
C ILE B 78 -15.21 -24.26 26.68
N ASP B 79 -16.37 -24.87 26.69
CA ASP B 79 -16.55 -26.20 27.28
C ASP B 79 -16.77 -27.25 26.20
N PHE B 80 -15.68 -27.91 25.78
CA PHE B 80 -15.74 -28.95 24.75
C PHE B 80 -16.36 -30.21 25.33
N HIS B 81 -17.49 -30.65 24.76
CA HIS B 81 -18.12 -31.87 25.22
C HIS B 81 -17.55 -33.09 24.48
N TYR B 82 -16.90 -32.83 23.35
CA TYR B 82 -16.33 -33.91 22.54
C TYR B 82 -17.40 -34.98 22.28
N SER B 83 -18.53 -34.52 21.79
CA SER B 83 -19.68 -35.35 21.46
C SER B 83 -20.60 -34.48 20.61
N ASP B 84 -21.57 -35.08 19.93
CA ASP B 84 -22.50 -34.32 19.11
C ASP B 84 -23.66 -33.87 19.98
N THR B 85 -23.72 -34.38 21.21
CA THR B 85 -24.81 -34.04 22.10
C THR B 85 -24.32 -33.97 23.56
N TRP B 86 -25.25 -33.77 24.49
CA TRP B 86 -24.92 -33.66 25.92
C TRP B 86 -23.92 -34.70 26.42
N ALA B 87 -22.86 -34.23 27.07
CA ALA B 87 -21.87 -35.12 27.64
C ALA B 87 -21.96 -34.99 29.16
N ASP B 88 -22.16 -36.11 29.84
CA ASP B 88 -22.25 -36.13 31.30
C ASP B 88 -21.68 -37.46 31.79
N PRO B 89 -21.68 -37.69 33.11
CA PRO B 89 -21.13 -38.97 33.60
C PRO B 89 -21.78 -40.23 33.04
N ALA B 90 -23.01 -40.12 32.55
CA ALA B 90 -23.70 -41.29 32.00
C ALA B 90 -23.76 -41.27 30.48
N HIS B 91 -23.24 -40.21 29.85
CA HIS B 91 -23.24 -40.11 28.40
C HIS B 91 -22.02 -39.39 27.85
N GLN B 92 -21.18 -40.13 27.13
CA GLN B 92 -19.99 -39.59 26.51
C GLN B 92 -20.00 -40.20 25.11
N THR B 93 -21.06 -39.93 24.38
CA THR B 93 -21.25 -40.48 23.04
C THR B 93 -20.27 -39.97 22.00
N MET B 94 -19.62 -40.93 21.35
CA MET B 94 -18.65 -40.67 20.31
C MET B 94 -19.23 -39.76 19.23
N PRO B 95 -18.48 -38.75 18.79
CA PRO B 95 -19.02 -37.89 17.73
C PRO B 95 -19.17 -38.78 16.50
N ALA B 96 -20.23 -38.59 15.73
CA ALA B 96 -20.45 -39.40 14.54
C ALA B 96 -19.27 -39.22 13.59
N GLY B 97 -18.77 -40.33 13.05
CA GLY B 97 -17.66 -40.27 12.11
C GLY B 97 -16.29 -40.47 12.72
N TRP B 98 -16.16 -40.34 14.03
CA TRP B 98 -14.88 -40.51 14.70
C TRP B 98 -14.55 -41.99 14.90
N PRO B 99 -13.26 -42.37 14.71
CA PRO B 99 -12.81 -43.75 14.87
C PRO B 99 -12.81 -44.21 16.33
N SER B 100 -12.95 -45.52 16.54
CA SER B 100 -13.00 -46.07 17.89
C SER B 100 -11.65 -46.53 18.45
N ASP B 101 -10.71 -46.90 17.58
CA ASP B 101 -9.41 -47.37 18.05
C ASP B 101 -8.62 -46.21 18.65
N ILE B 102 -8.01 -46.46 19.80
CA ILE B 102 -7.26 -45.43 20.52
C ILE B 102 -6.23 -44.65 19.70
N ASP B 103 -5.42 -45.32 18.88
CA ASP B 103 -4.43 -44.59 18.10
C ASP B 103 -5.07 -43.51 17.22
N ASN B 104 -6.04 -43.89 16.40
CA ASN B 104 -6.68 -42.94 15.52
C ASN B 104 -7.61 -41.96 16.24
N LEU B 105 -8.28 -42.41 17.29
CA LEU B 105 -9.18 -41.53 18.04
C LEU B 105 -8.36 -40.41 18.68
N SER B 106 -7.23 -40.79 19.24
CA SER B 106 -6.35 -39.85 19.89
C SER B 106 -5.93 -38.76 18.90
N TRP B 107 -5.62 -39.19 17.69
CA TRP B 107 -5.19 -38.28 16.63
C TRP B 107 -6.35 -37.39 16.18
N LYS B 108 -7.54 -37.97 16.11
CA LYS B 108 -8.73 -37.24 15.69
C LYS B 108 -9.06 -36.16 16.71
N LEU B 109 -8.96 -36.53 17.99
CA LEU B 109 -9.25 -35.61 19.08
C LEU B 109 -8.29 -34.42 19.02
N TYR B 110 -7.02 -34.73 18.72
CA TYR B 110 -6.02 -33.69 18.61
C TYR B 110 -6.35 -32.76 17.45
N ASN B 111 -6.60 -33.33 16.27
CA ASN B 111 -6.93 -32.55 15.08
C ASN B 111 -8.15 -31.67 15.32
N TYR B 112 -9.20 -32.25 15.89
CA TYR B 112 -10.42 -31.52 16.15
C TYR B 112 -10.17 -30.32 17.06
N THR B 113 -9.47 -30.55 18.17
CA THR B 113 -9.18 -29.51 19.14
C THR B 113 -8.31 -28.42 18.52
N LEU B 114 -7.24 -28.83 17.85
CA LEU B 114 -6.34 -27.89 17.21
C LEU B 114 -7.13 -27.05 16.21
N ASP B 115 -7.90 -27.72 15.36
CA ASP B 115 -8.71 -27.05 14.35
C ASP B 115 -9.67 -26.03 14.97
N ALA B 116 -10.40 -26.46 15.99
CA ALA B 116 -11.36 -25.59 16.66
C ALA B 116 -10.65 -24.38 17.28
N ALA B 117 -9.50 -24.62 17.91
CA ALA B 117 -8.73 -23.55 18.53
C ALA B 117 -8.29 -22.51 17.51
N ASN B 118 -7.77 -22.98 16.37
CA ASN B 118 -7.33 -22.07 15.31
C ASN B 118 -8.49 -21.28 14.72
N LYS B 119 -9.66 -21.89 14.61
CA LYS B 119 -10.82 -21.20 14.07
C LYS B 119 -11.27 -20.11 15.04
N LEU B 120 -11.19 -20.40 16.34
CA LEU B 120 -11.55 -19.42 17.35
C LEU B 120 -10.58 -18.24 17.24
N GLN B 121 -9.29 -18.56 17.17
CA GLN B 121 -8.25 -17.54 17.04
C GLN B 121 -8.52 -16.65 15.83
N ASN B 122 -8.79 -17.29 14.70
CA ASN B 122 -9.05 -16.56 13.45
C ASN B 122 -10.29 -15.68 13.54
N ALA B 123 -11.20 -16.02 14.44
CA ALA B 123 -12.42 -15.24 14.62
C ALA B 123 -12.20 -14.16 15.68
N GLY B 124 -10.96 -14.05 16.16
CA GLY B 124 -10.64 -13.05 17.17
C GLY B 124 -11.10 -13.44 18.56
N ILE B 125 -11.33 -14.73 18.78
CA ILE B 125 -11.79 -15.21 20.08
C ILE B 125 -10.72 -16.01 20.81
N GLN B 126 -10.19 -15.45 21.89
CA GLN B 126 -9.19 -16.14 22.70
C GLN B 126 -9.85 -16.46 24.05
N PRO B 127 -10.41 -17.66 24.18
CA PRO B 127 -11.04 -18.00 25.46
C PRO B 127 -10.04 -17.95 26.61
N THR B 128 -10.50 -17.52 27.77
CA THR B 128 -9.64 -17.45 28.95
C THR B 128 -9.55 -18.85 29.54
N ILE B 129 -10.58 -19.66 29.31
CA ILE B 129 -10.62 -21.03 29.81
C ILE B 129 -11.18 -22.01 28.79
N VAL B 130 -10.57 -23.20 28.73
CA VAL B 130 -11.03 -24.26 27.85
C VAL B 130 -11.02 -25.57 28.61
N SER B 131 -12.17 -26.21 28.74
CA SER B 131 -12.21 -27.50 29.42
C SER B 131 -12.15 -28.58 28.35
N ILE B 132 -11.29 -29.57 28.55
CA ILE B 132 -11.18 -30.66 27.59
C ILE B 132 -12.12 -31.76 28.07
N GLY B 133 -13.40 -31.59 27.77
CA GLY B 133 -14.41 -32.54 28.16
C GLY B 133 -15.34 -31.93 29.20
N ASN B 134 -16.54 -32.50 29.33
CA ASN B 134 -17.52 -32.00 30.30
C ASN B 134 -17.88 -33.14 31.27
N GLU B 135 -17.65 -32.91 32.56
CA GLU B 135 -17.93 -33.91 33.59
C GLU B 135 -17.48 -35.30 33.15
N ILE B 136 -16.19 -35.44 32.88
CA ILE B 136 -15.65 -36.72 32.42
C ILE B 136 -15.27 -37.66 33.55
N ARG B 137 -16.06 -37.66 34.61
CA ARG B 137 -15.81 -38.51 35.79
C ARG B 137 -15.81 -39.99 35.42
N ALA B 138 -16.57 -40.36 34.40
CA ALA B 138 -16.63 -41.74 33.95
C ALA B 138 -15.93 -41.84 32.60
N GLY B 139 -15.00 -40.92 32.36
CA GLY B 139 -14.26 -40.91 31.11
C GLY B 139 -14.89 -40.08 30.02
N LEU B 140 -14.44 -40.30 28.78
CA LEU B 140 -14.95 -39.58 27.62
C LEU B 140 -14.84 -40.45 26.38
N LEU B 141 -15.49 -40.03 25.30
CA LEU B 141 -15.42 -40.75 24.03
C LEU B 141 -15.58 -42.25 24.25
N TRP B 142 -16.73 -42.64 24.76
CA TRP B 142 -17.00 -44.05 25.03
C TRP B 142 -17.09 -44.88 23.75
N PRO B 143 -16.70 -46.16 23.83
CA PRO B 143 -16.21 -46.86 25.02
C PRO B 143 -14.69 -46.74 25.17
N THR B 144 -14.04 -46.19 24.14
CA THR B 144 -12.59 -46.06 24.15
C THR B 144 -12.02 -45.39 25.40
N GLY B 145 -12.60 -44.26 25.79
CA GLY B 145 -12.12 -43.55 26.97
C GLY B 145 -13.01 -43.74 28.19
N ARG B 146 -13.71 -44.86 28.25
CA ARG B 146 -14.59 -45.17 29.37
C ARG B 146 -13.75 -45.66 30.56
N THR B 147 -14.09 -45.20 31.77
CA THR B 147 -13.36 -45.68 32.96
C THR B 147 -13.78 -47.16 33.06
N GLU B 148 -12.91 -48.03 33.56
CA GLU B 148 -11.58 -47.68 34.06
C GLU B 148 -10.40 -47.79 33.12
N ASN B 149 -10.58 -47.45 31.85
CA ASN B 149 -9.43 -47.52 30.95
C ASN B 149 -8.61 -46.24 31.12
N TRP B 150 -7.92 -46.14 32.26
CA TRP B 150 -7.11 -44.98 32.59
C TRP B 150 -6.06 -44.65 31.55
N ALA B 151 -5.41 -45.68 31.00
CA ALA B 151 -4.40 -45.48 29.99
C ALA B 151 -4.95 -44.72 28.77
N ASN B 152 -6.15 -45.11 28.32
CA ASN B 152 -6.75 -44.43 27.17
C ASN B 152 -7.20 -43.01 27.52
N ILE B 153 -7.79 -42.85 28.70
CA ILE B 153 -8.24 -41.55 29.15
C ILE B 153 -7.08 -40.55 29.22
N ALA B 154 -5.99 -40.96 29.85
CA ALA B 154 -4.83 -40.09 30.01
C ALA B 154 -4.26 -39.70 28.65
N ARG B 155 -4.22 -40.68 27.75
CA ARG B 155 -3.70 -40.48 26.41
C ARG B 155 -4.59 -39.52 25.60
N LEU B 156 -5.91 -39.69 25.74
CA LEU B 156 -6.84 -38.82 25.04
C LEU B 156 -6.75 -37.38 25.56
N LEU B 157 -6.69 -37.22 26.88
CA LEU B 157 -6.60 -35.90 27.48
C LEU B 157 -5.29 -35.21 27.12
N HIS B 158 -4.23 -35.99 26.98
CA HIS B 158 -2.93 -35.47 26.60
C HIS B 158 -3.03 -34.89 25.19
N SER B 159 -3.67 -35.63 24.30
CA SER B 159 -3.84 -35.19 22.91
C SER B 159 -4.69 -33.92 22.84
N ALA B 160 -5.75 -33.88 23.63
CA ALA B 160 -6.63 -32.72 23.64
C ALA B 160 -5.87 -31.49 24.13
N ALA B 161 -5.17 -31.64 25.25
CA ALA B 161 -4.41 -30.52 25.81
C ALA B 161 -3.41 -29.98 24.81
N TRP B 162 -2.65 -30.86 24.17
CA TRP B 162 -1.66 -30.41 23.20
C TRP B 162 -2.28 -29.86 21.92
N GLY B 163 -3.55 -30.17 21.67
CA GLY B 163 -4.21 -29.64 20.50
C GLY B 163 -4.35 -28.14 20.75
N ILE B 164 -4.56 -27.78 22.02
CA ILE B 164 -4.69 -26.39 22.42
C ILE B 164 -3.32 -25.73 22.44
N LYS B 165 -2.34 -26.39 23.04
CA LYS B 165 -0.98 -25.86 23.13
C LYS B 165 -0.31 -25.64 21.77
N ASP B 166 -0.63 -26.47 20.78
CA ASP B 166 -0.03 -26.33 19.45
C ASP B 166 -0.83 -25.38 18.56
N SER B 167 -1.92 -24.83 19.08
CA SER B 167 -2.77 -23.93 18.27
C SER B 167 -2.22 -22.51 18.17
N SER B 168 -2.90 -21.67 17.39
CA SER B 168 -2.49 -20.28 17.21
C SER B 168 -3.15 -19.35 18.22
N LEU B 169 -3.92 -19.89 19.15
CA LEU B 169 -4.58 -19.05 20.16
C LEU B 169 -3.55 -18.20 20.90
N SER B 170 -3.74 -16.88 20.88
CA SER B 170 -2.83 -15.98 21.56
C SER B 170 -3.58 -14.77 22.11
N PRO B 171 -3.60 -14.63 23.45
CA PRO B 171 -2.98 -15.51 24.44
C PRO B 171 -3.62 -16.90 24.53
N LYS B 172 -2.87 -17.86 25.04
CA LYS B 172 -3.36 -19.21 25.20
C LYS B 172 -4.33 -19.26 26.37
N PRO B 173 -5.31 -20.18 26.32
CA PRO B 173 -6.28 -20.29 27.40
C PRO B 173 -5.79 -21.19 28.52
N LYS B 174 -6.44 -21.11 29.67
CA LYS B 174 -6.09 -21.99 30.78
C LYS B 174 -6.81 -23.29 30.43
N ILE B 175 -6.12 -24.42 30.57
CA ILE B 175 -6.71 -25.71 30.25
C ILE B 175 -7.31 -26.35 31.49
N MET B 176 -8.60 -26.69 31.40
CA MET B 176 -9.32 -27.26 32.53
C MET B 176 -9.84 -28.68 32.33
N ILE B 177 -9.82 -29.45 33.42
CA ILE B 177 -10.36 -30.79 33.44
C ILE B 177 -11.55 -30.65 34.36
N HIS B 178 -12.73 -31.05 33.88
CA HIS B 178 -13.97 -30.90 34.62
C HIS B 178 -14.64 -32.20 35.06
N LEU B 179 -14.82 -32.35 36.37
CA LEU B 179 -15.47 -33.52 36.96
C LEU B 179 -16.73 -33.05 37.69
N ASP B 180 -17.72 -33.92 37.81
CA ASP B 180 -18.96 -33.58 38.51
C ASP B 180 -18.78 -33.86 40.00
N ASN B 181 -19.85 -33.66 40.78
CA ASN B 181 -19.83 -33.88 42.23
C ASN B 181 -18.58 -33.38 42.94
N GLY B 182 -18.39 -32.06 42.92
CA GLY B 182 -17.22 -31.46 43.55
C GLY B 182 -17.07 -31.79 45.03
N TRP B 183 -18.20 -32.07 45.68
CA TRP B 183 -18.21 -32.38 47.10
C TRP B 183 -17.64 -33.76 47.43
N ASP B 184 -17.60 -34.62 46.41
CA ASP B 184 -17.13 -36.00 46.57
C ASP B 184 -15.62 -36.13 46.43
N TRP B 185 -14.91 -35.91 47.53
CA TRP B 185 -13.44 -36.02 47.53
C TRP B 185 -12.96 -37.38 47.09
N GLY B 186 -13.58 -38.43 47.61
CA GLY B 186 -13.18 -39.78 47.24
C GLY B 186 -13.11 -39.99 45.73
N THR B 187 -14.14 -39.55 45.02
CA THR B 187 -14.16 -39.73 43.58
C THR B 187 -13.16 -38.82 42.88
N GLN B 188 -13.05 -37.57 43.32
CA GLN B 188 -12.09 -36.63 42.72
C GLN B 188 -10.69 -37.24 42.82
N ASN B 189 -10.35 -37.69 44.03
CA ASN B 189 -9.03 -38.27 44.29
C ASN B 189 -8.79 -39.54 43.48
N TRP B 190 -9.78 -40.41 43.45
CA TRP B 190 -9.70 -41.67 42.72
C TRP B 190 -9.44 -41.40 41.23
N TRP B 191 -10.18 -40.45 40.67
CA TRP B 191 -10.05 -40.12 39.25
C TRP B 191 -8.68 -39.54 38.87
N TYR B 192 -8.32 -38.42 39.49
CA TYR B 192 -7.04 -37.77 39.20
C TYR B 192 -5.82 -38.65 39.49
N THR B 193 -5.87 -39.40 40.59
CA THR B 193 -4.76 -40.28 40.93
C THR B 193 -4.50 -41.31 39.83
N ASN B 194 -5.55 -42.02 39.43
CA ASN B 194 -5.40 -43.05 38.39
C ASN B 194 -5.04 -42.49 37.03
N VAL B 195 -5.59 -41.33 36.68
CA VAL B 195 -5.29 -40.73 35.40
C VAL B 195 -3.83 -40.26 35.33
N LEU B 196 -3.39 -39.56 36.37
CA LEU B 196 -2.02 -39.03 36.41
C LEU B 196 -0.92 -40.07 36.55
N LYS B 197 -1.23 -41.23 37.11
CA LYS B 197 -0.21 -42.26 37.30
C LYS B 197 0.13 -42.99 36.00
N GLN B 198 -0.60 -42.70 34.92
CA GLN B 198 -0.33 -43.36 33.64
C GLN B 198 0.98 -42.90 33.03
N GLY B 199 1.37 -41.65 33.31
CA GLY B 199 2.61 -41.15 32.76
C GLY B 199 2.53 -40.43 31.43
N THR B 200 1.32 -40.33 30.85
CA THR B 200 1.18 -39.62 29.58
C THR B 200 0.71 -38.20 29.91
N LEU B 201 -0.51 -38.07 30.39
CA LEU B 201 -1.00 -36.74 30.78
C LEU B 201 -0.20 -36.38 32.04
N GLU B 202 0.41 -35.21 32.04
CA GLU B 202 1.19 -34.74 33.20
C GLU B 202 0.49 -33.57 33.85
N LEU B 203 0.81 -33.30 35.12
CA LEU B 203 0.21 -32.18 35.83
C LEU B 203 0.44 -30.88 35.08
N SER B 204 1.59 -30.78 34.43
CA SER B 204 1.93 -29.58 33.67
C SER B 204 1.11 -29.43 32.40
N ASP B 205 0.39 -30.48 32.01
CA ASP B 205 -0.42 -30.41 30.80
C ASP B 205 -1.72 -29.60 30.94
N PHE B 206 -2.19 -29.39 32.17
CA PHE B 206 -3.40 -28.60 32.38
C PHE B 206 -3.21 -27.60 33.51
N ASP B 207 -4.13 -26.65 33.62
CA ASP B 207 -4.01 -25.61 34.63
C ASP B 207 -5.10 -25.51 35.67
N MET B 208 -6.30 -25.98 35.33
CA MET B 208 -7.42 -25.86 36.27
C MET B 208 -8.20 -27.15 36.47
N MET B 209 -8.82 -27.24 37.64
CA MET B 209 -9.67 -28.37 37.98
C MET B 209 -11.02 -27.73 38.24
N GLY B 210 -12.01 -28.12 37.45
CA GLY B 210 -13.34 -27.58 37.62
C GLY B 210 -14.28 -28.65 38.16
N VAL B 211 -15.26 -28.25 38.94
CA VAL B 211 -16.21 -29.20 39.48
C VAL B 211 -17.63 -28.66 39.38
N SER B 212 -18.59 -29.57 39.27
CA SER B 212 -19.99 -29.19 39.25
C SER B 212 -20.42 -29.29 40.70
N PHE B 213 -21.34 -28.43 41.13
CA PHE B 213 -21.84 -28.49 42.50
C PHE B 213 -23.31 -28.12 42.52
N TYR B 214 -24.15 -29.13 42.69
CA TYR B 214 -25.60 -28.96 42.73
C TYR B 214 -26.15 -29.46 44.07
N PRO B 215 -27.20 -28.81 44.58
CA PRO B 215 -27.78 -29.21 45.86
C PRO B 215 -28.95 -30.20 45.77
N PHE B 216 -29.43 -30.44 44.56
CA PHE B 216 -30.59 -31.33 44.39
C PHE B 216 -30.40 -32.71 43.77
N TYR B 217 -29.21 -33.28 43.87
CA TYR B 217 -28.99 -34.62 43.33
C TYR B 217 -28.46 -35.54 44.43
N SER B 218 -28.39 -35.04 45.65
CA SER B 218 -27.90 -35.79 46.80
C SER B 218 -27.71 -34.89 48.00
N SER B 219 -28.16 -35.35 49.16
CA SER B 219 -28.04 -34.58 50.38
C SER B 219 -26.58 -34.54 50.84
N SER B 220 -25.71 -35.31 50.19
CA SER B 220 -24.29 -35.32 50.57
C SER B 220 -23.56 -34.08 50.04
N ALA B 221 -24.23 -33.31 49.18
CA ALA B 221 -23.62 -32.12 48.61
C ALA B 221 -23.67 -30.91 49.56
N THR B 222 -23.18 -31.09 50.78
CA THR B 222 -23.15 -30.01 51.76
C THR B 222 -22.04 -29.02 51.41
N LEU B 223 -22.13 -27.81 51.95
CA LEU B 223 -21.10 -26.80 51.73
C LEU B 223 -19.81 -27.24 52.41
N SER B 224 -19.94 -27.90 53.56
CA SER B 224 -18.77 -28.38 54.29
C SER B 224 -18.03 -29.44 53.50
N ALA B 225 -18.77 -30.34 52.86
CA ALA B 225 -18.13 -31.38 52.06
C ALA B 225 -17.42 -30.76 50.86
N LEU B 226 -18.02 -29.73 50.29
CA LEU B 226 -17.40 -29.05 49.15
C LEU B 226 -16.09 -28.42 49.61
N LYS B 227 -16.15 -27.72 50.75
CA LYS B 227 -14.97 -27.06 51.31
C LYS B 227 -13.84 -28.05 51.52
N SER B 228 -14.14 -29.16 52.20
CA SER B 228 -13.13 -30.18 52.49
C SER B 228 -12.58 -30.80 51.22
N SER B 229 -13.45 -31.09 50.26
CA SER B 229 -13.01 -31.69 49.01
C SER B 229 -12.10 -30.75 48.22
N LEU B 230 -12.51 -29.49 48.05
CA LEU B 230 -11.69 -28.54 47.31
C LEU B 230 -10.36 -28.30 48.02
N ASP B 231 -10.39 -28.22 49.36
CA ASP B 231 -9.15 -28.03 50.12
C ASP B 231 -8.21 -29.19 49.81
N ASN B 232 -8.74 -30.41 49.79
CA ASN B 232 -7.93 -31.59 49.51
C ASN B 232 -7.35 -31.55 48.10
N MET B 233 -8.17 -31.15 47.14
CA MET B 233 -7.73 -31.07 45.75
C MET B 233 -6.61 -30.04 45.63
N ALA B 234 -6.76 -28.92 46.34
CA ALA B 234 -5.77 -27.86 46.29
C ALA B 234 -4.42 -28.27 46.86
N LYS B 235 -4.42 -28.87 48.05
CA LYS B 235 -3.15 -29.28 48.66
C LYS B 235 -2.50 -30.43 47.90
N THR B 236 -3.29 -31.28 47.27
CA THR B 236 -2.72 -32.42 46.54
C THR B 236 -2.10 -32.07 45.19
N TRP B 237 -2.80 -31.27 44.38
CA TRP B 237 -2.28 -30.93 43.06
C TRP B 237 -1.98 -29.45 42.80
N ASN B 238 -2.35 -28.59 43.74
CA ASN B 238 -2.08 -27.16 43.64
C ASN B 238 -2.44 -26.48 42.31
N LYS B 239 -3.61 -26.81 41.79
CA LYS B 239 -4.07 -26.21 40.55
C LYS B 239 -5.15 -25.18 40.87
N GLU B 240 -5.43 -24.28 39.93
CA GLU B 240 -6.50 -23.31 40.16
C GLU B 240 -7.79 -24.11 40.19
N ILE B 241 -8.71 -23.72 41.07
CA ILE B 241 -9.96 -24.44 41.21
C ILE B 241 -11.19 -23.58 40.99
N ALA B 242 -12.23 -24.17 40.43
CA ALA B 242 -13.46 -23.44 40.17
C ALA B 242 -14.70 -24.33 40.13
N VAL B 243 -15.81 -23.78 40.59
CA VAL B 243 -17.08 -24.48 40.55
C VAL B 243 -17.61 -23.95 39.22
N VAL B 244 -17.66 -24.81 38.21
CA VAL B 244 -18.09 -24.40 36.87
C VAL B 244 -19.56 -24.59 36.53
N GLU B 245 -20.31 -25.15 37.47
CA GLU B 245 -21.75 -25.37 37.29
C GLU B 245 -22.43 -25.42 38.64
N THR B 246 -23.50 -24.66 38.79
CA THR B 246 -24.27 -24.68 40.04
C THR B 246 -25.63 -24.04 39.78
N ASN B 247 -26.59 -24.36 40.63
CA ASN B 247 -27.96 -23.87 40.53
C ASN B 247 -28.57 -23.77 41.93
N TRP B 248 -29.55 -22.89 42.08
CA TRP B 248 -30.32 -22.80 43.33
C TRP B 248 -31.71 -22.43 42.85
N PRO B 249 -32.71 -23.21 43.27
CA PRO B 249 -34.08 -22.94 42.86
C PRO B 249 -34.87 -21.81 43.50
N ILE B 250 -35.71 -21.18 42.70
CA ILE B 250 -36.59 -20.14 43.21
C ILE B 250 -37.92 -20.88 43.40
N SER B 251 -37.92 -22.16 43.01
CA SER B 251 -39.11 -23.00 43.14
C SER B 251 -38.77 -24.48 43.06
N CYS B 252 -39.11 -25.25 44.09
CA CYS B 252 -38.84 -26.68 44.11
C CYS B 252 -39.90 -27.45 44.88
N PRO B 253 -41.12 -27.57 44.32
CA PRO B 253 -42.27 -28.27 44.91
C PRO B 253 -42.06 -29.71 45.37
N ASN B 254 -41.44 -30.53 44.53
CA ASN B 254 -41.23 -31.93 44.88
CA ASN B 254 -41.23 -31.92 44.90
C ASN B 254 -39.89 -32.47 44.43
N PRO B 255 -38.84 -32.24 45.22
CA PRO B 255 -37.49 -32.71 44.90
C PRO B 255 -37.37 -34.22 44.93
N ARG B 256 -36.50 -34.75 44.07
CA ARG B 256 -36.29 -36.18 44.02
C ARG B 256 -35.40 -36.60 45.20
N TYR B 257 -34.47 -35.73 45.59
CA TYR B 257 -33.58 -36.01 46.70
C TYR B 257 -33.67 -34.95 47.79
N SER B 258 -33.43 -35.38 49.03
CA SER B 258 -33.43 -34.46 50.16
C SER B 258 -32.26 -33.49 49.97
N PHE B 259 -32.44 -32.23 50.34
CA PHE B 259 -31.38 -31.23 50.22
C PHE B 259 -30.32 -31.37 51.32
N PRO B 260 -29.10 -30.87 51.06
CA PRO B 260 -28.00 -30.96 52.03
C PRO B 260 -28.39 -30.21 53.31
N SER B 261 -28.01 -30.77 54.45
CA SER B 261 -28.34 -30.17 55.75
C SER B 261 -27.95 -28.71 55.95
N ASP B 262 -26.77 -28.31 55.47
CA ASP B 262 -26.37 -26.91 55.68
C ASP B 262 -26.94 -25.88 54.70
N VAL B 263 -27.96 -26.28 53.94
CA VAL B 263 -28.60 -25.34 53.01
C VAL B 263 -30.12 -25.42 53.15
N LYS B 264 -30.58 -26.23 54.11
CA LYS B 264 -32.02 -26.44 54.36
C LYS B 264 -32.76 -25.18 54.83
N ASN B 265 -32.03 -24.21 55.35
CA ASN B 265 -32.63 -22.97 55.81
C ASN B 265 -32.74 -21.93 54.71
N ILE B 266 -32.06 -22.17 53.59
CA ILE B 266 -32.11 -21.22 52.48
C ILE B 266 -33.43 -21.39 51.73
N PRO B 267 -34.21 -20.32 51.61
CA PRO B 267 -35.50 -20.37 50.92
C PRO B 267 -35.38 -20.47 49.39
N PHE B 268 -36.41 -21.02 48.77
CA PHE B 268 -36.45 -21.13 47.32
C PHE B 268 -37.05 -19.82 46.85
N SER B 269 -36.17 -18.87 46.52
CA SER B 269 -36.58 -17.55 46.07
C SER B 269 -35.34 -16.85 45.57
N PRO B 270 -35.50 -15.67 44.94
CA PRO B 270 -34.35 -14.94 44.43
C PRO B 270 -33.37 -14.62 45.58
N GLU B 271 -33.92 -14.22 46.73
CA GLU B 271 -33.10 -13.90 47.89
C GLU B 271 -32.29 -15.14 48.27
N GLY B 272 -32.94 -16.29 48.21
CA GLY B 272 -32.27 -17.53 48.54
C GLY B 272 -31.15 -17.86 47.56
N GLN B 273 -31.35 -17.55 46.28
CA GLN B 273 -30.32 -17.81 45.27
C GLN B 273 -29.10 -16.96 45.59
N THR B 274 -29.37 -15.70 45.95
CA THR B 274 -28.31 -14.76 46.29
C THR B 274 -27.46 -15.32 47.43
N THR B 275 -28.14 -15.81 48.47
CA THR B 275 -27.44 -16.37 49.62
C THR B 275 -26.62 -17.60 49.25
N PHE B 276 -27.24 -18.53 48.53
CA PHE B 276 -26.56 -19.75 48.12
C PHE B 276 -25.35 -19.48 47.23
N ILE B 277 -25.56 -18.68 46.18
CA ILE B 277 -24.48 -18.36 45.25
C ILE B 277 -23.33 -17.65 45.96
N THR B 278 -23.65 -16.69 46.83
CA THR B 278 -22.63 -15.96 47.57
C THR B 278 -21.85 -16.90 48.47
N ASN B 279 -22.55 -17.83 49.14
CA ASN B 279 -21.89 -18.77 50.02
C ASN B 279 -20.97 -19.74 49.26
N VAL B 280 -21.44 -20.23 48.11
CA VAL B 280 -20.61 -21.14 47.34
C VAL B 280 -19.38 -20.38 46.84
N ALA B 281 -19.58 -19.14 46.42
CA ALA B 281 -18.50 -18.30 45.93
C ALA B 281 -17.44 -18.13 47.00
N ASN B 282 -17.88 -17.85 48.22
CA ASN B 282 -16.94 -17.64 49.31
C ASN B 282 -16.27 -18.92 49.79
N ILE B 283 -16.86 -20.06 49.48
CA ILE B 283 -16.24 -21.32 49.87
C ILE B 283 -15.07 -21.49 48.92
N VAL B 284 -15.32 -21.23 47.65
CA VAL B 284 -14.28 -21.33 46.65
C VAL B 284 -13.13 -20.37 46.99
N SER B 285 -13.47 -19.13 47.33
CA SER B 285 -12.46 -18.14 47.68
C SER B 285 -11.64 -18.49 48.92
N SER B 286 -12.19 -19.34 49.79
CA SER B 286 -11.48 -19.72 51.01
C SER B 286 -10.50 -20.86 50.72
N VAL B 287 -10.51 -21.34 49.48
CA VAL B 287 -9.64 -22.44 49.07
C VAL B 287 -8.39 -21.93 48.35
N SER B 288 -7.26 -22.56 48.62
CA SER B 288 -6.01 -22.17 47.97
C SER B 288 -6.20 -22.22 46.44
N ARG B 289 -6.02 -21.07 45.80
CA ARG B 289 -6.17 -20.93 44.35
C ARG B 289 -7.61 -21.16 43.85
N GLY B 290 -8.60 -20.92 44.72
CA GLY B 290 -9.99 -21.06 44.30
C GLY B 290 -10.26 -19.77 43.55
N VAL B 291 -10.51 -19.86 42.24
CA VAL B 291 -10.69 -18.63 41.47
C VAL B 291 -11.98 -18.38 40.70
N GLY B 292 -12.90 -19.34 40.65
CA GLY B 292 -14.11 -19.09 39.89
C GLY B 292 -15.41 -19.77 40.28
N LEU B 293 -16.51 -19.17 39.84
CA LEU B 293 -17.85 -19.68 40.06
C LEU B 293 -18.68 -19.39 38.81
N PHE B 294 -19.41 -20.39 38.33
CA PHE B 294 -20.26 -20.22 37.16
C PHE B 294 -21.65 -20.81 37.41
N TYR B 295 -22.67 -19.99 37.26
CA TYR B 295 -24.04 -20.44 37.45
C TYR B 295 -24.47 -21.06 36.11
N TRP B 296 -25.16 -22.19 36.14
CA TRP B 296 -25.54 -22.83 34.87
C TRP B 296 -26.88 -22.42 34.28
N GLU B 297 -26.83 -21.82 33.10
CA GLU B 297 -28.02 -21.42 32.34
C GLU B 297 -29.09 -20.62 33.09
N PRO B 298 -28.71 -19.46 33.64
CA PRO B 298 -29.68 -18.65 34.38
C PRO B 298 -30.84 -18.06 33.54
N ALA B 299 -30.64 -17.96 32.23
CA ALA B 299 -31.66 -17.36 31.37
C ALA B 299 -32.46 -18.32 30.48
N TRP B 300 -32.31 -19.63 30.69
CA TRP B 300 -33.03 -20.62 29.88
C TRP B 300 -34.45 -20.78 30.42
N ILE B 301 -35.26 -19.75 30.28
CA ILE B 301 -36.63 -19.77 30.81
C ILE B 301 -37.59 -20.81 30.23
N HIS B 302 -37.30 -21.33 29.05
CA HIS B 302 -38.16 -22.36 28.46
C HIS B 302 -37.77 -23.76 28.92
N ASN B 303 -36.78 -23.83 29.81
CA ASN B 303 -36.28 -25.08 30.36
C ASN B 303 -35.94 -24.78 31.82
N ALA B 304 -36.89 -24.11 32.47
CA ALA B 304 -36.75 -23.66 33.86
C ALA B 304 -36.17 -24.61 34.90
N ASN B 305 -36.58 -25.87 34.88
CA ASN B 305 -36.05 -26.81 35.86
C ASN B 305 -34.62 -27.21 35.54
N LEU B 306 -34.15 -26.82 34.36
CA LEU B 306 -32.79 -27.10 33.93
C LEU B 306 -32.39 -28.57 34.14
N GLY B 307 -33.27 -29.48 33.73
CA GLY B 307 -33.00 -30.89 33.85
C GLY B 307 -33.01 -31.50 35.24
N SER B 308 -33.36 -30.71 36.25
CA SER B 308 -33.40 -31.22 37.63
C SER B 308 -34.84 -31.50 38.05
N SER B 309 -35.01 -32.05 39.25
CA SER B 309 -36.33 -32.35 39.79
C SER B 309 -37.01 -31.11 40.36
N CYS B 310 -36.25 -30.02 40.50
CA CYS B 310 -36.82 -28.77 41.02
C CYS B 310 -37.49 -28.05 39.84
N ALA B 311 -38.57 -27.35 40.13
CA ALA B 311 -39.33 -26.64 39.09
C ALA B 311 -38.67 -25.45 38.39
N ASP B 312 -37.96 -24.62 39.13
CA ASP B 312 -37.35 -23.44 38.50
C ASP B 312 -36.01 -23.05 39.12
N ASN B 313 -34.96 -23.11 38.31
CA ASN B 313 -33.60 -22.75 38.75
C ASN B 313 -33.06 -21.54 38.00
N THR B 314 -33.89 -20.91 37.19
CA THR B 314 -33.43 -19.75 36.42
C THR B 314 -33.33 -18.51 37.30
N MET B 315 -32.71 -17.47 36.75
CA MET B 315 -32.53 -16.21 37.46
C MET B 315 -33.23 -15.09 36.68
N PHE B 316 -34.17 -15.48 35.84
CA PHE B 316 -34.94 -14.56 35.01
C PHE B 316 -36.42 -14.98 35.10
N SER B 317 -37.32 -14.01 34.95
CA SER B 317 -38.75 -14.30 35.00
C SER B 317 -39.17 -14.99 33.71
N GLN B 318 -40.38 -15.53 33.68
CA GLN B 318 -40.86 -16.21 32.48
C GLN B 318 -41.06 -15.27 31.28
N SER B 319 -40.97 -13.97 31.52
CA SER B 319 -41.12 -12.97 30.47
C SER B 319 -39.73 -12.60 29.95
N GLY B 320 -38.71 -13.03 30.67
CA GLY B 320 -37.35 -12.74 30.25
C GLY B 320 -36.69 -11.59 31.01
N GLN B 321 -37.24 -11.22 32.16
CA GLN B 321 -36.64 -10.14 32.94
C GLN B 321 -35.73 -10.67 34.03
N ALA B 322 -34.53 -10.12 34.10
CA ALA B 322 -33.55 -10.53 35.11
C ALA B 322 -34.13 -10.32 36.51
N LEU B 323 -34.02 -11.33 37.35
CA LEU B 323 -34.48 -11.25 38.74
C LEU B 323 -33.42 -10.51 39.57
N SER B 324 -33.82 -10.06 40.75
CA SER B 324 -32.93 -9.33 41.65
C SER B 324 -31.69 -10.12 42.03
N SER B 325 -31.77 -11.44 41.97
CA SER B 325 -30.63 -12.29 42.33
C SER B 325 -29.43 -12.19 41.37
N LEU B 326 -29.68 -11.70 40.14
CA LEU B 326 -28.60 -11.58 39.16
C LEU B 326 -27.48 -10.64 39.61
N SER B 327 -27.83 -9.63 40.40
CA SER B 327 -26.84 -8.65 40.87
C SER B 327 -25.83 -9.23 41.88
N VAL B 328 -26.00 -10.50 42.25
CA VAL B 328 -25.10 -11.16 43.19
C VAL B 328 -23.66 -11.19 42.64
N PHE B 329 -23.52 -11.22 41.33
CA PHE B 329 -22.20 -11.27 40.71
C PHE B 329 -21.42 -9.98 40.90
N GLN B 330 -22.07 -8.97 41.46
CA GLN B 330 -21.42 -7.69 41.73
C GLN B 330 -20.79 -7.72 43.12
N ARG B 331 -21.08 -8.75 43.89
CA ARG B 331 -20.59 -8.83 45.26
C ARG B 331 -19.74 -10.04 45.64
N ILE B 332 -19.19 -10.74 44.66
CA ILE B 332 -18.35 -11.90 44.94
C ILE B 332 -16.99 -11.84 44.24
N ALA C 1 13.20 7.58 -42.92
CA ALA C 1 12.27 7.65 -41.76
C ALA C 1 12.17 9.08 -41.22
N LEU C 2 13.31 9.69 -40.94
CA LEU C 2 13.32 11.06 -40.42
C LEU C 2 12.77 12.07 -41.41
N THR C 3 11.97 13.00 -40.92
CA THR C 3 11.41 14.04 -41.76
C THR C 3 12.49 15.10 -42.03
N TYR C 4 13.25 15.42 -40.99
CA TYR C 4 14.30 16.41 -41.10
C TYR C 4 15.68 15.81 -40.92
N ARG C 5 16.50 15.91 -41.96
CA ARG C 5 17.86 15.40 -41.93
C ARG C 5 18.69 16.67 -42.15
N GLY C 6 19.22 17.26 -41.08
CA GLY C 6 19.95 18.49 -41.28
C GLY C 6 21.21 18.77 -40.49
N VAL C 7 21.70 19.98 -40.67
CA VAL C 7 22.88 20.45 -39.99
C VAL C 7 22.72 21.94 -39.75
N ASP C 8 23.42 22.46 -38.75
CA ASP C 8 23.40 23.88 -38.46
C ASP C 8 24.63 24.37 -39.23
N TRP C 9 24.42 25.18 -40.25
CA TRP C 9 25.53 25.68 -41.07
C TRP C 9 25.71 27.18 -40.92
N SER C 10 25.23 27.73 -39.81
CA SER C 10 25.30 29.15 -39.53
C SER C 10 26.61 29.85 -39.89
N SER C 11 27.73 29.26 -39.55
CA SER C 11 29.05 29.85 -39.81
C SER C 11 29.50 29.89 -41.27
N VAL C 12 28.69 29.36 -42.18
CA VAL C 12 29.07 29.31 -43.60
C VAL C 12 29.69 30.59 -44.19
N VAL C 13 29.00 31.73 -44.08
CA VAL C 13 29.54 32.97 -44.64
C VAL C 13 30.75 33.46 -43.86
N VAL C 14 30.76 33.25 -42.55
CA VAL C 14 31.91 33.66 -41.75
C VAL C 14 33.14 32.91 -42.27
N GLU C 15 32.99 31.61 -42.51
CA GLU C 15 34.11 30.80 -43.00
C GLU C 15 34.54 31.13 -44.43
N GLU C 16 33.57 31.36 -45.30
CA GLU C 16 33.90 31.69 -46.69
C GLU C 16 34.68 33.01 -46.72
N ARG C 17 34.25 33.99 -45.94
CA ARG C 17 34.96 35.26 -45.93
C ARG C 17 36.36 35.07 -45.32
N ALA C 18 36.51 34.07 -44.45
CA ALA C 18 37.80 33.77 -43.82
C ALA C 18 38.69 33.01 -44.79
N GLY C 19 38.20 32.80 -46.01
CA GLY C 19 39.00 32.11 -47.01
C GLY C 19 38.77 30.62 -47.21
N VAL C 20 37.75 30.06 -46.56
CA VAL C 20 37.49 28.64 -46.73
C VAL C 20 36.82 28.36 -48.07
N SER C 21 37.35 27.36 -48.78
CA SER C 21 36.80 26.96 -50.06
C SER C 21 36.34 25.52 -49.89
N TYR C 22 35.02 25.34 -49.80
CA TYR C 22 34.46 24.01 -49.60
C TYR C 22 34.50 23.13 -50.85
N LYS C 23 34.78 21.85 -50.61
CA LYS C 23 34.88 20.87 -51.70
C LYS C 23 34.09 19.61 -51.35
N ASN C 24 33.55 18.96 -52.37
CA ASN C 24 32.79 17.72 -52.17
C ASN C 24 33.76 16.57 -51.91
N THR C 25 33.21 15.40 -51.61
CA THR C 25 34.04 14.23 -51.32
C THR C 25 34.97 13.88 -52.49
N ASN C 26 34.61 14.33 -53.69
CA ASN C 26 35.42 14.06 -54.88
C ASN C 26 36.63 14.96 -54.88
N GLY C 27 36.59 16.00 -54.06
CA GLY C 27 37.70 16.92 -54.02
C GLY C 27 37.49 18.14 -54.90
N ASN C 28 36.30 18.28 -55.47
CA ASN C 28 36.03 19.43 -56.33
C ASN C 28 35.29 20.54 -55.62
N ALA C 29 35.72 21.77 -55.87
CA ALA C 29 35.10 22.94 -55.26
C ALA C 29 33.61 22.98 -55.61
N GLN C 30 32.80 23.28 -54.62
CA GLN C 30 31.36 23.35 -54.81
C GLN C 30 30.73 24.11 -53.64
N PRO C 31 29.65 24.87 -53.91
CA PRO C 31 29.01 25.63 -52.82
C PRO C 31 28.61 24.67 -51.69
N LEU C 32 28.85 25.07 -50.45
CA LEU C 32 28.51 24.24 -49.30
C LEU C 32 27.07 23.74 -49.33
N GLU C 33 26.12 24.61 -49.62
CA GLU C 33 24.72 24.19 -49.65
C GLU C 33 24.49 23.05 -50.64
N ASN C 34 25.22 23.08 -51.76
CA ASN C 34 25.07 22.03 -52.77
C ASN C 34 25.73 20.73 -52.30
N ILE C 35 26.84 20.85 -51.58
CA ILE C 35 27.52 19.69 -51.06
C ILE C 35 26.59 18.99 -50.05
N LEU C 36 26.02 19.78 -49.14
CA LEU C 36 25.10 19.27 -48.13
C LEU C 36 23.93 18.55 -48.79
N ALA C 37 23.30 19.21 -49.76
CA ALA C 37 22.16 18.64 -50.45
C ALA C 37 22.54 17.32 -51.12
N ALA C 38 23.69 17.32 -51.81
CA ALA C 38 24.15 16.14 -52.49
C ALA C 38 24.35 14.97 -51.52
N ASN C 39 24.58 15.28 -50.26
CA ASN C 39 24.81 14.24 -49.26
C ASN C 39 23.59 13.84 -48.43
N GLY C 40 22.40 14.22 -48.88
CA GLY C 40 21.20 13.83 -48.17
C GLY C 40 20.55 14.84 -47.23
N VAL C 41 21.26 15.92 -46.93
CA VAL C 41 20.72 16.96 -46.05
C VAL C 41 19.52 17.63 -46.72
N ASN C 42 18.43 17.80 -45.98
CA ASN C 42 17.26 18.47 -46.56
C ASN C 42 16.84 19.70 -45.79
N THR C 43 17.54 19.99 -44.69
CA THR C 43 17.21 21.15 -43.88
C THR C 43 18.45 21.73 -43.20
N VAL C 44 18.52 23.06 -43.12
CA VAL C 44 19.64 23.70 -42.47
C VAL C 44 19.12 24.59 -41.35
N ARG C 45 19.79 24.50 -40.21
CA ARG C 45 19.45 25.27 -39.02
C ARG C 45 20.38 26.49 -39.01
N GLN C 46 19.84 27.64 -38.60
CA GLN C 46 20.60 28.88 -38.57
C GLN C 46 20.27 29.65 -37.29
N ARG C 47 21.31 30.11 -36.59
CA ARG C 47 21.10 30.88 -35.38
C ARG C 47 20.89 32.35 -35.75
N VAL C 48 19.93 32.98 -35.10
CA VAL C 48 19.62 34.39 -35.34
C VAL C 48 19.81 35.20 -34.07
N TRP C 49 20.64 36.23 -34.16
CA TRP C 49 20.91 37.12 -33.04
C TRP C 49 20.24 38.46 -33.36
N VAL C 50 19.82 39.18 -32.32
CA VAL C 50 19.11 40.45 -32.47
C VAL C 50 19.92 41.58 -33.09
N ASN C 51 20.96 42.06 -32.40
CA ASN C 51 21.81 43.12 -32.94
C ASN C 51 23.29 42.91 -32.64
N PRO C 52 23.90 41.86 -33.20
CA PRO C 52 25.33 41.63 -32.93
C PRO C 52 26.11 42.79 -33.56
N ALA C 53 27.09 43.30 -32.84
CA ALA C 53 27.90 44.42 -33.32
C ALA C 53 28.51 44.21 -34.69
N ASP C 54 29.18 43.07 -34.90
CA ASP C 54 29.81 42.80 -36.20
C ASP C 54 28.82 42.28 -37.25
N GLY C 55 27.55 42.22 -36.90
CA GLY C 55 26.55 41.77 -37.86
C GLY C 55 26.42 40.27 -38.14
N ASN C 56 27.38 39.47 -37.70
CA ASN C 56 27.31 38.03 -37.96
C ASN C 56 26.10 37.42 -37.27
N TYR C 57 25.33 36.64 -38.02
CA TYR C 57 24.14 35.96 -37.54
C TYR C 57 22.94 36.88 -37.30
N ASN C 58 23.03 38.14 -37.74
CA ASN C 58 21.86 39.00 -37.55
C ASN C 58 20.84 38.60 -38.63
N LEU C 59 19.69 39.24 -38.68
CA LEU C 59 18.67 38.85 -39.64
C LEU C 59 19.08 38.92 -41.11
N ASP C 60 19.78 39.99 -41.52
CA ASP C 60 20.21 40.11 -42.90
C ASP C 60 21.16 38.99 -43.26
N TYR C 61 22.05 38.66 -42.33
CA TYR C 61 23.01 37.60 -42.56
C TYR C 61 22.27 36.30 -42.82
N ASN C 62 21.22 36.06 -42.04
CA ASN C 62 20.41 34.86 -42.16
C ASN C 62 19.54 34.81 -43.41
N ILE C 63 19.02 35.96 -43.83
CA ILE C 63 18.20 36.00 -45.03
C ILE C 63 19.08 35.65 -46.23
N ALA C 64 20.30 36.20 -46.26
CA ALA C 64 21.21 35.92 -47.36
C ALA C 64 21.54 34.43 -47.50
N ILE C 65 21.86 33.76 -46.39
CA ILE C 65 22.19 32.34 -46.51
C ILE C 65 20.94 31.49 -46.66
N ALA C 66 19.81 31.97 -46.14
CA ALA C 66 18.55 31.24 -46.28
C ALA C 66 18.17 31.20 -47.75
N LYS C 67 18.43 32.28 -48.47
CA LYS C 67 18.13 32.33 -49.91
C LYS C 67 18.97 31.28 -50.63
N ARG C 68 20.23 31.16 -50.24
CA ARG C 68 21.13 30.18 -50.85
C ARG C 68 20.66 28.76 -50.56
N ALA C 69 20.20 28.54 -49.33
CA ALA C 69 19.70 27.23 -48.94
C ALA C 69 18.48 26.90 -49.79
N LYS C 70 17.57 27.86 -49.91
CA LYS C 70 16.36 27.70 -50.70
C LYS C 70 16.72 27.30 -52.13
N ALA C 71 17.69 28.00 -52.72
CA ALA C 71 18.10 27.72 -54.09
C ALA C 71 18.69 26.32 -54.24
N ALA C 72 19.19 25.77 -53.15
CA ALA C 72 19.76 24.42 -53.18
C ALA C 72 18.70 23.37 -52.81
N GLY C 73 17.46 23.82 -52.65
CA GLY C 73 16.39 22.90 -52.30
C GLY C 73 16.36 22.49 -50.84
N LEU C 74 17.01 23.28 -49.99
CA LEU C 74 17.05 22.98 -48.56
C LEU C 74 16.06 23.81 -47.76
N GLY C 75 15.38 23.17 -46.81
CA GLY C 75 14.43 23.88 -45.97
C GLY C 75 15.21 24.64 -44.92
N VAL C 76 14.59 25.61 -44.27
CA VAL C 76 15.29 26.40 -43.26
C VAL C 76 14.65 26.33 -41.88
N TYR C 77 15.50 26.12 -40.88
CA TYR C 77 15.11 26.04 -39.47
C TYR C 77 15.75 27.26 -38.81
N ILE C 78 14.91 28.24 -38.45
CA ILE C 78 15.39 29.46 -37.80
C ILE C 78 15.44 29.28 -36.28
N ASP C 79 16.62 29.49 -35.71
CA ASP C 79 16.83 29.35 -34.28
C ASP C 79 17.05 30.72 -33.63
N PHE C 80 15.97 31.30 -33.11
CA PHE C 80 16.03 32.61 -32.45
C PHE C 80 16.68 32.48 -31.08
N HIS C 81 17.80 33.17 -30.87
CA HIS C 81 18.46 33.13 -29.59
C HIS C 81 17.91 34.21 -28.66
N TYR C 82 17.23 35.20 -29.25
CA TYR C 82 16.67 36.30 -28.48
C TYR C 82 17.74 36.90 -27.57
N SER C 83 18.87 37.23 -28.19
CA SER C 83 20.03 37.81 -27.53
C SER C 83 20.93 38.34 -28.64
N ASP C 84 21.89 39.19 -28.30
CA ASP C 84 22.80 39.73 -29.32
C ASP C 84 23.97 38.77 -29.49
N THR C 85 24.04 37.77 -28.62
CA THR C 85 25.14 36.82 -28.67
C THR C 85 24.68 35.42 -28.25
N TRP C 86 25.62 34.48 -28.17
CA TRP C 86 25.30 33.10 -27.80
C TRP C 86 24.33 32.93 -26.63
N ALA C 87 23.27 32.17 -26.85
CA ALA C 87 22.30 31.90 -25.80
C ALA C 87 22.41 30.43 -25.43
N ASP C 88 22.64 30.14 -24.17
CA ASP C 88 22.75 28.78 -23.69
C ASP C 88 22.22 28.73 -22.25
N PRO C 89 22.22 27.55 -21.61
CA PRO C 89 21.71 27.48 -20.24
C PRO C 89 22.36 28.44 -19.24
N ALA C 90 23.58 28.87 -19.51
CA ALA C 90 24.28 29.77 -18.61
C ALA C 90 24.34 31.21 -19.12
N HIS C 91 23.78 31.45 -20.30
CA HIS C 91 23.77 32.80 -20.86
C HIS C 91 22.52 33.08 -21.69
N GLN C 92 21.69 33.99 -21.21
CA GLN C 92 20.48 34.40 -21.91
C GLN C 92 20.47 35.92 -21.76
N THR C 93 21.53 36.53 -22.28
CA THR C 93 21.71 37.98 -22.19
C THR C 93 20.71 38.79 -22.99
N MET C 94 20.05 39.71 -22.28
CA MET C 94 19.06 40.60 -22.85
C MET C 94 19.62 41.35 -24.04
N PRO C 95 18.84 41.44 -25.13
CA PRO C 95 19.34 42.16 -26.30
C PRO C 95 19.50 43.61 -25.86
N ALA C 96 20.55 44.28 -26.32
CA ALA C 96 20.76 45.68 -25.92
C ALA C 96 19.56 46.51 -26.38
N GLY C 97 19.07 47.38 -25.49
CA GLY C 97 17.95 48.24 -25.83
C GLY C 97 16.60 47.71 -25.42
N TRP C 98 16.50 46.42 -25.11
CA TRP C 98 15.22 45.83 -24.70
C TRP C 98 14.91 46.11 -23.23
N PRO C 99 13.63 46.41 -22.92
CA PRO C 99 13.20 46.70 -21.55
C PRO C 99 13.24 45.46 -20.65
N SER C 100 13.41 45.67 -19.35
CA SER C 100 13.47 44.57 -18.39
C SER C 100 12.13 44.19 -17.74
N ASP C 101 11.20 45.11 -17.67
CA ASP C 101 9.91 44.81 -17.04
C ASP C 101 9.10 43.87 -17.93
N ILE C 102 8.52 42.85 -17.31
CA ILE C 102 7.76 41.84 -18.04
C ILE C 102 6.71 42.35 -19.02
N ASP C 103 5.90 43.33 -18.62
CA ASP C 103 4.89 43.83 -19.55
C ASP C 103 5.49 44.33 -20.86
N ASN C 104 6.47 45.23 -20.77
CA ASN C 104 7.09 45.77 -21.98
C ASN C 104 8.00 44.79 -22.70
N LEU C 105 8.68 43.93 -21.95
CA LEU C 105 9.57 42.94 -22.56
C LEU C 105 8.74 41.97 -23.39
N SER C 106 7.62 41.55 -22.84
CA SER C 106 6.73 40.62 -23.51
C SER C 106 6.26 41.22 -24.84
N TRP C 107 5.97 42.51 -24.82
CA TRP C 107 5.52 43.22 -25.99
C TRP C 107 6.66 43.38 -27.01
N LYS C 108 7.86 43.63 -26.51
CA LYS C 108 9.03 43.80 -27.37
C LYS C 108 9.34 42.49 -28.07
N LEU C 109 9.27 41.40 -27.31
CA LEU C 109 9.57 40.08 -27.84
C LEU C 109 8.59 39.75 -28.97
N TYR C 110 7.32 40.11 -28.76
CA TYR C 110 6.29 39.87 -29.75
C TYR C 110 6.58 40.69 -31.00
N ASN C 111 6.84 41.98 -30.84
CA ASN C 111 7.14 42.85 -31.97
C ASN C 111 8.35 42.36 -32.76
N TYR C 112 9.41 42.02 -32.05
CA TYR C 112 10.64 41.54 -32.68
C TYR C 112 10.40 40.29 -33.51
N THR C 113 9.71 39.31 -32.92
CA THR C 113 9.42 38.06 -33.61
C THR C 113 8.51 38.29 -34.80
N LEU C 114 7.43 39.05 -34.60
CA LEU C 114 6.51 39.35 -35.69
C LEU C 114 7.26 40.04 -36.82
N ASP C 115 8.04 41.05 -36.47
CA ASP C 115 8.82 41.79 -37.45
C ASP C 115 9.77 40.89 -38.24
N ALA C 116 10.52 40.06 -37.52
CA ALA C 116 11.47 39.15 -38.15
C ALA C 116 10.76 38.18 -39.09
N ALA C 117 9.62 37.65 -38.64
CA ALA C 117 8.84 36.71 -39.43
C ALA C 117 8.38 37.35 -40.72
N ASN C 118 7.86 38.58 -40.63
CA ASN C 118 7.38 39.28 -41.81
C ASN C 118 8.52 39.58 -42.79
N LYS C 119 9.69 39.89 -42.26
CA LYS C 119 10.85 40.19 -43.12
C LYS C 119 11.29 38.93 -43.85
N LEU C 120 11.22 37.80 -43.15
CA LEU C 120 11.58 36.54 -43.76
C LEU C 120 10.59 36.25 -44.90
N GLN C 121 9.30 36.42 -44.60
CA GLN C 121 8.26 36.19 -45.58
C GLN C 121 8.48 37.07 -46.81
N ASN C 122 8.74 38.35 -46.58
CA ASN C 122 8.97 39.29 -47.68
C ASN C 122 10.20 38.94 -48.49
N ALA C 123 11.13 38.19 -47.90
CA ALA C 123 12.33 37.79 -48.62
C ALA C 123 12.11 36.44 -49.32
N GLY C 124 10.89 35.93 -49.22
CA GLY C 124 10.56 34.66 -49.84
C GLY C 124 11.05 33.47 -49.04
N ILE C 125 11.31 33.67 -47.75
CA ILE C 125 11.80 32.59 -46.90
C ILE C 125 10.74 32.16 -45.88
N GLN C 126 10.22 30.94 -46.04
CA GLN C 126 9.24 30.40 -45.10
C GLN C 126 9.91 29.23 -44.40
N PRO C 127 10.50 29.48 -43.22
CA PRO C 127 11.16 28.39 -42.50
C PRO C 127 10.18 27.27 -42.15
N THR C 128 10.65 26.04 -42.21
CA THR C 128 9.80 24.91 -41.87
C THR C 128 9.75 24.77 -40.35
N ILE C 129 10.78 25.30 -39.69
CA ILE C 129 10.85 25.24 -38.23
C ILE C 129 11.41 26.53 -37.63
N VAL C 130 10.82 26.95 -36.51
CA VAL C 130 11.28 28.14 -35.80
C VAL C 130 11.30 27.83 -34.31
N SER C 131 12.47 27.95 -33.69
CA SER C 131 12.55 27.70 -32.26
C SER C 131 12.49 29.06 -31.57
N ILE C 132 11.65 29.18 -30.55
CA ILE C 132 11.55 30.44 -29.83
C ILE C 132 12.51 30.34 -28.65
N GLY C 133 13.79 30.59 -28.94
CA GLY C 133 14.83 30.53 -27.93
C GLY C 133 15.75 29.37 -28.20
N ASN C 134 16.96 29.42 -27.65
CA ASN C 134 17.94 28.36 -27.83
C ASN C 134 18.33 27.82 -26.44
N GLU C 135 18.13 26.52 -26.25
CA GLU C 135 18.43 25.86 -24.97
C GLU C 135 18.00 26.72 -23.78
N ILE C 136 16.70 27.01 -23.71
CA ILE C 136 16.18 27.85 -22.63
C ILE C 136 15.83 27.08 -21.36
N ARG C 137 16.64 26.07 -21.04
CA ARG C 137 16.42 25.24 -19.87
C ARG C 137 16.44 26.06 -18.57
N ALA C 138 17.20 27.15 -18.57
CA ALA C 138 17.26 28.01 -17.40
C ALA C 138 16.54 29.32 -17.74
N GLY C 139 15.59 29.24 -18.66
CA GLY C 139 14.83 30.40 -19.05
C GLY C 139 15.44 31.18 -20.20
N LEU C 140 14.97 32.42 -20.39
CA LEU C 140 15.46 33.29 -21.44
C LEU C 140 15.34 34.75 -21.02
N LEU C 141 15.97 35.65 -21.79
CA LEU C 141 15.90 37.07 -21.51
C LEU C 141 16.08 37.37 -20.01
N TRP C 142 17.23 36.99 -19.49
CA TRP C 142 17.55 37.19 -18.08
C TRP C 142 17.63 38.68 -17.71
N PRO C 143 17.27 39.02 -16.47
CA PRO C 143 16.80 38.10 -15.42
C PRO C 143 15.28 37.92 -15.45
N THR C 144 14.62 38.71 -16.28
CA THR C 144 13.16 38.65 -16.38
C THR C 144 12.59 37.24 -16.61
N GLY C 145 13.16 36.51 -17.55
CA GLY C 145 12.68 35.18 -17.85
C GLY C 145 13.56 34.09 -17.28
N ARG C 146 14.21 34.42 -16.17
CA ARG C 146 15.09 33.47 -15.51
C ARG C 146 14.30 32.45 -14.69
N THR C 147 14.72 31.18 -14.74
CA THR C 147 14.03 30.19 -13.92
C THR C 147 14.48 30.57 -12.51
N GLU C 148 13.63 30.37 -11.50
CA GLU C 148 12.31 29.77 -11.64
C GLU C 148 11.12 30.70 -11.81
N ASN C 149 11.27 31.79 -12.54
CA ASN C 149 10.11 32.65 -12.74
C ASN C 149 9.25 32.08 -13.87
N TRP C 150 8.62 30.94 -13.61
CA TRP C 150 7.77 30.26 -14.59
C TRP C 150 6.70 31.15 -15.22
N ALA C 151 6.07 31.99 -14.40
CA ALA C 151 5.03 32.88 -14.89
C ALA C 151 5.57 33.79 -16.01
N ASN C 152 6.75 34.35 -15.82
CA ASN C 152 7.33 35.22 -16.83
C ASN C 152 7.74 34.42 -18.07
N ILE C 153 8.35 33.26 -17.86
CA ILE C 153 8.80 32.43 -18.96
C ILE C 153 7.63 32.03 -19.86
N ALA C 154 6.55 31.55 -19.24
CA ALA C 154 5.38 31.14 -20.00
C ALA C 154 4.78 32.30 -20.79
N ARG C 155 4.73 33.49 -20.18
CA ARG C 155 4.17 34.63 -20.87
C ARG C 155 5.06 35.09 -22.01
N LEU C 156 6.37 35.06 -21.80
CA LEU C 156 7.29 35.45 -22.84
C LEU C 156 7.19 34.49 -24.03
N LEU C 157 7.14 33.19 -23.74
CA LEU C 157 7.05 32.18 -24.81
C LEU C 157 5.72 32.29 -25.55
N HIS C 158 4.67 32.67 -24.82
CA HIS C 158 3.35 32.85 -25.42
C HIS C 158 3.43 34.01 -26.42
N SER C 159 4.08 35.09 -26.02
CA SER C 159 4.21 36.26 -26.88
C SER C 159 5.03 35.94 -28.13
N ALA C 160 6.10 35.17 -27.94
CA ALA C 160 6.97 34.80 -29.06
C ALA C 160 6.19 33.93 -30.05
N ALA C 161 5.51 32.92 -29.53
CA ALA C 161 4.73 32.03 -30.39
C ALA C 161 3.70 32.79 -31.21
N TRP C 162 2.96 33.68 -30.57
CA TRP C 162 1.95 34.44 -31.29
C TRP C 162 2.54 35.48 -32.22
N GLY C 163 3.82 35.81 -32.04
CA GLY C 163 4.46 36.76 -32.93
C GLY C 163 4.58 36.06 -34.28
N ILE C 164 4.77 34.74 -34.21
CA ILE C 164 4.90 33.92 -35.40
C ILE C 164 3.51 33.66 -36.01
N LYS C 165 2.56 33.34 -35.14
CA LYS C 165 1.20 33.05 -35.60
C LYS C 165 0.51 34.25 -36.24
N ASP C 166 0.83 35.46 -35.76
CA ASP C 166 0.22 36.67 -36.31
C ASP C 166 0.98 37.22 -37.51
N SER C 167 2.07 36.57 -37.89
CA SER C 167 2.88 37.04 -39.02
C SER C 167 2.31 36.69 -40.39
N SER C 168 2.98 37.15 -41.44
CA SER C 168 2.54 36.88 -42.80
C SER C 168 3.18 35.63 -43.40
N LEU C 169 3.98 34.91 -42.60
CA LEU C 169 4.64 33.71 -43.09
C LEU C 169 3.61 32.73 -43.63
N SER C 170 3.78 32.32 -44.88
CA SER C 170 2.86 31.38 -45.50
C SER C 170 3.59 30.47 -46.48
N PRO C 171 3.63 29.16 -46.19
CA PRO C 171 3.04 28.51 -45.02
C PRO C 171 3.70 28.88 -43.70
N LYS C 172 2.97 28.70 -42.60
CA LYS C 172 3.50 29.00 -41.28
C LYS C 172 4.49 27.91 -40.88
N PRO C 173 5.47 28.24 -40.04
CA PRO C 173 6.47 27.26 -39.61
C PRO C 173 5.99 26.48 -38.39
N LYS C 174 6.67 25.36 -38.10
CA LYS C 174 6.34 24.60 -36.91
C LYS C 174 7.09 25.36 -35.81
N ILE C 175 6.41 25.57 -34.68
CA ILE C 175 7.01 26.30 -33.57
C ILE C 175 7.65 25.32 -32.58
N MET C 176 8.94 25.53 -32.32
CA MET C 176 9.68 24.66 -31.43
C MET C 176 10.22 25.30 -30.16
N ILE C 177 10.24 24.53 -29.09
CA ILE C 177 10.82 24.96 -27.81
C ILE C 177 12.03 24.03 -27.68
N HIS C 178 13.19 24.63 -27.46
CA HIS C 178 14.44 23.88 -27.39
C HIS C 178 15.13 23.89 -26.03
N LEU C 179 15.34 22.70 -25.48
CA LEU C 179 16.02 22.52 -24.20
C LEU C 179 17.28 21.69 -24.44
N ASP C 180 18.27 21.85 -23.57
CA ASP C 180 19.52 21.09 -23.71
C ASP C 180 19.37 19.76 -22.98
N ASN C 181 20.44 18.98 -22.94
CA ASN C 181 20.45 17.68 -22.27
C ASN C 181 19.20 16.83 -22.49
N GLY C 182 18.98 16.44 -23.74
CA GLY C 182 17.82 15.62 -24.08
C GLY C 182 17.70 14.33 -23.30
N TRP C 183 18.84 13.81 -22.84
CA TRP C 183 18.88 12.56 -22.09
C TRP C 183 18.35 12.70 -20.66
N ASP C 184 18.29 13.94 -20.17
CA ASP C 184 17.84 14.22 -18.81
C ASP C 184 16.34 14.38 -18.68
N TRP C 185 15.63 13.27 -18.54
CA TRP C 185 14.18 13.29 -18.41
C TRP C 185 13.70 14.16 -17.25
N GLY C 186 14.35 14.00 -16.10
CA GLY C 186 13.97 14.78 -14.93
C GLY C 186 13.87 16.27 -15.21
N THR C 187 14.88 16.82 -15.87
CA THR C 187 14.88 18.24 -16.18
C THR C 187 13.86 18.60 -17.24
N GLN C 188 13.75 17.78 -18.30
CA GLN C 188 12.76 18.05 -19.35
C GLN C 188 11.38 18.13 -18.72
N ASN C 189 11.06 17.13 -17.88
CA ASN C 189 9.75 17.04 -17.22
C ASN C 189 9.52 18.22 -16.28
N TRP C 190 10.54 18.54 -15.49
CA TRP C 190 10.47 19.64 -14.54
C TRP C 190 10.17 20.95 -15.26
N TRP C 191 10.89 21.19 -16.35
CA TRP C 191 10.74 22.43 -17.12
C TRP C 191 9.34 22.59 -17.74
N TYR C 192 8.97 21.64 -18.60
CA TYR C 192 7.67 21.69 -19.29
C TYR C 192 6.49 21.69 -18.33
N THR C 193 6.57 20.89 -17.27
CA THR C 193 5.47 20.83 -16.31
C THR C 193 5.21 22.19 -15.67
N ASN C 194 6.27 22.82 -15.16
CA ASN C 194 6.12 24.12 -14.52
C ASN C 194 5.74 25.24 -15.48
N VAL C 195 6.25 25.20 -16.70
CA VAL C 195 5.92 26.23 -17.67
C VAL C 195 4.46 26.13 -18.11
N LEU C 196 4.01 24.92 -18.43
CA LEU C 196 2.66 24.70 -18.89
C LEU C 196 1.56 24.89 -17.84
N LYS C 197 1.91 24.73 -16.57
CA LYS C 197 0.90 24.89 -15.52
C LYS C 197 0.55 26.35 -15.22
N GLN C 198 1.27 27.28 -15.85
CA GLN C 198 0.99 28.69 -15.64
C GLN C 198 -0.33 29.12 -16.25
N GLY C 199 -0.74 28.46 -17.32
CA GLY C 199 -2.00 28.81 -17.95
C GLY C 199 -1.94 29.83 -19.07
N THR C 200 -0.77 30.36 -19.38
CA THR C 200 -0.65 31.33 -20.46
C THR C 200 -0.20 30.57 -21.70
N LEU C 201 1.03 30.06 -21.70
CA LEU C 201 1.50 29.28 -22.84
C LEU C 201 0.73 27.97 -22.77
N GLU C 202 0.12 27.56 -23.88
CA GLU C 202 -0.64 26.31 -23.90
C GLU C 202 0.02 25.33 -24.85
N LEU C 203 -0.28 24.04 -24.66
CA LEU C 203 0.30 23.02 -25.52
C LEU C 203 0.01 23.32 -26.99
N SER C 204 -1.14 23.91 -27.26
CA SER C 204 -1.51 24.23 -28.64
C SER C 204 -0.70 25.40 -29.21
N ASP C 205 0.03 26.10 -28.35
CA ASP C 205 0.82 27.24 -28.82
C ASP C 205 2.10 26.85 -29.57
N PHE C 206 2.58 25.63 -29.38
CA PHE C 206 3.78 25.19 -30.10
C PHE C 206 3.59 23.79 -30.67
N ASP C 207 4.51 23.38 -31.56
CA ASP C 207 4.38 22.09 -32.21
C ASP C 207 5.49 21.08 -31.99
N MET C 208 6.70 21.57 -31.70
CA MET C 208 7.82 20.65 -31.51
C MET C 208 8.62 20.88 -30.25
N MET C 209 9.27 19.82 -29.81
CA MET C 209 10.13 19.85 -28.65
C MET C 209 11.49 19.41 -29.18
N GLY C 210 12.47 20.30 -29.09
CA GLY C 210 13.79 19.97 -29.58
C GLY C 210 14.75 19.81 -28.42
N VAL C 211 15.73 18.94 -28.55
CA VAL C 211 16.71 18.75 -27.50
C VAL C 211 18.11 18.70 -28.07
N SER C 212 19.09 19.07 -27.26
CA SER C 212 20.48 19.00 -27.66
C SER C 212 20.94 17.66 -27.10
N PHE C 213 21.86 16.99 -27.80
CA PHE C 213 22.37 15.71 -27.32
C PHE C 213 23.84 15.58 -27.70
N TYR C 214 24.70 15.76 -26.69
CA TYR C 214 26.15 15.68 -26.88
C TYR C 214 26.72 14.57 -25.99
N PRO C 215 27.77 13.87 -26.46
CA PRO C 215 28.38 12.79 -25.70
C PRO C 215 29.55 13.20 -24.82
N PHE C 216 30.04 14.43 -24.97
CA PHE C 216 31.20 14.87 -24.21
C PHE C 216 31.03 15.91 -23.10
N TYR C 217 29.85 15.99 -22.50
CA TYR C 217 29.63 16.93 -21.40
C TYR C 217 29.14 16.20 -20.16
N SER C 218 29.09 14.86 -20.25
CA SER C 218 28.63 14.02 -19.16
C SER C 218 28.43 12.59 -19.62
N SER C 219 28.91 11.64 -18.84
CA SER C 219 28.77 10.23 -19.16
C SER C 219 27.31 9.77 -19.03
N SER C 220 26.46 10.64 -18.50
CA SER C 220 25.05 10.29 -18.33
C SER C 220 24.29 10.36 -19.66
N ALA C 221 24.93 10.94 -20.67
CA ALA C 221 24.30 11.08 -21.98
C ALA C 221 24.34 9.81 -22.82
N THR C 222 23.86 8.70 -22.25
CA THR C 222 23.83 7.43 -22.96
C THR C 222 22.69 7.44 -23.99
N LEU C 223 22.76 6.53 -24.95
CA LEU C 223 21.73 6.42 -25.96
C LEU C 223 20.45 5.89 -25.29
N SER C 224 20.61 5.02 -24.29
CA SER C 224 19.45 4.47 -23.58
C SER C 224 18.72 5.56 -22.80
N ALA C 225 19.48 6.47 -22.19
CA ALA C 225 18.85 7.55 -21.44
C ALA C 225 18.11 8.48 -22.40
N LEU C 226 18.68 8.70 -23.58
CA LEU C 226 18.04 9.56 -24.57
C LEU C 226 16.72 8.90 -24.99
N LYS C 227 16.78 7.61 -25.29
CA LYS C 227 15.60 6.85 -25.70
C LYS C 227 14.49 6.95 -24.67
N SER C 228 14.81 6.66 -23.42
CA SER C 228 13.84 6.71 -22.34
C SER C 228 13.27 8.11 -22.15
N SER C 229 14.14 9.12 -22.20
CA SER C 229 13.70 10.50 -22.03
C SER C 229 12.75 10.93 -23.15
N LEU C 230 13.13 10.69 -24.39
CA LEU C 230 12.28 11.08 -25.52
C LEU C 230 10.96 10.31 -25.49
N ASP C 231 11.00 9.03 -25.13
CA ASP C 231 9.78 8.24 -25.04
C ASP C 231 8.85 8.90 -24.03
N ASN C 232 9.41 9.30 -22.89
CA ASN C 232 8.61 9.94 -21.84
C ASN C 232 8.03 11.26 -22.31
N MET C 233 8.82 12.05 -23.02
CA MET C 233 8.35 13.33 -23.54
C MET C 233 7.21 13.12 -24.54
N ALA C 234 7.35 12.09 -25.37
CA ALA C 234 6.35 11.78 -26.38
C ALA C 234 5.00 11.35 -25.77
N LYS C 235 5.04 10.44 -24.81
CA LYS C 235 3.80 9.98 -24.20
C LYS C 235 3.13 11.05 -23.34
N THR C 236 3.93 11.94 -22.75
CA THR C 236 3.37 12.99 -21.91
C THR C 236 2.73 14.15 -22.67
N TRP C 237 3.41 14.67 -23.69
CA TRP C 237 2.87 15.80 -24.43
C TRP C 237 2.54 15.57 -25.90
N ASN C 238 2.91 14.41 -26.42
CA ASN C 238 2.60 14.04 -27.80
C ASN C 238 2.94 15.09 -28.87
N LYS C 239 4.11 15.69 -28.76
CA LYS C 239 4.54 16.69 -29.74
C LYS C 239 5.60 16.06 -30.64
N GLU C 240 5.87 16.67 -31.79
CA GLU C 240 6.91 16.15 -32.67
C GLU C 240 8.23 16.38 -31.93
N ILE C 241 9.13 15.43 -32.02
CA ILE C 241 10.41 15.53 -31.32
C ILE C 241 11.62 15.48 -32.25
N ALA C 242 12.67 16.21 -31.87
CA ALA C 242 13.88 16.22 -32.68
C ALA C 242 15.13 16.57 -31.88
N VAL C 243 16.24 15.95 -32.27
CA VAL C 243 17.53 16.23 -31.65
C VAL C 243 18.02 17.33 -32.59
N VAL C 244 18.08 18.57 -32.09
CA VAL C 244 18.47 19.70 -32.92
C VAL C 244 19.94 20.10 -32.89
N GLU C 245 20.71 19.40 -32.06
CA GLU C 245 22.15 19.64 -31.94
C GLU C 245 22.85 18.38 -31.47
N THR C 246 23.91 18.00 -32.17
CA THR C 246 24.69 16.83 -31.78
C THR C 246 26.04 16.88 -32.49
N ASN C 247 27.02 16.18 -31.92
CA ASN C 247 28.39 16.13 -32.47
C ASN C 247 29.01 14.78 -32.12
N TRP C 248 29.98 14.35 -32.93
CA TRP C 248 30.75 13.16 -32.63
C TRP C 248 32.14 13.49 -33.16
N PRO C 249 33.16 13.35 -32.31
CA PRO C 249 34.53 13.68 -32.71
C PRO C 249 35.30 12.71 -33.60
N ILE C 250 36.12 13.29 -34.47
CA ILE C 250 36.99 12.49 -35.31
C ILE C 250 38.33 12.54 -34.58
N SER C 251 38.36 13.32 -33.50
CA SER C 251 39.56 13.46 -32.68
C SER C 251 39.23 14.02 -31.30
N CYS C 252 39.61 13.29 -30.25
CA CYS C 252 39.36 13.74 -28.87
C CYS C 252 40.46 13.26 -27.92
N PRO C 253 41.66 13.86 -27.98
CA PRO C 253 42.83 13.53 -27.17
C PRO C 253 42.66 13.57 -25.65
N ASN C 254 42.19 14.69 -25.10
CA ASN C 254 42.00 14.79 -23.65
C ASN C 254 40.63 15.33 -23.27
N PRO C 255 39.54 14.47 -23.28
CA PRO C 255 38.17 14.93 -22.91
C PRO C 255 38.06 15.36 -21.44
N ARG C 256 37.17 16.30 -21.14
CA ARG C 256 37.01 16.78 -19.78
C ARG C 256 36.14 15.80 -19.04
N TYR C 257 35.18 15.20 -19.74
CA TYR C 257 34.29 14.22 -19.10
C TYR C 257 34.39 12.85 -19.77
N SER C 258 34.16 11.81 -18.97
CA SER C 258 34.17 10.45 -19.48
C SER C 258 32.97 10.29 -20.43
N PHE C 259 33.15 9.53 -21.49
CA PHE C 259 32.06 9.32 -22.46
C PHE C 259 31.01 8.33 -21.96
N PRO C 260 29.79 8.41 -22.49
CA PRO C 260 28.71 7.51 -22.07
C PRO C 260 29.09 6.06 -22.38
N SER C 261 28.75 5.16 -21.47
CA SER C 261 29.08 3.74 -21.62
C SER C 261 28.66 3.08 -22.93
N ASP C 262 27.48 3.40 -23.45
CA ASP C 262 27.06 2.74 -24.69
C ASP C 262 27.59 3.34 -25.99
N VAL C 263 28.60 4.20 -25.89
CA VAL C 263 29.22 4.78 -27.08
C VAL C 263 30.75 4.71 -27.00
N LYS C 264 31.25 4.08 -25.93
CA LYS C 264 32.69 3.94 -25.73
C LYS C 264 33.40 3.17 -26.84
N ASN C 265 32.68 2.25 -27.45
CA ASN C 265 33.26 1.42 -28.50
C ASN C 265 33.33 2.13 -29.85
N ILE C 266 32.64 3.26 -29.98
CA ILE C 266 32.65 4.01 -31.22
C ILE C 266 33.96 4.78 -31.34
N PRO C 267 34.73 4.56 -32.41
CA PRO C 267 36.00 5.24 -32.61
C PRO C 267 35.87 6.70 -33.00
N PHE C 268 36.89 7.48 -32.69
CA PHE C 268 36.91 8.88 -33.05
C PHE C 268 37.48 8.92 -34.46
N SER C 269 36.59 8.92 -35.44
CA SER C 269 36.96 8.92 -36.85
C SER C 269 35.70 9.16 -37.66
N PRO C 270 35.84 9.39 -38.97
CA PRO C 270 34.66 9.62 -39.81
C PRO C 270 33.71 8.42 -39.72
N GLU C 271 34.25 7.21 -39.75
CA GLU C 271 33.44 6.01 -39.66
C GLU C 271 32.67 6.04 -38.34
N GLY C 272 33.35 6.47 -37.28
CA GLY C 272 32.70 6.56 -35.98
C GLY C 272 31.57 7.57 -35.97
N GLN C 273 31.74 8.69 -36.68
CA GLN C 273 30.70 9.72 -36.74
C GLN C 273 29.47 9.14 -37.41
N THR C 274 29.72 8.40 -38.48
CA THR C 274 28.66 7.77 -39.25
C THR C 274 27.83 6.85 -38.34
N THR C 275 28.52 6.03 -37.56
CA THR C 275 27.86 5.11 -36.64
C THR C 275 27.05 5.85 -35.58
N PHE C 276 27.68 6.84 -34.93
CA PHE C 276 27.01 7.61 -33.89
C PHE C 276 25.79 8.36 -34.42
N ILE C 277 25.97 9.08 -35.51
CA ILE C 277 24.88 9.86 -36.09
C ILE C 277 23.73 8.95 -36.50
N THR C 278 24.05 7.83 -37.14
CA THR C 278 23.02 6.90 -37.58
C THR C 278 22.26 6.32 -36.38
N ASN C 279 22.98 6.01 -35.31
CA ASN C 279 22.35 5.45 -34.12
C ASN C 279 21.45 6.49 -33.43
N VAL C 280 21.91 7.73 -33.33
CA VAL C 280 21.08 8.75 -32.70
C VAL C 280 19.84 8.97 -33.55
N ALA C 281 20.02 8.96 -34.86
CA ALA C 281 18.90 9.15 -35.79
C ALA C 281 17.86 8.06 -35.58
N ASN C 282 18.33 6.83 -35.46
CA ASN C 282 17.40 5.72 -35.28
C ASN C 282 16.75 5.67 -33.90
N ILE C 283 17.35 6.32 -32.92
CA ILE C 283 16.76 6.36 -31.60
CA ILE C 283 16.77 6.35 -31.60
C ILE C 283 15.58 7.31 -31.72
N VAL C 284 15.80 8.42 -32.41
CA VAL C 284 14.74 9.40 -32.62
C VAL C 284 13.59 8.77 -33.39
N SER C 285 13.91 8.05 -34.46
CA SER C 285 12.88 7.40 -35.28
C SER C 285 12.10 6.32 -34.52
N SER C 286 12.67 5.80 -33.44
CA SER C 286 12.00 4.75 -32.67
C SER C 286 11.03 5.37 -31.67
N VAL C 287 11.02 6.71 -31.62
CA VAL C 287 10.16 7.44 -30.70
C VAL C 287 8.91 7.96 -31.39
N SER C 288 7.78 7.89 -30.68
CA SER C 288 6.53 8.37 -31.24
C SER C 288 6.69 9.83 -31.67
N ARG C 289 6.49 10.08 -32.96
CA ARG C 289 6.61 11.40 -33.56
C ARG C 289 8.05 11.96 -33.53
N GLY C 290 9.04 11.07 -33.50
CA GLY C 290 10.43 11.51 -33.53
C GLY C 290 10.67 11.81 -35.00
N VAL C 291 10.89 13.07 -35.35
CA VAL C 291 11.03 13.42 -36.75
C VAL C 291 12.32 14.08 -37.27
N GLY C 292 13.25 14.44 -36.40
CA GLY C 292 14.45 15.08 -36.91
C GLY C 292 15.76 14.95 -36.15
N LEU C 293 16.84 15.20 -36.88
CA LEU C 293 18.20 15.16 -36.34
C LEU C 293 19.04 16.23 -37.04
N PHE C 294 19.74 17.04 -36.26
CA PHE C 294 20.58 18.09 -36.83
C PHE C 294 21.97 18.05 -36.22
N TYR C 295 22.99 17.95 -37.07
CA TYR C 295 24.37 17.93 -36.61
C TYR C 295 24.77 19.40 -36.46
N TRP C 296 25.49 19.74 -35.40
CA TRP C 296 25.86 21.14 -35.20
C TRP C 296 27.19 21.58 -35.80
N GLU C 297 27.11 22.52 -36.74
CA GLU C 297 28.29 23.11 -37.39
C GLU C 297 29.35 22.16 -37.92
N PRO C 298 28.97 21.25 -38.84
CA PRO C 298 29.93 20.29 -39.40
C PRO C 298 31.06 20.92 -40.24
N ALA C 299 30.84 22.12 -40.75
CA ALA C 299 31.82 22.76 -41.62
C ALA C 299 32.64 23.91 -41.02
N TRP C 300 32.51 24.13 -39.72
CA TRP C 300 33.24 25.21 -39.05
C TRP C 300 34.68 24.77 -38.76
N ILE C 301 35.47 24.56 -39.81
CA ILE C 301 36.84 24.09 -39.64
C ILE C 301 37.81 24.98 -38.85
N HIS C 302 37.51 26.27 -38.74
CA HIS C 302 38.39 27.16 -37.97
C HIS C 302 38.03 27.15 -36.49
N ASN C 303 37.04 26.34 -36.12
CA ASN C 303 36.58 26.22 -34.75
C ASN C 303 36.25 24.74 -34.56
N ALA C 304 37.21 23.91 -34.98
CA ALA C 304 37.09 22.46 -34.98
C ALA C 304 36.54 21.76 -33.74
N ASN C 305 36.96 22.18 -32.55
CA ASN C 305 36.47 21.55 -31.33
C ASN C 305 35.03 21.97 -31.03
N LEU C 306 34.54 22.96 -31.77
CA LEU C 306 33.18 23.46 -31.60
C LEU C 306 32.81 23.72 -30.14
N GLY C 307 33.69 24.41 -29.43
CA GLY C 307 33.45 24.75 -28.05
C GLY C 307 33.49 23.63 -27.03
N SER C 308 33.86 22.42 -27.46
CA SER C 308 33.92 21.29 -26.54
C SER C 308 35.36 20.98 -26.18
N SER C 309 35.56 20.02 -25.28
CA SER C 309 36.90 19.63 -24.84
C SER C 309 37.57 18.70 -25.85
N CYS C 310 36.79 18.20 -26.80
CA CYS C 310 37.33 17.32 -27.83
C CYS C 310 37.97 18.20 -28.91
N ALA C 311 39.06 17.72 -29.52
CA ALA C 311 39.78 18.48 -30.54
C ALA C 311 39.09 18.76 -31.87
N ASP C 312 38.38 17.78 -32.42
CA ASP C 312 37.74 18.01 -33.72
C ASP C 312 36.41 17.28 -33.87
N ASN C 313 35.33 18.04 -34.05
CA ASN C 313 33.99 17.49 -34.21
C ASN C 313 33.40 17.81 -35.58
N THR C 314 34.21 18.40 -36.46
CA THR C 314 33.73 18.74 -37.78
C THR C 314 33.62 17.52 -38.70
N MET C 315 32.96 17.70 -39.83
CA MET C 315 32.77 16.62 -40.80
C MET C 315 33.44 17.01 -42.12
N PHE C 316 34.38 17.95 -42.03
CA PHE C 316 35.13 18.43 -43.18
C PHE C 316 36.60 18.49 -42.81
N SER C 317 37.48 18.32 -43.79
CA SER C 317 38.91 18.36 -43.52
C SER C 317 39.33 19.80 -43.29
N GLN C 318 40.55 19.97 -42.78
CA GLN C 318 41.07 21.31 -42.51
C GLN C 318 41.23 22.17 -43.75
N SER C 319 41.15 21.56 -44.93
CA SER C 319 41.25 22.33 -46.16
C SER C 319 39.87 22.59 -46.75
N GLY C 320 38.83 22.10 -46.06
CA GLY C 320 37.47 22.35 -46.51
C GLY C 320 36.78 21.27 -47.32
N GLN C 321 37.33 20.06 -47.31
CA GLN C 321 36.72 18.97 -48.07
C GLN C 321 35.84 18.10 -47.20
N ALA C 322 34.63 17.85 -47.68
CA ALA C 322 33.67 17.02 -46.96
C ALA C 322 34.26 15.63 -46.72
N LEU C 323 34.15 15.15 -45.49
CA LEU C 323 34.62 13.83 -45.11
C LEU C 323 33.58 12.79 -45.54
N SER C 324 34.00 11.53 -45.55
CA SER C 324 33.12 10.43 -45.95
C SER C 324 31.88 10.31 -45.05
N SER C 325 31.99 10.82 -43.83
CA SER C 325 30.87 10.75 -42.90
C SER C 325 29.66 11.62 -43.28
N LEU C 326 29.88 12.60 -44.16
CA LEU C 326 28.79 13.50 -44.56
C LEU C 326 27.65 12.78 -45.28
N SER C 327 27.96 11.70 -45.97
CA SER C 327 26.94 10.94 -46.71
C SER C 327 25.97 10.18 -45.81
N VAL C 328 26.20 10.22 -44.50
CA VAL C 328 25.33 9.52 -43.56
C VAL C 328 23.89 10.03 -43.69
N PHE C 329 23.73 11.29 -44.07
CA PHE C 329 22.40 11.88 -44.20
C PHE C 329 21.60 11.26 -45.35
N GLN C 330 22.24 10.42 -46.13
CA GLN C 330 21.58 9.75 -47.25
C GLN C 330 20.96 8.44 -46.77
N ARG C 331 21.29 8.04 -45.55
CA ARG C 331 20.81 6.77 -45.03
C ARG C 331 19.99 6.79 -43.75
N ILE C 332 19.43 7.94 -43.39
CA ILE C 332 18.63 8.04 -42.18
C ILE C 332 17.27 8.67 -42.43
N ALA D 1 39.09 2.70 10.23
CA ALA D 1 38.28 3.93 10.06
C ALA D 1 36.81 3.68 10.38
N LEU D 2 36.23 2.66 9.75
CA LEU D 2 34.82 2.33 9.99
C LEU D 2 34.55 1.89 11.42
N THR D 3 33.45 2.38 11.98
CA THR D 3 33.08 2.00 13.34
C THR D 3 32.48 0.61 13.32
N TYR D 4 31.64 0.34 12.31
CA TYR D 4 30.99 -0.95 12.19
C TYR D 4 31.49 -1.70 10.96
N ARG D 5 32.07 -2.87 11.20
CA ARG D 5 32.56 -3.73 10.13
C ARG D 5 31.74 -5.00 10.34
N GLY D 6 30.68 -5.17 9.56
CA GLY D 6 29.87 -6.35 9.78
C GLY D 6 29.25 -7.08 8.60
N VAL D 7 28.44 -8.06 8.95
CA VAL D 7 27.73 -8.88 7.98
C VAL D 7 26.38 -9.25 8.58
N ASP D 8 25.42 -9.56 7.71
CA ASP D 8 24.11 -10.00 8.15
C ASP D 8 24.27 -11.52 8.11
N TRP D 9 24.21 -12.16 9.28
CA TRP D 9 24.38 -13.60 9.35
C TRP D 9 23.09 -14.31 9.79
N SER D 10 21.97 -13.62 9.60
CA SER D 10 20.65 -14.13 9.98
C SER D 10 20.40 -15.62 9.74
N SER D 11 20.76 -16.12 8.56
CA SER D 11 20.55 -17.52 8.20
C SER D 11 21.41 -18.55 8.92
N VAL D 12 22.33 -18.10 9.78
CA VAL D 12 23.21 -19.04 10.47
C VAL D 12 22.58 -20.31 11.05
N VAL D 13 21.55 -20.18 11.89
CA VAL D 13 20.93 -21.38 12.48
C VAL D 13 20.16 -22.18 11.43
N VAL D 14 19.56 -21.52 10.45
CA VAL D 14 18.84 -22.22 9.40
C VAL D 14 19.84 -23.13 8.68
N GLU D 15 21.02 -22.60 8.37
CA GLU D 15 22.04 -23.38 7.65
C GLU D 15 22.65 -24.49 8.50
N GLU D 16 22.90 -24.21 9.77
CA GLU D 16 23.48 -25.23 10.65
C GLU D 16 22.51 -26.42 10.76
N ARG D 17 21.21 -26.13 10.90
CA ARG D 17 20.22 -27.19 10.99
C ARG D 17 20.18 -27.95 9.67
N ALA D 18 20.45 -27.26 8.57
CA ALA D 18 20.42 -27.89 7.25
C ALA D 18 21.69 -28.73 7.03
N GLY D 19 22.53 -28.81 8.06
CA GLY D 19 23.73 -29.61 7.94
C GLY D 19 25.03 -28.90 7.58
N VAL D 20 25.02 -27.58 7.52
CA VAL D 20 26.25 -26.86 7.18
C VAL D 20 27.21 -26.83 8.35
N SER D 21 28.48 -27.15 8.07
CA SER D 21 29.51 -27.13 9.09
C SER D 21 30.53 -26.09 8.64
N TYR D 22 30.52 -24.93 9.30
CA TYR D 22 31.42 -23.86 8.93
C TYR D 22 32.88 -24.10 9.33
N LYS D 23 33.78 -23.69 8.45
CA LYS D 23 35.21 -23.86 8.69
C LYS D 23 35.98 -22.59 8.40
N ASN D 24 37.09 -22.42 9.13
CA ASN D 24 37.96 -21.26 8.97
C ASN D 24 38.83 -21.40 7.73
N THR D 25 39.50 -20.31 7.33
CA THR D 25 40.35 -20.34 6.15
C THR D 25 41.42 -21.42 6.22
N ASN D 26 41.69 -21.91 7.42
CA ASN D 26 42.67 -22.97 7.57
C ASN D 26 42.03 -24.31 7.26
N GLY D 27 40.71 -24.30 7.14
CA GLY D 27 40.01 -25.54 6.84
C GLY D 27 39.52 -26.28 8.08
N ASN D 28 39.66 -25.69 9.26
CA ASN D 28 39.18 -26.38 10.45
C ASN D 28 37.82 -25.88 10.88
N ALA D 29 37.02 -26.81 11.38
CA ALA D 29 35.69 -26.51 11.84
C ALA D 29 35.75 -25.51 12.99
N GLN D 30 34.85 -24.54 12.97
CA GLN D 30 34.81 -23.52 13.99
C GLN D 30 33.46 -22.80 13.92
N PRO D 31 32.91 -22.38 15.07
CA PRO D 31 31.61 -21.68 15.06
C PRO D 31 31.68 -20.46 14.15
N LEU D 32 30.65 -20.25 13.33
CA LEU D 32 30.62 -19.12 12.42
C LEU D 32 30.93 -17.79 13.09
N GLU D 33 30.32 -17.52 14.25
CA GLU D 33 30.57 -16.26 14.93
C GLU D 33 32.05 -16.06 15.26
N ASN D 34 32.76 -17.15 15.55
CA ASN D 34 34.18 -17.06 15.87
C ASN D 34 34.99 -16.84 14.59
N ILE D 35 34.55 -17.44 13.49
CA ILE D 35 35.23 -17.27 12.22
C ILE D 35 35.11 -15.80 11.81
N LEU D 36 33.90 -15.26 11.91
CA LEU D 36 33.66 -13.86 11.55
C LEU D 36 34.54 -12.94 12.40
N ALA D 37 34.54 -13.15 13.72
CA ALA D 37 35.33 -12.32 14.62
C ALA D 37 36.81 -12.39 14.26
N ALA D 38 37.30 -13.60 14.03
CA ALA D 38 38.70 -13.80 13.68
C ALA D 38 39.07 -13.06 12.41
N ASN D 39 38.09 -12.79 11.56
CA ASN D 39 38.36 -12.08 10.31
C ASN D 39 38.09 -10.58 10.31
N GLY D 40 37.95 -9.99 11.50
CA GLY D 40 37.74 -8.56 11.59
C GLY D 40 36.34 -8.04 11.80
N VAL D 41 35.35 -8.91 11.62
CA VAL D 41 33.96 -8.50 11.82
C VAL D 41 33.73 -8.13 13.29
N ASN D 42 33.08 -7.00 13.53
CA ASN D 42 32.79 -6.60 14.92
C ASN D 42 31.30 -6.43 15.21
N THR D 43 30.47 -6.60 14.18
CA THR D 43 29.04 -6.44 14.33
C THR D 43 28.26 -7.36 13.38
N VAL D 44 27.17 -7.93 13.86
CA VAL D 44 26.34 -8.78 13.01
C VAL D 44 24.93 -8.21 12.97
N ARG D 45 24.38 -8.21 11.76
CA ARG D 45 23.04 -7.71 11.50
C ARG D 45 22.12 -8.93 11.47
N GLN D 46 20.92 -8.78 12.03
CA GLN D 46 19.96 -9.88 12.07
C GLN D 46 18.55 -9.37 11.76
N ARG D 47 17.85 -10.05 10.87
CA ARG D 47 16.50 -9.65 10.53
C ARG D 47 15.51 -10.25 11.54
N VAL D 48 14.55 -9.44 11.95
CA VAL D 48 13.55 -9.89 12.91
C VAL D 48 12.16 -9.80 12.30
N TRP D 49 11.46 -10.92 12.31
CA TRP D 49 10.10 -10.98 11.78
C TRP D 49 9.15 -11.15 12.97
N VAL D 50 7.94 -10.61 12.84
CA VAL D 50 6.95 -10.65 13.92
C VAL D 50 6.48 -12.04 14.33
N ASN D 51 5.78 -12.74 13.43
CA ASN D 51 5.30 -14.07 13.77
C ASN D 51 5.39 -15.07 12.61
N PRO D 52 6.60 -15.33 12.10
CA PRO D 52 6.73 -16.28 10.99
C PRO D 52 6.24 -17.65 11.42
N ALA D 53 5.45 -18.31 10.57
CA ALA D 53 4.91 -19.62 10.88
C ALA D 53 5.95 -20.64 11.33
N ASP D 54 7.03 -20.79 10.58
CA ASP D 54 8.07 -21.77 10.94
C ASP D 54 9.03 -21.28 12.01
N GLY D 55 8.79 -20.07 12.52
CA GLY D 55 9.63 -19.52 13.57
C GLY D 55 11.00 -18.94 13.19
N ASN D 56 11.45 -19.19 11.96
CA ASN D 56 12.75 -18.64 11.56
C ASN D 56 12.74 -17.13 11.56
N TYR D 57 13.76 -16.55 12.19
CA TYR D 57 13.93 -15.10 12.30
C TYR D 57 12.97 -14.43 13.27
N ASN D 58 12.22 -15.20 14.07
CA ASN D 58 11.33 -14.54 15.02
C ASN D 58 12.22 -14.08 16.19
N LEU D 59 11.64 -13.43 17.19
CA LEU D 59 12.44 -12.91 18.28
C LEU D 59 13.27 -13.94 19.05
N ASP D 60 12.70 -15.09 19.35
CA ASP D 60 13.45 -16.13 20.07
C ASP D 60 14.64 -16.58 19.24
N TYR D 61 14.42 -16.74 17.93
CA TYR D 61 15.48 -17.16 17.04
C TYR D 61 16.63 -16.16 17.11
N ASN D 62 16.28 -14.88 17.11
CA ASN D 62 17.27 -13.80 17.17
C ASN D 62 17.97 -13.67 18.51
N ILE D 63 17.26 -13.92 19.60
CA ILE D 63 17.88 -13.84 20.91
C ILE D 63 18.92 -14.94 21.03
N ALA D 64 18.59 -16.13 20.55
CA ALA D 64 19.54 -17.25 20.62
C ALA D 64 20.85 -16.95 19.87
N ILE D 65 20.76 -16.44 18.63
CA ILE D 65 21.99 -16.17 17.90
C ILE D 65 22.66 -14.89 18.39
N ALA D 66 21.88 -13.97 18.95
CA ALA D 66 22.46 -12.73 19.46
C ALA D 66 23.34 -13.08 20.66
N LYS D 67 22.92 -14.06 21.45
CA LYS D 67 23.70 -14.48 22.62
C LYS D 67 25.03 -15.05 22.15
N ARG D 68 24.99 -15.80 21.05
CA ARG D 68 26.20 -16.41 20.51
C ARG D 68 27.14 -15.32 19.99
N ALA D 69 26.56 -14.31 19.35
CA ALA D 69 27.35 -13.20 18.82
C ALA D 69 28.01 -12.50 20.00
N LYS D 70 27.23 -12.21 21.03
CA LYS D 70 27.74 -11.54 22.22
C LYS D 70 28.93 -12.32 22.80
N ALA D 71 28.79 -13.64 22.90
CA ALA D 71 29.86 -14.47 23.44
C ALA D 71 31.12 -14.43 22.58
N ALA D 72 30.96 -14.09 21.31
CA ALA D 72 32.10 -14.02 20.40
C ALA D 72 32.65 -12.59 20.34
N GLY D 73 32.10 -11.71 21.18
CA GLY D 73 32.55 -10.33 21.20
C GLY D 73 32.01 -9.48 20.07
N LEU D 74 30.92 -9.93 19.44
CA LEU D 74 30.32 -9.20 18.34
C LEU D 74 29.11 -8.37 18.77
N GLY D 75 29.01 -7.14 18.27
CA GLY D 75 27.88 -6.29 18.60
C GLY D 75 26.70 -6.75 17.74
N VAL D 76 25.49 -6.37 18.12
CA VAL D 76 24.31 -6.79 17.37
C VAL D 76 23.49 -5.63 16.79
N TYR D 77 23.14 -5.77 15.52
CA TYR D 77 22.35 -4.78 14.78
C TYR D 77 21.02 -5.49 14.50
N ILE D 78 19.97 -5.05 15.17
CA ILE D 78 18.64 -5.63 14.97
C ILE D 78 17.89 -4.92 13.85
N ASP D 79 17.48 -5.69 12.84
CA ASP D 79 16.76 -5.14 11.70
C ASP D 79 15.30 -5.57 11.73
N PHE D 80 14.44 -4.73 12.30
CA PHE D 80 13.00 -5.00 12.38
C PHE D 80 12.34 -4.85 11.02
N HIS D 81 11.77 -5.93 10.50
CA HIS D 81 11.07 -5.85 9.22
C HIS D 81 9.61 -5.44 9.42
N TYR D 82 9.12 -5.57 10.65
CA TYR D 82 7.74 -5.22 10.95
C TYR D 82 6.80 -5.90 9.95
N SER D 83 7.00 -7.21 9.82
CA SER D 83 6.22 -8.06 8.93
C SER D 83 6.52 -9.49 9.36
N ASP D 84 5.71 -10.45 8.92
CA ASP D 84 5.94 -11.84 9.28
C ASP D 84 6.90 -12.46 8.27
N THR D 85 7.20 -11.72 7.20
CA THR D 85 8.07 -12.23 6.16
C THR D 85 8.92 -11.09 5.56
N TRP D 86 9.69 -11.41 4.53
CA TRP D 86 10.57 -10.43 3.88
C TRP D 86 9.93 -9.07 3.62
N ALA D 87 10.59 -8.02 4.07
CA ALA D 87 10.11 -6.67 3.84
C ALA D 87 11.09 -5.98 2.90
N ASP D 88 10.60 -5.48 1.78
CA ASP D 88 11.43 -4.78 0.81
C ASP D 88 10.58 -3.68 0.16
N PRO D 89 11.15 -2.92 -0.78
CA PRO D 89 10.35 -1.85 -1.41
C PRO D 89 9.04 -2.29 -2.07
N ALA D 90 8.95 -3.57 -2.44
CA ALA D 90 7.74 -4.08 -3.08
C ALA D 90 6.88 -4.94 -2.15
N HIS D 91 7.35 -5.15 -0.92
CA HIS D 91 6.60 -5.95 0.04
C HIS D 91 6.77 -5.45 1.47
N GLN D 92 5.69 -4.94 2.04
CA GLN D 92 5.68 -4.46 3.42
C GLN D 92 4.37 -5.01 3.98
N THR D 93 4.26 -6.33 3.97
CA THR D 93 3.07 -7.02 4.43
C THR D 93 2.80 -6.93 5.91
N MET D 94 1.60 -6.47 6.23
CA MET D 94 1.13 -6.30 7.59
C MET D 94 1.30 -7.59 8.39
N PRO D 95 1.82 -7.50 9.61
CA PRO D 95 1.97 -8.73 10.39
C PRO D 95 0.54 -9.24 10.64
N ALA D 96 0.35 -10.56 10.60
CA ALA D 96 -0.99 -11.12 10.82
C ALA D 96 -1.49 -10.72 12.21
N GLY D 97 -2.74 -10.28 12.28
CA GLY D 97 -3.32 -9.89 13.55
C GLY D 97 -3.24 -8.40 13.87
N TRP D 98 -2.39 -7.67 13.18
CA TRP D 98 -2.25 -6.23 13.43
C TRP D 98 -3.37 -5.43 12.76
N PRO D 99 -3.88 -4.40 13.45
CA PRO D 99 -4.96 -3.56 12.92
C PRO D 99 -4.50 -2.67 11.76
N SER D 100 -5.43 -2.31 10.90
CA SER D 100 -5.11 -1.46 9.73
C SER D 100 -5.28 0.03 9.94
N ASP D 101 -6.16 0.43 10.87
CA ASP D 101 -6.37 1.86 11.09
C ASP D 101 -5.14 2.47 11.77
N ILE D 102 -4.73 3.64 11.28
CA ILE D 102 -3.55 4.33 11.78
C ILE D 102 -3.46 4.50 13.30
N ASP D 103 -4.54 4.93 13.95
CA ASP D 103 -4.47 5.10 15.40
C ASP D 103 -4.06 3.82 16.11
N ASN D 104 -4.76 2.73 15.87
CA ASN D 104 -4.43 1.47 16.52
C ASN D 104 -3.14 0.82 16.03
N LEU D 105 -2.85 0.98 14.74
CA LEU D 105 -1.63 0.40 14.19
C LEU D 105 -0.40 1.05 14.82
N SER D 106 -0.40 2.38 14.95
CA SER D 106 0.75 3.06 15.54
C SER D 106 0.92 2.61 16.98
N TRP D 107 -0.19 2.37 17.67
CA TRP D 107 -0.12 1.92 19.05
C TRP D 107 0.44 0.50 19.11
N LYS D 108 0.03 -0.33 18.15
CA LYS D 108 0.49 -1.73 18.09
C LYS D 108 1.99 -1.75 17.79
N LEU D 109 2.40 -0.91 16.85
CA LEU D 109 3.80 -0.83 16.46
C LEU D 109 4.66 -0.43 17.65
N TYR D 110 4.14 0.51 18.43
CA TYR D 110 4.82 0.98 19.63
C TYR D 110 4.94 -0.17 20.63
N ASN D 111 3.82 -0.82 20.93
CA ASN D 111 3.82 -1.94 21.88
C ASN D 111 4.75 -3.05 21.46
N TYR D 112 4.69 -3.43 20.20
CA TYR D 112 5.55 -4.49 19.67
C TYR D 112 7.03 -4.15 19.83
N THR D 113 7.41 -2.94 19.45
CA THR D 113 8.80 -2.51 19.51
C THR D 113 9.26 -2.45 20.97
N LEU D 114 8.46 -1.80 21.81
CA LEU D 114 8.78 -1.68 23.23
C LEU D 114 8.95 -3.08 23.81
N ASP D 115 7.98 -3.95 23.56
CA ASP D 115 8.02 -5.32 24.06
C ASP D 115 9.29 -6.05 23.63
N ALA D 116 9.59 -6.00 22.33
CA ALA D 116 10.77 -6.66 21.78
C ALA D 116 12.04 -6.12 22.42
N ALA D 117 12.12 -4.80 22.56
CA ALA D 117 13.28 -4.16 23.16
C ALA D 117 13.48 -4.64 24.59
N ASN D 118 12.42 -4.69 25.37
CA ASN D 118 12.52 -5.14 26.76
C ASN D 118 12.93 -6.60 26.86
N LYS D 119 12.46 -7.43 25.92
CA LYS D 119 12.81 -8.84 25.92
C LYS D 119 14.29 -9.01 25.60
N LEU D 120 14.79 -8.18 24.68
CA LEU D 120 16.20 -8.23 24.32
C LEU D 120 17.01 -7.85 25.56
N GLN D 121 16.61 -6.75 26.21
CA GLN D 121 17.28 -6.28 27.40
C GLN D 121 17.32 -7.39 28.46
N ASN D 122 16.18 -8.01 28.71
CA ASN D 122 16.08 -9.07 29.69
C ASN D 122 16.94 -10.29 29.35
N ALA D 123 17.28 -10.43 28.07
CA ALA D 123 18.10 -11.55 27.65
C ALA D 123 19.58 -11.13 27.65
N GLY D 124 19.85 -9.92 28.12
CA GLY D 124 21.21 -9.41 28.18
C GLY D 124 21.73 -8.96 26.83
N ILE D 125 20.82 -8.66 25.90
CA ILE D 125 21.21 -8.21 24.57
C ILE D 125 20.89 -6.73 24.35
N GLN D 126 21.93 -5.91 24.24
CA GLN D 126 21.74 -4.48 23.98
C GLN D 126 22.31 -4.21 22.59
N PRO D 127 21.46 -4.24 21.56
CA PRO D 127 21.96 -3.98 20.20
C PRO D 127 22.57 -2.59 20.09
N THR D 128 23.63 -2.48 19.30
CA THR D 128 24.28 -1.20 19.11
C THR D 128 23.47 -0.42 18.07
N ILE D 129 22.77 -1.14 17.22
CA ILE D 129 21.95 -0.51 16.18
C ILE D 129 20.60 -1.21 16.00
N VAL D 130 19.56 -0.41 15.80
CA VAL D 130 18.22 -0.95 15.57
C VAL D 130 17.58 -0.16 14.43
N SER D 131 17.21 -0.84 13.35
CA SER D 131 16.56 -0.14 12.25
C SER D 131 15.06 -0.35 12.42
N ILE D 132 14.30 0.73 12.31
CA ILE D 132 12.86 0.63 12.42
C ILE D 132 12.30 0.43 11.01
N GLY D 133 12.39 -0.81 10.54
CA GLY D 133 11.92 -1.15 9.21
C GLY D 133 13.09 -1.54 8.32
N ASN D 134 12.81 -2.27 7.25
CA ASN D 134 13.84 -2.68 6.32
C ASN D 134 13.50 -2.15 4.92
N GLU D 135 14.41 -1.35 4.35
CA GLU D 135 14.20 -0.76 3.02
C GLU D 135 12.77 -0.22 2.86
N ILE D 136 12.40 0.72 3.73
CA ILE D 136 11.06 1.30 3.69
C ILE D 136 10.90 2.46 2.71
N ARG D 137 11.59 2.37 1.58
CA ARG D 137 11.54 3.42 0.56
C ARG D 137 10.12 3.66 0.04
N ALA D 138 9.30 2.61 0.05
CA ALA D 138 7.91 2.73 -0.39
C ALA D 138 7.00 2.62 0.83
N GLY D 139 7.55 2.98 1.99
CA GLY D 139 6.78 2.93 3.22
C GLY D 139 6.88 1.61 3.96
N LEU D 140 5.96 1.39 4.89
CA LEU D 140 5.92 0.17 5.69
C LEU D 140 4.49 -0.14 6.10
N LEU D 141 4.27 -1.34 6.62
CA LEU D 141 2.96 -1.75 7.10
C LEU D 141 1.86 -1.32 6.13
N TRP D 142 1.93 -1.86 4.91
CA TRP D 142 0.96 -1.54 3.88
C TRP D 142 -0.45 -2.04 4.21
N PRO D 143 -1.48 -1.32 3.74
CA PRO D 143 -1.41 -0.11 2.93
C PRO D 143 -1.34 1.16 3.80
N THR D 144 -1.54 0.99 5.09
CA THR D 144 -1.55 2.12 6.03
C THR D 144 -0.34 3.03 5.90
N GLY D 145 0.85 2.44 5.88
CA GLY D 145 2.07 3.25 5.77
C GLY D 145 2.69 3.23 4.38
N ARG D 146 1.86 3.03 3.37
CA ARG D 146 2.32 2.99 1.98
C ARG D 146 2.55 4.41 1.46
N THR D 147 3.64 4.66 0.76
CA THR D 147 3.87 5.98 0.19
C THR D 147 2.77 6.13 -0.86
N GLU D 148 2.27 7.33 -1.11
CA GLU D 148 2.74 8.56 -0.47
C GLU D 148 2.01 9.05 0.77
N ASN D 149 1.61 8.16 1.67
CA ASN D 149 0.93 8.61 2.87
C ASN D 149 2.01 9.01 3.89
N TRP D 150 2.66 10.13 3.61
CA TRP D 150 3.74 10.63 4.47
C TRP D 150 3.32 10.82 5.91
N ALA D 151 2.11 11.34 6.12
CA ALA D 151 1.60 11.58 7.46
C ALA D 151 1.58 10.28 8.27
N ASN D 152 1.10 9.19 7.67
CA ASN D 152 1.03 7.92 8.37
C ASN D 152 2.43 7.36 8.60
N ILE D 153 3.28 7.44 7.59
CA ILE D 153 4.64 6.93 7.69
C ILE D 153 5.41 7.61 8.82
N ALA D 154 5.35 8.94 8.86
CA ALA D 154 6.05 9.70 9.89
C ALA D 154 5.54 9.33 11.28
N ARG D 155 4.22 9.18 11.39
CA ARG D 155 3.62 8.84 12.67
C ARG D 155 3.99 7.42 13.10
N LEU D 156 4.02 6.48 12.16
CA LEU D 156 4.40 5.12 12.50
C LEU D 156 5.85 5.05 12.93
N LEU D 157 6.73 5.75 12.21
CA LEU D 157 8.16 5.75 12.55
C LEU D 157 8.41 6.42 13.89
N HIS D 158 7.60 7.42 14.22
CA HIS D 158 7.71 8.13 15.49
C HIS D 158 7.39 7.15 16.61
N SER D 159 6.30 6.38 16.43
CA SER D 159 5.89 5.40 17.43
C SER D 159 6.94 4.32 17.60
N ALA D 160 7.52 3.86 16.50
CA ALA D 160 8.54 2.83 16.56
C ALA D 160 9.77 3.33 17.31
N ALA D 161 10.23 4.53 16.95
CA ALA D 161 11.40 5.11 17.60
C ALA D 161 11.18 5.23 19.11
N TRP D 162 10.04 5.76 19.51
CA TRP D 162 9.78 5.92 20.92
C TRP D 162 9.54 4.60 21.65
N GLY D 163 9.25 3.55 20.90
CA GLY D 163 9.07 2.25 21.52
C GLY D 163 10.44 1.83 22.03
N ILE D 164 11.47 2.24 21.30
CA ILE D 164 12.84 1.93 21.68
CA ILE D 164 12.84 1.93 21.67
C ILE D 164 13.29 2.84 22.81
N LYS D 165 13.00 4.14 22.66
CA LYS D 165 13.39 5.12 23.66
C LYS D 165 12.75 4.89 25.03
N ASP D 166 11.51 4.37 25.05
CA ASP D 166 10.83 4.11 26.31
C ASP D 166 11.14 2.72 26.88
N SER D 167 11.98 1.96 26.19
CA SER D 167 12.32 0.61 26.66
C SER D 167 13.37 0.58 27.76
N SER D 168 13.67 -0.61 28.26
CA SER D 168 14.66 -0.78 29.31
C SER D 168 16.06 -1.06 28.76
N LEU D 169 16.22 -1.03 27.45
CA LEU D 169 17.54 -1.28 26.85
C LEU D 169 18.57 -0.31 27.42
N SER D 170 19.64 -0.85 27.97
CA SER D 170 20.69 0.00 28.54
C SER D 170 22.05 -0.66 28.35
N PRO D 171 22.94 -0.03 27.57
CA PRO D 171 22.74 1.25 26.87
C PRO D 171 21.70 1.17 25.74
N LYS D 172 21.17 2.33 25.36
CA LYS D 172 20.19 2.42 24.29
C LYS D 172 20.89 2.24 22.95
N PRO D 173 20.19 1.70 21.95
CA PRO D 173 20.82 1.51 20.64
C PRO D 173 20.69 2.75 19.77
N LYS D 174 21.46 2.81 18.70
CA LYS D 174 21.34 3.92 17.76
C LYS D 174 20.14 3.53 16.92
N ILE D 175 19.25 4.47 16.65
CA ILE D 175 18.06 4.21 15.86
C ILE D 175 18.30 4.54 14.39
N MET D 176 18.09 3.55 13.53
CA MET D 176 18.31 3.73 12.10
C MET D 176 17.09 3.61 11.21
N ILE D 177 17.08 4.42 10.16
CA ILE D 177 16.04 4.37 9.14
C ILE D 177 16.79 3.85 7.92
N HIS D 178 16.27 2.77 7.34
CA HIS D 178 16.92 2.12 6.20
C HIS D 178 16.16 2.19 4.88
N LEU D 179 16.80 2.75 3.87
CA LEU D 179 16.24 2.88 2.53
C LEU D 179 17.15 2.12 1.56
N ASP D 180 16.58 1.64 0.45
CA ASP D 180 17.37 0.91 -0.54
C ASP D 180 17.98 1.92 -1.51
N ASN D 181 18.68 1.40 -2.53
CA ASN D 181 19.31 2.23 -3.56
C ASN D 181 20.05 3.46 -3.01
N GLY D 182 21.09 3.22 -2.23
CA GLY D 182 21.84 4.32 -1.65
C GLY D 182 22.41 5.31 -2.65
N TRP D 183 22.65 4.83 -3.87
CA TRP D 183 23.21 5.65 -4.94
C TRP D 183 22.21 6.66 -5.51
N ASP D 184 20.93 6.42 -5.26
CA ASP D 184 19.86 7.28 -5.78
C ASP D 184 19.54 8.46 -4.87
N TRP D 185 20.30 9.54 -5.03
CA TRP D 185 20.10 10.74 -4.22
C TRP D 185 18.68 11.29 -4.34
N GLY D 186 18.17 11.37 -5.57
CA GLY D 186 16.83 11.88 -5.78
C GLY D 186 15.79 11.23 -4.89
N THR D 187 15.82 9.89 -4.82
CA THR D 187 14.86 9.17 -4.00
C THR D 187 15.13 9.35 -2.51
N GLN D 188 16.39 9.31 -2.11
CA GLN D 188 16.74 9.49 -0.69
C GLN D 188 16.19 10.85 -0.22
N ASN D 189 16.47 11.88 -1.01
CA ASN D 189 16.04 13.24 -0.70
C ASN D 189 14.52 13.38 -0.68
N TRP D 190 13.87 12.82 -1.69
CA TRP D 190 12.43 12.86 -1.81
C TRP D 190 11.77 12.22 -0.57
N TRP D 191 12.28 11.06 -0.19
CA TRP D 191 11.74 10.33 0.96
C TRP D 191 11.88 11.08 2.30
N TYR D 192 13.12 11.36 2.68
CA TYR D 192 13.38 12.06 3.95
C TYR D 192 12.73 13.44 4.03
N THR D 193 12.75 14.19 2.94
CA THR D 193 12.14 15.52 2.93
C THR D 193 10.65 15.45 3.25
N ASN D 194 9.92 14.59 2.54
CA ASN D 194 8.49 14.47 2.76
C ASN D 194 8.13 13.88 4.12
N VAL D 195 8.92 12.93 4.60
CA VAL D 195 8.64 12.32 5.90
C VAL D 195 8.87 13.33 7.04
N LEU D 196 9.99 14.02 6.98
CA LEU D 196 10.35 14.99 8.03
C LEU D 196 9.49 16.25 8.06
N LYS D 197 8.89 16.62 6.94
CA LYS D 197 8.08 17.83 6.92
C LYS D 197 6.71 17.64 7.58
N GLN D 198 6.38 16.41 7.96
CA GLN D 198 5.08 16.15 8.60
C GLN D 198 5.01 16.74 10.00
N GLY D 199 6.15 16.86 10.67
CA GLY D 199 6.14 17.43 12.00
C GLY D 199 5.98 16.45 13.16
N THR D 200 5.83 15.16 12.87
CA THR D 200 5.69 14.17 13.94
C THR D 200 7.07 13.56 14.17
N LEU D 201 7.58 12.81 13.19
CA LEU D 201 8.91 12.24 13.34
C LEU D 201 9.86 13.43 13.19
N GLU D 202 10.78 13.59 14.15
CA GLU D 202 11.74 14.68 14.09
C GLU D 202 13.15 14.14 13.91
N LEU D 203 14.04 14.96 13.37
CA LEU D 203 15.42 14.54 13.16
C LEU D 203 16.04 13.96 14.43
N SER D 204 15.63 14.50 15.58
CA SER D 204 16.16 14.03 16.84
C SER D 204 15.63 12.66 17.24
N ASP D 205 14.61 12.17 16.53
CA ASP D 205 14.03 10.89 16.85
C ASP D 205 14.88 9.69 16.42
N PHE D 206 15.79 9.90 15.46
CA PHE D 206 16.65 8.79 15.02
C PHE D 206 18.10 9.26 14.90
N ASP D 207 19.01 8.30 14.77
CA ASP D 207 20.43 8.62 14.74
C ASP D 207 21.20 8.25 13.48
N MET D 208 20.73 7.24 12.76
CA MET D 208 21.44 6.81 11.56
C MET D 208 20.57 6.65 10.33
N MET D 209 21.21 6.79 9.18
CA MET D 209 20.57 6.62 7.90
C MET D 209 21.34 5.49 7.25
N GLY D 210 20.65 4.38 6.97
CA GLY D 210 21.29 3.25 6.35
C GLY D 210 20.80 3.08 4.93
N VAL D 211 21.67 2.59 4.06
CA VAL D 211 21.28 2.38 2.67
C VAL D 211 21.77 1.03 2.17
N SER D 212 21.05 0.47 1.20
CA SER D 212 21.46 -0.79 0.59
C SER D 212 22.25 -0.34 -0.64
N PHE D 213 23.27 -1.12 -1.01
CA PHE D 213 24.05 -0.79 -2.20
C PHE D 213 24.47 -2.06 -2.90
N TYR D 214 23.81 -2.35 -4.01
CA TYR D 214 24.10 -3.54 -4.80
C TYR D 214 24.49 -3.14 -6.22
N PRO D 215 25.41 -3.90 -6.84
CA PRO D 215 25.87 -3.59 -8.19
C PRO D 215 25.11 -4.29 -9.32
N PHE D 216 24.25 -5.23 -8.97
CA PHE D 216 23.53 -6.00 -9.99
C PHE D 216 22.04 -5.78 -10.18
N TYR D 217 21.53 -4.61 -9.84
CA TYR D 217 20.11 -4.32 -10.03
C TYR D 217 19.93 -3.07 -10.87
N SER D 218 21.05 -2.53 -11.35
CA SER D 218 21.04 -1.33 -12.16
C SER D 218 22.45 -0.79 -12.36
N SER D 219 22.77 -0.43 -13.60
CA SER D 219 24.09 0.12 -13.90
C SER D 219 24.28 1.51 -13.31
N SER D 220 23.21 2.08 -12.77
CA SER D 220 23.29 3.42 -12.17
C SER D 220 23.95 3.37 -10.80
N ALA D 221 24.13 2.17 -10.25
CA ALA D 221 24.74 2.01 -8.93
C ALA D 221 26.26 2.13 -8.96
N THR D 222 26.78 3.22 -9.53
CA THR D 222 28.22 3.44 -9.57
C THR D 222 28.74 3.87 -8.20
N LEU D 223 30.05 3.74 -8.00
CA LEU D 223 30.65 4.15 -6.75
C LEU D 223 30.58 5.68 -6.64
N SER D 224 30.70 6.36 -7.78
CA SER D 224 30.64 7.82 -7.78
C SER D 224 29.25 8.31 -7.40
N ALA D 225 28.20 7.63 -7.87
CA ALA D 225 26.85 8.02 -7.51
C ALA D 225 26.61 7.79 -6.02
N LEU D 226 27.17 6.71 -5.50
CA LEU D 226 27.02 6.42 -4.07
C LEU D 226 27.69 7.54 -3.27
N LYS D 227 28.91 7.88 -3.68
CA LYS D 227 29.67 8.94 -3.01
C LYS D 227 28.89 10.24 -2.98
N SER D 228 28.41 10.67 -4.15
CA SER D 228 27.66 11.92 -4.25
C SER D 228 26.38 11.87 -3.43
N SER D 229 25.68 10.75 -3.48
CA SER D 229 24.44 10.62 -2.73
C SER D 229 24.66 10.68 -1.22
N LEU D 230 25.63 9.92 -0.73
CA LEU D 230 25.93 9.92 0.70
C LEU D 230 26.42 11.29 1.15
N ASP D 231 27.24 11.95 0.33
CA ASP D 231 27.74 13.27 0.68
C ASP D 231 26.53 14.20 0.85
N ASN D 232 25.59 14.12 -0.07
CA ASN D 232 24.40 14.96 -0.01
C ASN D 232 23.57 14.68 1.24
N MET D 233 23.42 13.41 1.58
CA MET D 233 22.66 13.02 2.76
C MET D 233 23.33 13.56 4.02
N ALA D 234 24.66 13.48 4.05
CA ALA D 234 25.43 13.95 5.20
C ALA D 234 25.29 15.46 5.40
N LYS D 235 25.47 16.23 4.34
CA LYS D 235 25.37 17.69 4.45
C LYS D 235 23.96 18.18 4.77
N THR D 236 22.96 17.43 4.30
CA THR D 236 21.59 17.83 4.54
C THR D 236 21.05 17.53 5.93
N TRP D 237 21.30 16.31 6.43
CA TRP D 237 20.79 15.93 7.74
C TRP D 237 21.82 15.63 8.81
N ASN D 238 23.09 15.64 8.43
CA ASN D 238 24.19 15.43 9.37
C ASN D 238 24.02 14.24 10.33
N LYS D 239 23.56 13.09 9.83
CA LYS D 239 23.36 11.87 10.64
C LYS D 239 24.46 10.86 10.33
N GLU D 240 24.67 9.87 11.20
CA GLU D 240 25.68 8.86 10.92
C GLU D 240 25.14 8.06 9.73
N ILE D 241 26.02 7.67 8.83
CA ILE D 241 25.63 6.95 7.64
C ILE D 241 26.31 5.59 7.51
N ALA D 242 25.60 4.64 6.93
CA ALA D 242 26.14 3.30 6.74
C ALA D 242 25.50 2.55 5.60
N VAL D 243 26.31 1.73 4.92
CA VAL D 243 25.81 0.87 3.86
C VAL D 243 25.52 -0.40 4.65
N VAL D 244 24.23 -0.71 4.82
CA VAL D 244 23.85 -1.87 5.63
C VAL D 244 23.62 -3.17 4.89
N GLU D 245 23.75 -3.12 3.56
CA GLU D 245 23.60 -4.30 2.72
C GLU D 245 24.39 -4.13 1.44
N THR D 246 25.19 -5.13 1.09
CA THR D 246 25.94 -5.10 -0.15
C THR D 246 26.43 -6.52 -0.47
N ASN D 247 26.73 -6.75 -1.75
CA ASN D 247 27.19 -8.05 -2.23
C ASN D 247 28.11 -7.84 -3.44
N TRP D 248 29.01 -8.79 -3.67
CA TRP D 248 29.85 -8.79 -4.85
C TRP D 248 29.98 -10.26 -5.20
N PRO D 249 29.68 -10.63 -6.44
CA PRO D 249 29.76 -12.02 -6.86
C PRO D 249 31.11 -12.65 -7.17
N ILE D 250 31.23 -13.93 -6.83
CA ILE D 250 32.44 -14.67 -7.13
C ILE D 250 32.05 -15.43 -8.41
N SER D 251 30.80 -15.26 -8.82
CA SER D 251 30.28 -15.91 -10.03
C SER D 251 29.00 -15.24 -10.51
N CYS D 252 29.00 -14.76 -11.76
CA CYS D 252 27.81 -14.12 -12.33
C CYS D 252 27.72 -14.37 -13.83
N PRO D 253 27.39 -15.61 -14.26
CA PRO D 253 27.26 -16.03 -15.65
C PRO D 253 26.33 -15.21 -16.54
N ASN D 254 25.13 -14.92 -16.06
CA ASN D 254 24.19 -14.15 -16.85
CA ASN D 254 24.20 -14.14 -16.88
C ASN D 254 23.38 -13.16 -16.05
N PRO D 255 23.93 -11.96 -15.84
CA PRO D 255 23.24 -10.91 -15.09
C PRO D 255 22.02 -10.36 -15.80
N ARG D 256 21.02 -9.95 -15.02
CA ARG D 256 19.82 -9.39 -15.61
C ARG D 256 20.12 -7.94 -16.03
N TYR D 257 20.94 -7.25 -15.26
CA TYR D 257 21.29 -5.86 -15.57
C TYR D 257 22.78 -5.70 -15.78
N SER D 258 23.18 -4.78 -16.65
CA SER D 258 24.60 -4.54 -16.87
C SER D 258 25.15 -3.86 -15.61
N PHE D 259 26.39 -4.17 -15.28
CA PHE D 259 27.04 -3.62 -14.09
C PHE D 259 27.45 -2.16 -14.22
N PRO D 260 27.60 -1.46 -13.08
CA PRO D 260 28.01 -0.05 -13.10
C PRO D 260 29.38 0.10 -13.75
N SER D 261 29.54 1.15 -14.54
CA SER D 261 30.78 1.40 -15.25
C SER D 261 32.07 1.40 -14.42
N ASP D 262 32.03 1.97 -13.21
CA ASP D 262 33.26 2.01 -12.41
C ASP D 262 33.57 0.75 -11.61
N VAL D 263 32.90 -0.36 -11.93
CA VAL D 263 33.18 -1.62 -11.25
C VAL D 263 33.31 -2.77 -12.26
N LYS D 264 33.18 -2.45 -13.54
CA LYS D 264 33.29 -3.45 -14.61
C LYS D 264 34.62 -4.21 -14.58
N ASN D 265 35.70 -3.51 -14.23
CA ASN D 265 37.04 -4.10 -14.21
C ASN D 265 37.26 -5.06 -13.04
N ILE D 266 36.37 -5.03 -12.06
CA ILE D 266 36.51 -5.91 -10.90
C ILE D 266 36.05 -7.32 -11.30
N PRO D 267 36.93 -8.31 -11.13
CA PRO D 267 36.60 -9.70 -11.48
C PRO D 267 35.63 -10.37 -10.50
N PHE D 268 34.91 -11.36 -11.01
CA PHE D 268 33.99 -12.11 -10.16
C PHE D 268 34.84 -13.22 -9.54
N SER D 269 35.35 -12.96 -8.35
CA SER D 269 36.21 -13.89 -7.64
C SER D 269 36.39 -13.35 -6.23
N PRO D 270 37.00 -14.16 -5.35
CA PRO D 270 37.22 -13.70 -3.98
C PRO D 270 38.06 -12.42 -3.97
N GLU D 271 39.09 -12.38 -4.82
CA GLU D 271 39.95 -11.20 -4.90
C GLU D 271 39.09 -9.99 -5.29
N GLY D 272 38.16 -10.22 -6.21
CA GLY D 272 37.28 -9.16 -6.65
C GLY D 272 36.38 -8.67 -5.54
N GLN D 273 35.90 -9.58 -4.69
CA GLN D 273 35.04 -9.21 -3.58
C GLN D 273 35.82 -8.31 -2.63
N THR D 274 37.06 -8.69 -2.39
CA THR D 274 37.94 -7.94 -1.51
C THR D 274 38.07 -6.51 -2.02
N THR D 275 38.30 -6.36 -3.32
CA THR D 275 38.46 -5.05 -3.92
C THR D 275 37.18 -4.22 -3.82
N PHE D 276 36.06 -4.82 -4.20
CA PHE D 276 34.77 -4.13 -4.15
C PHE D 276 34.39 -3.71 -2.74
N ILE D 277 34.46 -4.65 -1.81
CA ILE D 277 34.10 -4.36 -0.41
C ILE D 277 34.99 -3.26 0.17
N THR D 278 36.30 -3.35 -0.08
CA THR D 278 37.23 -2.35 0.43
C THR D 278 36.92 -0.98 -0.17
N ASN D 279 36.61 -0.93 -1.46
CA ASN D 279 36.29 0.33 -2.12
C ASN D 279 34.98 0.94 -1.59
N VAL D 280 33.97 0.11 -1.37
CA VAL D 280 32.71 0.64 -0.86
C VAL D 280 32.94 1.16 0.56
N ALA D 281 33.74 0.43 1.33
CA ALA D 281 34.05 0.80 2.70
C ALA D 281 34.72 2.17 2.71
N ASN D 282 35.67 2.36 1.82
CA ASN D 282 36.39 3.62 1.78
C ASN D 282 35.58 4.78 1.22
N ILE D 283 34.53 4.48 0.46
CA ILE D 283 33.66 5.54 -0.04
C ILE D 283 32.88 6.03 1.17
N VAL D 284 32.40 5.09 1.99
CA VAL D 284 31.66 5.42 3.21
C VAL D 284 32.55 6.26 4.16
N SER D 285 33.77 5.80 4.36
CA SER D 285 34.70 6.52 5.24
C SER D 285 35.05 7.92 4.75
N SER D 286 34.89 8.16 3.45
CA SER D 286 35.21 9.49 2.91
C SER D 286 34.05 10.45 3.09
N VAL D 287 32.96 9.95 3.64
CA VAL D 287 31.76 10.74 3.86
C VAL D 287 31.66 11.20 5.31
N SER D 288 31.21 12.45 5.50
CA SER D 288 31.05 12.99 6.84
C SER D 288 30.14 12.07 7.66
N ARG D 289 30.70 11.53 8.74
CA ARG D 289 29.98 10.62 9.63
C ARG D 289 29.63 9.28 8.99
N GLY D 290 30.40 8.87 7.99
CA GLY D 290 30.16 7.57 7.36
C GLY D 290 30.82 6.58 8.31
N VAL D 291 30.03 5.73 8.95
CA VAL D 291 30.60 4.83 9.96
C VAL D 291 30.48 3.31 9.81
N GLY D 292 29.74 2.82 8.83
CA GLY D 292 29.61 1.37 8.72
C GLY D 292 29.36 0.75 7.37
N LEU D 293 29.68 -0.54 7.27
CA LEU D 293 29.48 -1.33 6.06
C LEU D 293 29.12 -2.74 6.49
N PHE D 294 28.05 -3.30 5.93
CA PHE D 294 27.61 -4.65 6.26
C PHE D 294 27.38 -5.46 4.99
N TYR D 295 28.04 -6.61 4.89
CA TYR D 295 27.88 -7.49 3.74
C TYR D 295 26.64 -8.33 4.03
N TRP D 296 25.79 -8.55 3.03
CA TRP D 296 24.58 -9.33 3.28
C TRP D 296 24.70 -10.84 3.07
N GLU D 297 24.49 -11.60 4.15
CA GLU D 297 24.48 -13.06 4.13
C GLU D 297 25.64 -13.76 3.44
N PRO D 298 26.88 -13.50 3.89
CA PRO D 298 28.05 -14.13 3.26
C PRO D 298 28.13 -15.65 3.40
N ALA D 299 27.46 -16.21 4.41
CA ALA D 299 27.53 -17.65 4.64
C ALA D 299 26.31 -18.48 4.25
N TRP D 300 25.36 -17.87 3.55
CA TRP D 300 24.16 -18.60 3.14
C TRP D 300 24.45 -19.42 1.88
N ILE D 301 25.27 -20.44 2.02
CA ILE D 301 25.67 -21.25 0.87
C ILE D 301 24.58 -22.02 0.14
N HIS D 302 23.44 -22.27 0.79
CA HIS D 302 22.35 -22.97 0.13
C HIS D 302 21.44 -22.02 -0.63
N ASN D 303 21.80 -20.74 -0.63
CA ASN D 303 21.05 -19.70 -1.32
C ASN D 303 22.09 -18.75 -1.89
N ALA D 304 23.09 -19.35 -2.53
CA ALA D 304 24.25 -18.65 -3.10
C ALA D 304 24.02 -17.37 -3.89
N ASN D 305 23.01 -17.34 -4.75
CA ASN D 305 22.76 -16.13 -5.54
C ASN D 305 22.13 -15.03 -4.68
N LEU D 306 21.72 -15.40 -3.47
CA LEU D 306 21.14 -14.44 -2.54
C LEU D 306 20.04 -13.59 -3.17
N GLY D 307 19.13 -14.24 -3.89
CA GLY D 307 18.02 -13.55 -4.51
C GLY D 307 18.34 -12.67 -5.70
N SER D 308 19.58 -12.65 -6.15
CA SER D 308 19.96 -11.83 -7.30
C SER D 308 20.10 -12.68 -8.56
N SER D 309 20.37 -12.03 -9.69
CA SER D 309 20.52 -12.73 -10.96
C SER D 309 21.91 -13.35 -11.10
N CYS D 310 22.82 -12.96 -10.21
CA CYS D 310 24.17 -13.50 -10.22
C CYS D 310 24.15 -14.86 -9.52
N ALA D 311 24.98 -15.79 -9.98
CA ALA D 311 25.01 -17.14 -9.42
C ALA D 311 25.51 -17.32 -7.99
N ASP D 312 26.58 -16.61 -7.62
CA ASP D 312 27.12 -16.78 -6.26
C ASP D 312 27.69 -15.50 -5.67
N ASN D 313 27.08 -15.04 -4.57
CA ASN D 313 27.53 -13.83 -3.89
C ASN D 313 28.04 -14.12 -2.48
N THR D 314 28.17 -15.40 -2.14
CA THR D 314 28.64 -15.76 -0.80
C THR D 314 30.14 -15.58 -0.66
N MET D 315 30.62 -15.65 0.58
CA MET D 315 32.04 -15.50 0.87
C MET D 315 32.56 -16.79 1.52
N PHE D 316 31.83 -17.87 1.29
CA PHE D 316 32.18 -19.19 1.82
C PHE D 316 32.03 -20.21 0.69
N SER D 317 32.81 -21.28 0.74
CA SER D 317 32.72 -22.32 -0.28
C SER D 317 31.47 -23.16 -0.04
N GLN D 318 31.18 -24.06 -0.99
CA GLN D 318 30.02 -24.93 -0.85
C GLN D 318 30.23 -25.94 0.27
N SER D 319 31.46 -26.05 0.76
CA SER D 319 31.74 -26.99 1.86
C SER D 319 31.63 -26.23 3.19
N GLY D 320 31.27 -24.95 3.10
CA GLY D 320 31.14 -24.15 4.31
C GLY D 320 32.44 -23.53 4.80
N GLN D 321 33.46 -23.47 3.94
CA GLN D 321 34.74 -22.89 4.34
C GLN D 321 34.86 -21.44 3.93
N ALA D 322 35.25 -20.60 4.87
CA ALA D 322 35.42 -19.17 4.61
C ALA D 322 36.44 -18.95 3.51
N LEU D 323 36.08 -18.10 2.55
CA LEU D 323 36.98 -17.76 1.44
C LEU D 323 37.99 -16.70 1.88
N SER D 324 39.04 -16.55 1.09
CA SER D 324 40.09 -15.59 1.41
C SER D 324 39.55 -14.16 1.51
N SER D 325 38.43 -13.88 0.85
CA SER D 325 37.86 -12.55 0.88
C SER D 325 37.29 -12.12 2.24
N LEU D 326 37.01 -13.08 3.12
CA LEU D 326 36.46 -12.78 4.44
C LEU D 326 37.38 -11.90 5.30
N SER D 327 38.69 -12.00 5.09
CA SER D 327 39.64 -11.22 5.89
C SER D 327 39.62 -9.73 5.55
N VAL D 328 38.88 -9.36 4.52
CA VAL D 328 38.80 -7.97 4.13
C VAL D 328 38.36 -7.09 5.30
N PHE D 329 37.57 -7.66 6.22
CA PHE D 329 37.08 -6.91 7.37
C PHE D 329 38.18 -6.54 8.37
N GLN D 330 39.39 -7.07 8.13
CA GLN D 330 40.53 -6.78 8.99
C GLN D 330 41.24 -5.53 8.48
N ARG D 331 40.86 -5.08 7.28
CA ARG D 331 41.55 -3.95 6.68
C ARG D 331 40.72 -2.73 6.32
N ILE D 332 39.53 -2.60 6.92
CA ILE D 332 38.68 -1.44 6.64
C ILE D 332 38.22 -0.73 7.91
C1 NAG E . -33.43 23.13 -24.24
C2 NAG E . -34.34 22.63 -25.37
C3 NAG E . -34.73 23.78 -26.30
C4 NAG E . -35.24 24.99 -25.51
C5 NAG E . -34.25 25.35 -24.39
C6 NAG E . -34.74 26.50 -23.52
C7 NAG E . -34.06 20.36 -26.14
C8 NAG E . -33.51 19.44 -27.23
N2 NAG E . -33.63 21.61 -26.13
O3 NAG E . -35.73 23.34 -27.20
O4 NAG E . -35.40 26.10 -26.39
O5 NAG E . -34.05 24.22 -23.54
O6 NAG E . -35.82 26.10 -22.71
O7 NAG E . -34.87 19.92 -25.33
S SO4 F . -28.43 5.41 22.15
O1 SO4 F . -27.34 5.98 21.10
O2 SO4 F . -27.91 5.75 23.45
O3 SO4 F . -29.60 5.93 21.91
O4 SO4 F . -28.33 3.97 21.96
S SO4 G . -14.89 15.73 8.67
O1 SO4 G . -14.66 17.29 9.00
O2 SO4 G . -16.19 15.65 8.06
O3 SO4 G . -13.92 15.29 7.89
O4 SO4 G . -14.94 15.13 9.97
S SO4 H . -37.22 15.05 -18.98
O1 SO4 H . -37.97 16.11 -19.96
O2 SO4 H . -38.12 14.92 -17.84
O3 SO4 H . -37.02 13.92 -19.60
O4 SO4 H . -36.05 15.76 -18.56
C TRS I . -23.12 -0.45 -10.17
C1 TRS I . -23.62 0.97 -10.45
C2 TRS I . -23.62 -1.46 -11.19
C3 TRS I . -23.58 -0.88 -8.76
N TRS I . -21.63 -0.53 -10.33
O1 TRS I . -23.41 1.81 -9.29
O2 TRS I . -25.03 -1.43 -11.12
O3 TRS I . -24.32 -2.10 -8.69
C1 PEG J . -25.51 23.99 -25.30
O1 PEG J . -25.76 23.02 -26.32
C2 PEG J . -24.21 23.78 -24.48
O2 PEG J . -23.32 24.91 -24.32
C3 PEG J . -21.92 24.84 -23.87
C4 PEG J . -21.51 25.96 -22.92
O4 PEG J . -20.22 26.49 -23.34
C1 NAG K . -5.17 -35.65 11.66
C2 NAG K . -5.65 -36.85 10.86
C3 NAG K . -4.58 -37.32 9.87
C4 NAG K . -4.03 -36.15 9.04
C5 NAG K . -3.62 -35.00 9.97
C6 NAG K . -3.14 -33.77 9.23
C7 NAG K . -7.20 -38.38 11.91
C8 NAG K . -7.40 -39.73 12.59
N2 NAG K . -5.96 -37.94 11.78
O3 NAG K . -5.13 -38.30 8.99
O4 NAG K . -2.91 -36.57 8.29
O5 NAG K . -4.74 -34.60 10.78
O6 NAG K . -4.22 -33.13 8.55
O7 NAG K . -8.19 -37.76 11.51
S SO4 L . -13.04 -7.87 37.13
O1 SO4 L . -11.73 -7.01 36.73
O2 SO4 L . -13.52 -8.44 35.88
O3 SO4 L . -12.74 -8.78 38.01
O4 SO4 L . -13.97 -6.85 37.56
S SO4 M . -15.26 -33.46 12.55
O1 SO4 M . -14.40 -34.00 11.27
O2 SO4 M . -16.12 -32.43 12.01
O3 SO4 M . -15.93 -34.46 13.09
O4 SO4 M . -14.26 -32.87 13.39
C1 PEG N . -0.60 -36.53 18.23
O1 PEG N . -1.16 -37.84 18.22
C2 PEG N . -0.41 -35.87 19.61
O2 PEG N . 0.89 -35.30 19.92
C3 PEG N . 1.38 -34.99 21.27
C4 PEG N . 2.20 -33.71 21.36
O4 PEG N . 3.34 -33.93 22.23
C1 NAG O . 5.39 47.08 -30.10
C2 NAG O . 5.89 48.24 -29.21
C3 NAG O . 4.80 49.31 -29.07
C4 NAG O . 4.22 49.71 -30.44
C5 NAG O . 3.81 48.46 -31.22
C6 NAG O . 3.30 48.77 -32.61
C7 NAG O . 7.48 47.74 -27.46
C8 NAG O . 7.70 47.52 -25.97
N2 NAG O . 6.22 47.70 -27.90
O3 NAG O . 5.35 50.46 -28.44
O4 NAG O . 3.10 50.57 -30.25
O5 NAG O . 4.93 47.58 -31.36
O6 NAG O . 4.34 49.22 -33.46
O7 NAG O . 8.44 47.94 -28.20
S SO4 P . 13.16 14.11 -48.39
O1 SO4 P . 11.82 14.20 -49.30
O2 SO4 P . 13.62 15.48 -48.28
O3 SO4 P . 12.88 13.56 -47.25
O4 SO4 P . 14.07 13.38 -49.24
S SO4 Q . 15.46 45.62 -32.09
O1 SO4 Q . 14.59 46.98 -31.96
O2 SO4 Q . 16.30 45.80 -33.25
O3 SO4 Q . 16.15 45.42 -30.99
O4 SO4 Q . 14.46 44.62 -32.38
C1 PEG R . 0.90 41.15 -27.06
O1 PEG R . 1.53 41.57 -25.84
C2 PEG R . 0.73 39.62 -27.25
O2 PEG R . -0.57 39.12 -27.66
C3 PEG R . -1.02 37.72 -27.50
C4 PEG R . -1.86 37.20 -28.68
O4 PEG R . -2.97 36.42 -28.15
C1 NAG S . -0.82 -1.42 23.53
C2 NAG S . -2.23 -1.87 23.14
C3 NAG S . -3.26 -1.39 24.17
C4 NAG S . -2.82 -1.72 25.60
C5 NAG S . -1.38 -1.25 25.84
C6 NAG S . -0.84 -1.59 27.21
C7 NAG S . -2.75 -2.14 20.80
C8 NAG S . -3.45 -1.56 19.58
N2 NAG S . -2.56 -1.33 21.83
O3 NAG S . -4.52 -1.99 23.91
O4 NAG S . -3.69 -1.07 26.52
O5 NAG S . -0.52 -1.85 24.86
O6 NAG S . -0.63 -2.99 27.32
O7 NAG S . -2.38 -3.31 20.79
S SO4 T . 42.76 -23.50 13.92
O1 SO4 T . 42.39 -21.92 13.98
O2 SO4 T . 44.18 -23.55 14.20
O3 SO4 T . 42.05 -24.18 14.76
O4 SO4 T . 42.54 -23.81 12.52
S SO4 U . 37.06 -2.42 16.74
O1 SO4 U . 37.43 -1.81 18.20
O2 SO4 U . 35.93 -3.29 16.98
O3 SO4 U . 36.81 -1.45 15.91
O4 SO4 U . 38.22 -3.23 16.43
S SO4 V . 2.29 -9.69 18.12
O1 SO4 V . 1.04 -9.51 19.15
O2 SO4 V . 2.90 -10.96 18.48
O3 SO4 V . 1.85 -9.66 16.88
O4 SO4 V . 3.18 -8.62 18.48
C TRS W . 17.08 -7.58 0.64
C1 TRS W . 17.40 -7.86 2.11
C2 TRS W . 15.62 -7.74 0.25
C3 TRS W . 18.00 -8.51 -0.16
N TRS W . 17.31 -6.11 0.35
O1 TRS W . 16.82 -6.80 2.94
O2 TRS W . 15.22 -9.09 0.50
O3 TRS W . 17.35 -9.34 -1.13
C1 PEG X . 1.86 5.95 21.61
O1 PEG X . 0.88 5.87 20.58
C2 PEG X . 3.20 6.61 21.23
O2 PEG X . 3.71 7.69 22.06
C3 PEG X . 4.71 8.66 21.64
C4 PEG X . 5.74 9.01 22.71
O4 PEG X . 5.94 10.45 22.76
#